data_5N7L
# 
_entry.id   5N7L 
# 
_audit_conform.dict_name       mmcif_pdbx.dic 
_audit_conform.dict_version    5.383 
_audit_conform.dict_location   http://mmcif.pdb.org/dictionaries/ascii/mmcif_pdbx.dic 
# 
loop_
_database_2.database_id 
_database_2.database_code 
_database_2.pdbx_database_accession 
_database_2.pdbx_DOI 
PDB   5N7L         pdb_00005n7l 10.2210/pdb5n7l/pdb 
WWPDB D_1200003616 ?            ?                   
# 
loop_
_pdbx_audit_revision_history.ordinal 
_pdbx_audit_revision_history.data_content_type 
_pdbx_audit_revision_history.major_revision 
_pdbx_audit_revision_history.minor_revision 
_pdbx_audit_revision_history.revision_date 
1 'Structure model' 1 0 2018-03-14 
2 'Structure model' 1 1 2018-11-21 
3 'Structure model' 1 2 2018-11-28 
4 'Structure model' 1 3 2024-01-17 
# 
_pdbx_audit_revision_details.ordinal             1 
_pdbx_audit_revision_details.revision_ordinal    1 
_pdbx_audit_revision_details.data_content_type   'Structure model' 
_pdbx_audit_revision_details.provider            repository 
_pdbx_audit_revision_details.type                'Initial release' 
_pdbx_audit_revision_details.description         ? 
_pdbx_audit_revision_details.details             ? 
# 
loop_
_pdbx_audit_revision_group.ordinal 
_pdbx_audit_revision_group.revision_ordinal 
_pdbx_audit_revision_group.data_content_type 
_pdbx_audit_revision_group.group 
1 2 'Structure model' 'Data collection'        
2 2 'Structure model' 'Database references'    
3 3 'Structure model' 'Data collection'        
4 3 'Structure model' 'Database references'    
5 4 'Structure model' 'Data collection'        
6 4 'Structure model' 'Database references'    
7 4 'Structure model' 'Refinement description' 
# 
loop_
_pdbx_audit_revision_category.ordinal 
_pdbx_audit_revision_category.revision_ordinal 
_pdbx_audit_revision_category.data_content_type 
_pdbx_audit_revision_category.category 
1 2 'Structure model' citation                      
2 2 'Structure model' citation_author               
3 3 'Structure model' citation                      
4 3 'Structure model' pdbx_database_proc            
5 3 'Structure model' pdbx_seq_map_depositor_info   
6 4 'Structure model' chem_comp_atom                
7 4 'Structure model' chem_comp_bond                
8 4 'Structure model' database_2                    
9 4 'Structure model' pdbx_initial_refinement_model 
# 
loop_
_pdbx_audit_revision_item.ordinal 
_pdbx_audit_revision_item.revision_ordinal 
_pdbx_audit_revision_item.data_content_type 
_pdbx_audit_revision_item.item 
1  2 'Structure model' '_citation.country'                                
2  2 'Structure model' '_citation.journal_abbrev'                         
3  2 'Structure model' '_citation.journal_id_CSD'                         
4  2 'Structure model' '_citation.journal_id_ISSN'                        
5  2 'Structure model' '_citation.pdbx_database_id_DOI'                   
6  2 'Structure model' '_citation.title'                                  
7  2 'Structure model' '_citation.year'                                   
8  3 'Structure model' '_citation.journal_volume'                         
9  3 'Structure model' '_citation.page_first'                             
10 3 'Structure model' '_citation.page_last'                              
11 3 'Structure model' '_citation.pdbx_database_id_PubMed'                
12 3 'Structure model' '_citation.title'                                  
13 3 'Structure model' '_pdbx_seq_map_depositor_info.one_letter_code'     
14 3 'Structure model' '_pdbx_seq_map_depositor_info.one_letter_code_mod' 
15 4 'Structure model' '_database_2.pdbx_DOI'                             
16 4 'Structure model' '_database_2.pdbx_database_accession'              
# 
_pdbx_database_status.status_code                     REL 
_pdbx_database_status.status_code_sf                  REL 
_pdbx_database_status.status_code_mr                  ? 
_pdbx_database_status.entry_id                        5N7L 
_pdbx_database_status.recvd_initial_deposition_date   2017-02-20 
_pdbx_database_status.SG_entry                        N 
_pdbx_database_status.deposit_site                    PDBE 
_pdbx_database_status.process_site                    PDBE 
_pdbx_database_status.status_code_cs                  ? 
_pdbx_database_status.methods_development_category    ? 
_pdbx_database_status.pdb_format_compatible           Y 
_pdbx_database_status.status_code_nmr_data            ? 
# 
loop_
_audit_author.name 
_audit_author.pdbx_ordinal 
_audit_author.identifier_ORCID 
'Fulara, A.'     1 ? 
'Savvides, S.N.' 2 ? 
# 
_citation.abstract                  ? 
_citation.abstract_id_CAS           ? 
_citation.book_id_ISBN              ? 
_citation.book_publisher            ? 
_citation.book_publisher_city       ? 
_citation.book_title                ? 
_citation.coordinate_linkage        ? 
_citation.country                   UK 
_citation.database_id_Medline       ? 
_citation.details                   ? 
_citation.id                        primary 
_citation.journal_abbrev            'Sci Rep' 
_citation.journal_id_ASTM           ? 
_citation.journal_id_CSD            ? 
_citation.journal_id_ISSN           2045-2322 
_citation.journal_full              ? 
_citation.journal_issue             ? 
_citation.journal_volume            8 
_citation.language                  ? 
_citation.page_first                16760 
_citation.page_last                 16760 
_citation.title                     
'Structure and oligomerization of the periplasmic domain of GspL from the type II secretion system of Pseudomonas aeruginosa.' 
_citation.year                      2018 
_citation.database_id_CSD           ? 
_citation.pdbx_database_id_DOI      10.1038/s41598-018-34956-w 
_citation.pdbx_database_id_PubMed   30425318 
_citation.unpublished_flag          ? 
# 
loop_
_citation_author.citation_id 
_citation_author.name 
_citation_author.ordinal 
_citation_author.identifier_ORCID 
primary 'Fulara, A.'       1 ? 
primary 'Vandenberghe, I.' 2 ? 
primary 'Read, R.J.'       3 ? 
primary 'Devreese, B.'     4 ? 
primary 'Savvides, S.N.'   5 ? 
# 
loop_
_entity.id 
_entity.type 
_entity.src_method 
_entity.pdbx_description 
_entity.formula_weight 
_entity.pdbx_number_of_molecules 
_entity.pdbx_ec 
_entity.pdbx_mutation 
_entity.pdbx_fragment 
_entity.details 
1 polymer     man 'Type II secretion system protein L' 8112.118 1  ? ? 'periplasmic domain' ? 
2 non-polymer syn 'BROMIDE ION'                        79.904   3  ? ? 'Glu- side chains'   ? 
3 non-polymer syn 'GLUTAMIC ACID'                      147.129  3  ? ? ?                    ? 
4 water       nat water                                18.015   12 ? ? ?                    ? 
# 
_entity_name_com.entity_id   1 
_entity_name_com.name        'T2SS protein L,General secretion pathway protein L' 
# 
_entity_poly.entity_id                      1 
_entity_poly.type                           'polypeptide(L)' 
_entity_poly.nstd_linkage                   no 
_entity_poly.nstd_monomer                   no 
_entity_poly.pdbx_seq_one_letter_code       GQLLGLLGQAATVIGGEPTVSVEQLDFSAARGDVALQVRAPGFDVLERLRSRLSESGLAVQLGSASRDGSTVSARLVIGG 
_entity_poly.pdbx_seq_one_letter_code_can   GQLLGLLGQAATVIGGEPTVSVEQLDFSAARGDVALQVRAPGFDVLERLRSRLSESGLAVQLGSASRDGSTVSARLVIGG 
_entity_poly.pdbx_strand_id                 A 
_entity_poly.pdbx_target_identifier         ? 
# 
loop_
_pdbx_entity_nonpoly.entity_id 
_pdbx_entity_nonpoly.name 
_pdbx_entity_nonpoly.comp_id 
2 'BROMIDE ION'   BR  
3 'GLUTAMIC ACID' GLU 
4 water           HOH 
# 
loop_
_entity_poly_seq.entity_id 
_entity_poly_seq.num 
_entity_poly_seq.mon_id 
_entity_poly_seq.hetero 
1 1  GLY n 
1 2  GLN n 
1 3  LEU n 
1 4  LEU n 
1 5  GLY n 
1 6  LEU n 
1 7  LEU n 
1 8  GLY n 
1 9  GLN n 
1 10 ALA n 
1 11 ALA n 
1 12 THR n 
1 13 VAL n 
1 14 ILE n 
1 15 GLY n 
1 16 GLY n 
1 17 GLU n 
1 18 PRO n 
1 19 THR n 
1 20 VAL n 
1 21 SER n 
1 22 VAL n 
1 23 GLU n 
1 24 GLN n 
1 25 LEU n 
1 26 ASP n 
1 27 PHE n 
1 28 SER n 
1 29 ALA n 
1 30 ALA n 
1 31 ARG n 
1 32 GLY n 
1 33 ASP n 
1 34 VAL n 
1 35 ALA n 
1 36 LEU n 
1 37 GLN n 
1 38 VAL n 
1 39 ARG n 
1 40 ALA n 
1 41 PRO n 
1 42 GLY n 
1 43 PHE n 
1 44 ASP n 
1 45 VAL n 
1 46 LEU n 
1 47 GLU n 
1 48 ARG n 
1 49 LEU n 
1 50 ARG n 
1 51 SER n 
1 52 ARG n 
1 53 LEU n 
1 54 SER n 
1 55 GLU n 
1 56 SER n 
1 57 GLY n 
1 58 LEU n 
1 59 ALA n 
1 60 VAL n 
1 61 GLN n 
1 62 LEU n 
1 63 GLY n 
1 64 SER n 
1 65 ALA n 
1 66 SER n 
1 67 ARG n 
1 68 ASP n 
1 69 GLY n 
1 70 SER n 
1 71 THR n 
1 72 VAL n 
1 73 SER n 
1 74 ALA n 
1 75 ARG n 
1 76 LEU n 
1 77 VAL n 
1 78 ILE n 
1 79 GLY n 
1 80 GLY n 
# 
_entity_src_gen.entity_id                          1 
_entity_src_gen.pdbx_src_id                        1 
_entity_src_gen.pdbx_alt_source_flag               sample 
_entity_src_gen.pdbx_seq_type                      'Biological sequence' 
_entity_src_gen.pdbx_beg_seq_num                   1 
_entity_src_gen.pdbx_end_seq_num                   80 
_entity_src_gen.gene_src_common_name               ? 
_entity_src_gen.gene_src_genus                     ? 
_entity_src_gen.pdbx_gene_src_gene                 'xcpY, PA3096' 
_entity_src_gen.gene_src_species                   ? 
_entity_src_gen.gene_src_strain                    ? 
_entity_src_gen.gene_src_tissue                    ? 
_entity_src_gen.gene_src_tissue_fraction           ? 
_entity_src_gen.gene_src_details                   ? 
_entity_src_gen.pdbx_gene_src_fragment             ? 
_entity_src_gen.pdbx_gene_src_scientific_name      'Pseudomonas aeruginosa PAO1' 
_entity_src_gen.pdbx_gene_src_ncbi_taxonomy_id     208964 
_entity_src_gen.pdbx_gene_src_variant              ? 
_entity_src_gen.pdbx_gene_src_cell_line            ? 
_entity_src_gen.pdbx_gene_src_atcc                 ? 
_entity_src_gen.pdbx_gene_src_organ                ? 
_entity_src_gen.pdbx_gene_src_organelle            ? 
_entity_src_gen.pdbx_gene_src_cell                 ? 
_entity_src_gen.pdbx_gene_src_cellular_location    ? 
_entity_src_gen.host_org_common_name               ? 
_entity_src_gen.pdbx_host_org_scientific_name      'Escherichia coli BL21(DE3)' 
_entity_src_gen.pdbx_host_org_ncbi_taxonomy_id     469008 
_entity_src_gen.host_org_genus                     ? 
_entity_src_gen.pdbx_host_org_gene                 ? 
_entity_src_gen.pdbx_host_org_organ                ? 
_entity_src_gen.host_org_species                   ? 
_entity_src_gen.pdbx_host_org_tissue               ? 
_entity_src_gen.pdbx_host_org_tissue_fraction      ? 
_entity_src_gen.pdbx_host_org_strain               ? 
_entity_src_gen.pdbx_host_org_variant              ? 
_entity_src_gen.pdbx_host_org_cell_line            ? 
_entity_src_gen.pdbx_host_org_atcc                 ? 
_entity_src_gen.pdbx_host_org_culture_collection   ? 
_entity_src_gen.pdbx_host_org_cell                 ? 
_entity_src_gen.pdbx_host_org_organelle            ? 
_entity_src_gen.pdbx_host_org_cellular_location    ? 
_entity_src_gen.pdbx_host_org_vector_type          plasmid 
_entity_src_gen.pdbx_host_org_vector               ? 
_entity_src_gen.host_org_details                   ? 
_entity_src_gen.expression_system_id               ? 
_entity_src_gen.plasmid_name                       'pRSF 1b' 
_entity_src_gen.plasmid_details                    ? 
_entity_src_gen.pdbx_description                   ? 
# 
loop_
_chem_comp.id 
_chem_comp.type 
_chem_comp.mon_nstd_flag 
_chem_comp.name 
_chem_comp.pdbx_synonyms 
_chem_comp.formula 
_chem_comp.formula_weight 
ALA 'L-peptide linking' y ALANINE         ? 'C3 H7 N O2'     89.093  
ARG 'L-peptide linking' y ARGININE        ? 'C6 H15 N4 O2 1' 175.209 
ASP 'L-peptide linking' y 'ASPARTIC ACID' ? 'C4 H7 N O4'     133.103 
BR  non-polymer         . 'BROMIDE ION'   ? 'Br -1'          79.904  
GLN 'L-peptide linking' y GLUTAMINE       ? 'C5 H10 N2 O3'   146.144 
GLU 'L-peptide linking' y 'GLUTAMIC ACID' ? 'C5 H9 N O4'     147.129 
GLY 'peptide linking'   y GLYCINE         ? 'C2 H5 N O2'     75.067  
HOH non-polymer         . WATER           ? 'H2 O'           18.015  
ILE 'L-peptide linking' y ISOLEUCINE      ? 'C6 H13 N O2'    131.173 
LEU 'L-peptide linking' y LEUCINE         ? 'C6 H13 N O2'    131.173 
PHE 'L-peptide linking' y PHENYLALANINE   ? 'C9 H11 N O2'    165.189 
PRO 'L-peptide linking' y PROLINE         ? 'C5 H9 N O2'     115.130 
SER 'L-peptide linking' y SERINE          ? 'C3 H7 N O3'     105.093 
THR 'L-peptide linking' y THREONINE       ? 'C4 H9 N O3'     119.119 
VAL 'L-peptide linking' y VALINE          ? 'C5 H11 N O2'    117.146 
# 
loop_
_pdbx_poly_seq_scheme.asym_id 
_pdbx_poly_seq_scheme.entity_id 
_pdbx_poly_seq_scheme.seq_id 
_pdbx_poly_seq_scheme.mon_id 
_pdbx_poly_seq_scheme.ndb_seq_num 
_pdbx_poly_seq_scheme.pdb_seq_num 
_pdbx_poly_seq_scheme.auth_seq_num 
_pdbx_poly_seq_scheme.pdb_mon_id 
_pdbx_poly_seq_scheme.auth_mon_id 
_pdbx_poly_seq_scheme.pdb_strand_id 
_pdbx_poly_seq_scheme.pdb_ins_code 
_pdbx_poly_seq_scheme.hetero 
A 1 1  GLY 1  303 303 GLY GLY A . n 
A 1 2  GLN 2  304 304 GLN GLN A . n 
A 1 3  LEU 3  305 305 LEU LEU A . n 
A 1 4  LEU 4  306 306 LEU LEU A . n 
A 1 5  GLY 5  307 307 GLY GLY A . n 
A 1 6  LEU 6  308 308 LEU LEU A . n 
A 1 7  LEU 7  309 309 LEU LEU A . n 
A 1 8  GLY 8  310 310 GLY GLY A . n 
A 1 9  GLN 9  311 311 GLN GLN A . n 
A 1 10 ALA 10 312 312 ALA ALA A . n 
A 1 11 ALA 11 313 313 ALA ALA A . n 
A 1 12 THR 12 314 314 THR THR A . n 
A 1 13 VAL 13 315 315 VAL VAL A . n 
A 1 14 ILE 14 316 316 ILE ILE A . n 
A 1 15 GLY 15 317 317 GLY GLY A . n 
A 1 16 GLY 16 318 318 GLY GLY A . n 
A 1 17 GLU 17 319 319 GLU GLU A . n 
A 1 18 PRO 18 320 320 PRO PRO A . n 
A 1 19 THR 19 321 321 THR THR A . n 
A 1 20 VAL 20 322 322 VAL VAL A . n 
A 1 21 SER 21 323 323 SER SER A . n 
A 1 22 VAL 22 324 324 VAL VAL A . n 
A 1 23 GLU 23 325 325 GLU GLU A . n 
A 1 24 GLN 24 326 326 GLN GLN A . n 
A 1 25 LEU 25 327 327 LEU LEU A . n 
A 1 26 ASP 26 328 328 ASP ASP A . n 
A 1 27 PHE 27 329 329 PHE PHE A . n 
A 1 28 SER 28 330 330 SER SER A . n 
A 1 29 ALA 29 331 331 ALA ALA A . n 
A 1 30 ALA 30 332 332 ALA ALA A . n 
A 1 31 ARG 31 333 333 ARG ARG A . n 
A 1 32 GLY 32 334 334 GLY GLY A . n 
A 1 33 ASP 33 335 335 ASP ASP A . n 
A 1 34 VAL 34 336 336 VAL VAL A . n 
A 1 35 ALA 35 337 337 ALA ALA A . n 
A 1 36 LEU 36 338 338 LEU LEU A . n 
A 1 37 GLN 37 339 339 GLN GLN A . n 
A 1 38 VAL 38 340 340 VAL VAL A . n 
A 1 39 ARG 39 341 341 ARG ARG A . n 
A 1 40 ALA 40 342 342 ALA ALA A . n 
A 1 41 PRO 41 343 343 PRO PRO A . n 
A 1 42 GLY 42 344 344 GLY GLY A . n 
A 1 43 PHE 43 345 345 PHE PHE A . n 
A 1 44 ASP 44 346 346 ASP ASP A . n 
A 1 45 VAL 45 347 347 VAL VAL A . n 
A 1 46 LEU 46 348 348 LEU LEU A . n 
A 1 47 GLU 47 349 349 GLU GLU A . n 
A 1 48 ARG 48 350 350 ARG ARG A . n 
A 1 49 LEU 49 351 351 LEU LEU A . n 
A 1 50 ARG 50 352 352 ARG ARG A . n 
A 1 51 SER 51 353 353 SER SER A . n 
A 1 52 ARG 52 354 354 ARG ARG A . n 
A 1 53 LEU 53 355 355 LEU LEU A . n 
A 1 54 SER 54 356 356 SER SER A . n 
A 1 55 GLU 55 357 357 GLU GLU A . n 
A 1 56 SER 56 358 358 SER SER A . n 
A 1 57 GLY 57 359 359 GLY GLY A . n 
A 1 58 LEU 58 360 360 LEU LEU A . n 
A 1 59 ALA 59 361 361 ALA ALA A . n 
A 1 60 VAL 60 362 362 VAL VAL A . n 
A 1 61 GLN 61 363 363 GLN GLN A . n 
A 1 62 LEU 62 364 364 LEU LEU A . n 
A 1 63 GLY 63 365 365 GLY GLY A . n 
A 1 64 SER 64 366 366 SER SER A . n 
A 1 65 ALA 65 367 367 ALA ALA A . n 
A 1 66 SER 66 368 368 SER SER A . n 
A 1 67 ARG 67 369 369 ARG ARG A . n 
A 1 68 ASP 68 370 370 ASP ASP A . n 
A 1 69 GLY 69 371 371 GLY GLY A . n 
A 1 70 SER 70 372 372 SER SER A . n 
A 1 71 THR 71 373 373 THR THR A . n 
A 1 72 VAL 72 374 374 VAL VAL A . n 
A 1 73 SER 73 375 375 SER SER A . n 
A 1 74 ALA 74 376 376 ALA ALA A . n 
A 1 75 ARG 75 377 377 ARG ARG A . n 
A 1 76 LEU 76 378 378 LEU LEU A . n 
A 1 77 VAL 77 379 379 VAL VAL A . n 
A 1 78 ILE 78 380 380 ILE ILE A . n 
A 1 79 GLY 79 381 381 GLY GLY A . n 
A 1 80 GLY 80 382 382 GLY GLY A . n 
# 
loop_
_pdbx_nonpoly_scheme.asym_id 
_pdbx_nonpoly_scheme.entity_id 
_pdbx_nonpoly_scheme.mon_id 
_pdbx_nonpoly_scheme.ndb_seq_num 
_pdbx_nonpoly_scheme.pdb_seq_num 
_pdbx_nonpoly_scheme.auth_seq_num 
_pdbx_nonpoly_scheme.pdb_mon_id 
_pdbx_nonpoly_scheme.auth_mon_id 
_pdbx_nonpoly_scheme.pdb_strand_id 
_pdbx_nonpoly_scheme.pdb_ins_code 
B 2 BR  1  401 1  BR  BR  A . 
C 2 BR  1  402 2  BR  BR  A . 
D 2 BR  1  403 3  BR  BR  A . 
E 3 GLU 1  404 1  GLU GLU A . 
F 3 GLU 1  405 2  GLU GLU A . 
G 3 GLU 1  406 3  GLU GLU A . 
H 4 HOH 1  501 7  HOH HOH A . 
H 4 HOH 2  502 11 HOH HOH A . 
H 4 HOH 3  503 5  HOH HOH A . 
H 4 HOH 4  504 10 HOH HOH A . 
H 4 HOH 5  505 12 HOH HOH A . 
H 4 HOH 6  506 4  HOH HOH A . 
H 4 HOH 7  507 2  HOH HOH A . 
H 4 HOH 8  508 8  HOH HOH A . 
H 4 HOH 9  509 3  HOH HOH A . 
H 4 HOH 10 510 1  HOH HOH A . 
H 4 HOH 11 511 6  HOH HOH A . 
H 4 HOH 12 512 9  HOH HOH A . 
# 
loop_
_pdbx_unobs_or_zero_occ_atoms.id 
_pdbx_unobs_or_zero_occ_atoms.PDB_model_num 
_pdbx_unobs_or_zero_occ_atoms.polymer_flag 
_pdbx_unobs_or_zero_occ_atoms.occupancy_flag 
_pdbx_unobs_or_zero_occ_atoms.auth_asym_id 
_pdbx_unobs_or_zero_occ_atoms.auth_comp_id 
_pdbx_unobs_or_zero_occ_atoms.auth_seq_id 
_pdbx_unobs_or_zero_occ_atoms.PDB_ins_code 
_pdbx_unobs_or_zero_occ_atoms.auth_atom_id 
_pdbx_unobs_or_zero_occ_atoms.label_alt_id 
_pdbx_unobs_or_zero_occ_atoms.label_asym_id 
_pdbx_unobs_or_zero_occ_atoms.label_comp_id 
_pdbx_unobs_or_zero_occ_atoms.label_seq_id 
_pdbx_unobs_or_zero_occ_atoms.label_atom_id 
1  1 N 1 A GLU 404 ? N   ? E GLU 1 N   
2  1 N 1 A GLU 404 ? CA  ? E GLU 1 CA  
3  1 N 1 A GLU 404 ? C   ? E GLU 1 C   
4  1 N 1 A GLU 404 ? O   ? E GLU 1 O   
5  1 N 1 A GLU 404 ? OXT ? E GLU 1 OXT 
6  1 N 1 A GLU 405 ? N   ? F GLU 1 N   
7  1 N 1 A GLU 405 ? C   ? F GLU 1 C   
8  1 N 1 A GLU 405 ? O   ? F GLU 1 O   
9  1 N 1 A GLU 405 ? OXT ? F GLU 1 OXT 
10 1 N 1 A GLU 406 ? N   ? G GLU 1 N   
11 1 N 1 A GLU 406 ? CA  ? G GLU 1 CA  
12 1 N 1 A GLU 406 ? C   ? G GLU 1 C   
13 1 N 1 A GLU 406 ? O   ? G GLU 1 O   
14 1 N 1 A GLU 406 ? OXT ? G GLU 1 OXT 
# 
loop_
_software.citation_id 
_software.classification 
_software.compiler_name 
_software.compiler_version 
_software.contact_author 
_software.contact_author_email 
_software.date 
_software.description 
_software.dependencies 
_software.hardware 
_software.language 
_software.location 
_software.mods 
_software.name 
_software.os 
_software.os_version 
_software.type 
_software.version 
_software.pdbx_ordinal 
? 'model building'  ? ? ? ? ? ? ? ? ? ? ? PHENIX      ? ? ? 1.11.1      1 
? refinement        ? ? ? ? ? ? ? ? ? ? ? PHENIX      ? ? ? 1.11.1_2575 2 
? 'data extraction' ? ? ? ? ? ? ? ? ? ? ? PDB_EXTRACT ? ? ? 3.22        3 
? 'data reduction'  ? ? ? ? ? ? ? ? ? ? ? XDS         ? ? ? .           4 
? phasing           ? ? ? ? ? ? ? ? ? ? ? PHASER      ? ? ? .           5 
? 'data scaling'    ? ? ? ? ? ? ? ? ? ? ? XDS         ? ? ? .           6 
# 
_cell.angle_alpha                  90.000 
_cell.angle_alpha_esd              ? 
_cell.angle_beta                   90.000 
_cell.angle_beta_esd               ? 
_cell.angle_gamma                  90.000 
_cell.angle_gamma_esd              ? 
_cell.entry_id                     5N7L 
_cell.details                      ? 
_cell.formula_units_Z              ? 
_cell.length_a                     100.439 
_cell.length_a_esd                 ? 
_cell.length_b                     100.439 
_cell.length_b_esd                 ? 
_cell.length_c                     98.848 
_cell.length_c_esd                 ? 
_cell.volume                       ? 
_cell.volume_esd                   ? 
_cell.Z_PDB                        16 
_cell.reciprocal_angle_alpha       ? 
_cell.reciprocal_angle_beta        ? 
_cell.reciprocal_angle_gamma       ? 
_cell.reciprocal_angle_alpha_esd   ? 
_cell.reciprocal_angle_beta_esd    ? 
_cell.reciprocal_angle_gamma_esd   ? 
_cell.reciprocal_length_a          ? 
_cell.reciprocal_length_b          ? 
_cell.reciprocal_length_c          ? 
_cell.reciprocal_length_a_esd      ? 
_cell.reciprocal_length_b_esd      ? 
_cell.reciprocal_length_c_esd      ? 
_cell.pdbx_unique_axis             ? 
# 
_symmetry.entry_id                         5N7L 
_symmetry.cell_setting                     ? 
_symmetry.Int_Tables_number                98 
_symmetry.space_group_name_Hall            ? 
_symmetry.space_group_name_H-M             'I 41 2 2' 
_symmetry.pdbx_full_space_group_name_H-M   ? 
# 
_exptl.absorpt_coefficient_mu     ? 
_exptl.absorpt_correction_T_max   ? 
_exptl.absorpt_correction_T_min   ? 
_exptl.absorpt_correction_type    ? 
_exptl.absorpt_process_details    ? 
_exptl.entry_id                   5N7L 
_exptl.crystals_number            1 
_exptl.details                    ? 
_exptl.method                     'X-RAY DIFFRACTION' 
_exptl.method_details             ? 
# 
_exptl_crystal.colour                      ? 
_exptl_crystal.density_diffrn              ? 
_exptl_crystal.density_Matthews            6.23 
_exptl_crystal.density_method              ? 
_exptl_crystal.density_percent_sol         80.25 
_exptl_crystal.description                 bipiramide 
_exptl_crystal.F_000                       ? 
_exptl_crystal.id                          1 
_exptl_crystal.preparation                 ? 
_exptl_crystal.size_max                    ? 
_exptl_crystal.size_mid                    ? 
_exptl_crystal.size_min                    ? 
_exptl_crystal.size_rad                    ? 
_exptl_crystal.colour_lustre               ? 
_exptl_crystal.colour_modifier             ? 
_exptl_crystal.colour_primary              ? 
_exptl_crystal.density_meas                ? 
_exptl_crystal.density_meas_esd            ? 
_exptl_crystal.density_meas_gt             ? 
_exptl_crystal.density_meas_lt             ? 
_exptl_crystal.density_meas_temp           ? 
_exptl_crystal.density_meas_temp_esd       ? 
_exptl_crystal.density_meas_temp_gt        ? 
_exptl_crystal.density_meas_temp_lt        ? 
_exptl_crystal.pdbx_crystal_image_url      ? 
_exptl_crystal.pdbx_crystal_image_format   ? 
_exptl_crystal.pdbx_mosaicity              ? 
_exptl_crystal.pdbx_mosaicity_esd          ? 
# 
_exptl_crystal_grow.apparatus       ? 
_exptl_crystal_grow.atmosphere      ? 
_exptl_crystal_grow.crystal_id      1 
_exptl_crystal_grow.details         ? 
_exptl_crystal_grow.method          'VAPOR DIFFUSION, SITTING DROP' 
_exptl_crystal_grow.method_ref      ? 
_exptl_crystal_grow.pH              6.5 
_exptl_crystal_grow.pressure        ? 
_exptl_crystal_grow.pressure_esd    ? 
_exptl_crystal_grow.seeding         ? 
_exptl_crystal_grow.seeding_ref     ? 
_exptl_crystal_grow.temp            293 
_exptl_crystal_grow.temp_details    ? 
_exptl_crystal_grow.temp_esd        ? 
_exptl_crystal_grow.time            ? 
_exptl_crystal_grow.pdbx_details    '0.3 M KBr or 0.2 M MgCl2, 0.1 M sodium cacodylate, pH=6.5,  gamma-PGA' 
_exptl_crystal_grow.pdbx_pH_range   ? 
# 
_diffrn.ambient_environment    ? 
_diffrn.ambient_temp           100 
_diffrn.ambient_temp_details   ? 
_diffrn.ambient_temp_esd       ? 
_diffrn.crystal_id             1 
_diffrn.crystal_support        ? 
_diffrn.crystal_treatment      ? 
_diffrn.details                ? 
_diffrn.id                     1 
_diffrn.ambient_pressure       ? 
_diffrn.ambient_pressure_esd   ? 
_diffrn.ambient_pressure_gt    ? 
_diffrn.ambient_pressure_lt    ? 
_diffrn.ambient_temp_gt        ? 
_diffrn.ambient_temp_lt        ? 
# 
_diffrn_detector.details                      ? 
_diffrn_detector.detector                     PIXEL 
_diffrn_detector.diffrn_id                    1 
_diffrn_detector.type                         'DECTRIS EIGER X 9M' 
_diffrn_detector.area_resol_mean              ? 
_diffrn_detector.dtime                        ? 
_diffrn_detector.pdbx_frames_total            ? 
_diffrn_detector.pdbx_collection_time_total   ? 
_diffrn_detector.pdbx_collection_date         2015-01-31 
# 
_diffrn_radiation.collimation                      ? 
_diffrn_radiation.diffrn_id                        1 
_diffrn_radiation.filter_edge                      ? 
_diffrn_radiation.inhomogeneity                    ? 
_diffrn_radiation.monochromator                    ? 
_diffrn_radiation.polarisn_norm                    ? 
_diffrn_radiation.polarisn_ratio                   ? 
_diffrn_radiation.probe                            ? 
_diffrn_radiation.type                             ? 
_diffrn_radiation.xray_symbol                      ? 
_diffrn_radiation.wavelength_id                    1 
_diffrn_radiation.pdbx_monochromatic_or_laue_m_l   M 
_diffrn_radiation.pdbx_wavelength_list             ? 
_diffrn_radiation.pdbx_wavelength                  ? 
_diffrn_radiation.pdbx_diffrn_protocol             'SINGLE WAVELENGTH' 
_diffrn_radiation.pdbx_analyzer                    ? 
_diffrn_radiation.pdbx_scattering_type             x-ray 
# 
_diffrn_radiation_wavelength.id           1 
_diffrn_radiation_wavelength.wavelength   0.9801 
_diffrn_radiation_wavelength.wt           1.0 
# 
_diffrn_source.current                     ? 
_diffrn_source.details                     ? 
_diffrn_source.diffrn_id                   1 
_diffrn_source.power                       ? 
_diffrn_source.size                        ? 
_diffrn_source.source                      SYNCHROTRON 
_diffrn_source.target                      ? 
_diffrn_source.type                        'SOLEIL BEAMLINE PROXIMA 2' 
_diffrn_source.voltage                     ? 
_diffrn_source.take-off_angle              ? 
_diffrn_source.pdbx_wavelength_list        0.9801 
_diffrn_source.pdbx_wavelength             ? 
_diffrn_source.pdbx_synchrotron_beamline   'PROXIMA 2' 
_diffrn_source.pdbx_synchrotron_site       SOLEIL 
# 
_reflns.B_iso_Wilson_estimate            ? 
_reflns.entry_id                         5N7L 
_reflns.data_reduction_details           ? 
_reflns.data_reduction_method            ? 
_reflns.d_resolution_high                2.5 
_reflns.d_resolution_low                 41 
_reflns.details                          ? 
_reflns.limit_h_max                      ? 
_reflns.limit_h_min                      ? 
_reflns.limit_k_max                      ? 
_reflns.limit_k_min                      ? 
_reflns.limit_l_max                      ? 
_reflns.limit_l_min                      ? 
_reflns.number_all                       ? 
_reflns.number_obs                       9039 
_reflns.observed_criterion               ? 
_reflns.observed_criterion_F_max         ? 
_reflns.observed_criterion_F_min         ? 
_reflns.observed_criterion_I_max         ? 
_reflns.observed_criterion_I_min         ? 
_reflns.observed_criterion_sigma_F       ? 
_reflns.observed_criterion_sigma_I       ? 
_reflns.percent_possible_obs             99.7 
_reflns.R_free_details                   ? 
_reflns.Rmerge_F_all                     ? 
_reflns.Rmerge_F_obs                     ? 
_reflns.Friedel_coverage                 ? 
_reflns.number_gt                        ? 
_reflns.threshold_expression             ? 
_reflns.pdbx_redundancy                  12.97 
_reflns.pdbx_Rmerge_I_obs                ? 
_reflns.pdbx_Rmerge_I_all                ? 
_reflns.pdbx_Rsym_value                  ? 
_reflns.pdbx_netI_over_av_sigmaI         ? 
_reflns.pdbx_netI_over_sigmaI            16.56 
_reflns.pdbx_res_netI_over_av_sigmaI_2   ? 
_reflns.pdbx_res_netI_over_sigmaI_2      ? 
_reflns.pdbx_chi_squared                 ? 
_reflns.pdbx_scaling_rejects             ? 
_reflns.pdbx_d_res_high_opt              ? 
_reflns.pdbx_d_res_low_opt               ? 
_reflns.pdbx_d_res_opt_method            ? 
_reflns.phase_calculation_details        ? 
_reflns.pdbx_Rrim_I_all                  0.13 
_reflns.pdbx_Rpim_I_all                  ? 
_reflns.pdbx_d_opt                       ? 
_reflns.pdbx_number_measured_all         ? 
_reflns.pdbx_diffrn_id                   1 
_reflns.pdbx_ordinal                     1 
_reflns.pdbx_CC_half                     ? 
_reflns.pdbx_R_split                     ? 
# 
_reflns_shell.d_res_high                  2.5 
_reflns_shell.d_res_low                   2.65 
_reflns_shell.meanI_over_sigI_all         ? 
_reflns_shell.meanI_over_sigI_obs         ? 
_reflns_shell.number_measured_all         ? 
_reflns_shell.number_measured_obs         ? 
_reflns_shell.number_possible             ? 
_reflns_shell.number_unique_all           ? 
_reflns_shell.number_unique_obs           1419 
_reflns_shell.percent_possible_all        98.5 
_reflns_shell.percent_possible_obs        ? 
_reflns_shell.Rmerge_F_all                ? 
_reflns_shell.Rmerge_F_obs                ? 
_reflns_shell.Rmerge_I_all                ? 
_reflns_shell.Rmerge_I_obs                ? 
_reflns_shell.meanI_over_sigI_gt          ? 
_reflns_shell.meanI_over_uI_all           ? 
_reflns_shell.meanI_over_uI_gt            ? 
_reflns_shell.number_measured_gt          ? 
_reflns_shell.number_unique_gt            ? 
_reflns_shell.percent_possible_gt         ? 
_reflns_shell.Rmerge_F_gt                 ? 
_reflns_shell.Rmerge_I_gt                 ? 
_reflns_shell.pdbx_redundancy             12.02 
_reflns_shell.pdbx_Rsym_value             ? 
_reflns_shell.pdbx_chi_squared            ? 
_reflns_shell.pdbx_netI_over_sigmaI_all   ? 
_reflns_shell.pdbx_netI_over_sigmaI_obs   ? 
_reflns_shell.pdbx_Rrim_I_all             ? 
_reflns_shell.pdbx_Rpim_I_all             ? 
_reflns_shell.pdbx_rejects                ? 
_reflns_shell.pdbx_ordinal                1 
_reflns_shell.pdbx_diffrn_id              1 
_reflns_shell.pdbx_CC_half                ? 
_reflns_shell.pdbx_R_split                ? 
# 
_refine.aniso_B[1][1]                            ? 
_refine.aniso_B[1][2]                            ? 
_refine.aniso_B[1][3]                            ? 
_refine.aniso_B[2][2]                            ? 
_refine.aniso_B[2][3]                            ? 
_refine.aniso_B[3][3]                            ? 
_refine.B_iso_max                                168.830 
_refine.B_iso_mean                               75.5813 
_refine.B_iso_min                                39.500 
_refine.correlation_coeff_Fo_to_Fc               ? 
_refine.correlation_coeff_Fo_to_Fc_free          ? 
_refine.details                                  ? 
_refine.diff_density_max                         ? 
_refine.diff_density_max_esd                     ? 
_refine.diff_density_min                         ? 
_refine.diff_density_min_esd                     ? 
_refine.diff_density_rms                         ? 
_refine.diff_density_rms_esd                     ? 
_refine.entry_id                                 5N7L 
_refine.pdbx_refine_id                           'X-RAY DIFFRACTION' 
_refine.ls_abs_structure_details                 ? 
_refine.ls_abs_structure_Flack                   ? 
_refine.ls_abs_structure_Flack_esd               ? 
_refine.ls_abs_structure_Rogers                  ? 
_refine.ls_abs_structure_Rogers_esd              ? 
_refine.ls_d_res_high                            2.5010 
_refine.ls_d_res_low                             40.8940 
_refine.ls_extinction_coef                       ? 
_refine.ls_extinction_coef_esd                   ? 
_refine.ls_extinction_expression                 ? 
_refine.ls_extinction_method                     ? 
_refine.ls_goodness_of_fit_all                   ? 
_refine.ls_goodness_of_fit_all_esd               ? 
_refine.ls_goodness_of_fit_obs                   ? 
_refine.ls_goodness_of_fit_obs_esd               ? 
_refine.ls_hydrogen_treatment                    ? 
_refine.ls_matrix_type                           ? 
_refine.ls_number_constraints                    ? 
_refine.ls_number_parameters                     ? 
_refine.ls_number_reflns_all                     ? 
_refine.ls_number_reflns_obs                     9018 
_refine.ls_number_reflns_R_free                  902 
_refine.ls_number_reflns_R_work                  ? 
_refine.ls_number_restraints                     ? 
_refine.ls_percent_reflns_obs                    99.6100 
_refine.ls_percent_reflns_R_free                 10.0000 
_refine.ls_R_factor_all                          ? 
_refine.ls_R_factor_obs                          0.2031 
_refine.ls_R_factor_R_free                       0.2204 
_refine.ls_R_factor_R_free_error                 ? 
_refine.ls_R_factor_R_free_error_details         ? 
_refine.ls_R_factor_R_work                       0.2012 
_refine.ls_R_Fsqd_factor_obs                     ? 
_refine.ls_R_I_factor_obs                        ? 
_refine.ls_redundancy_reflns_all                 ? 
_refine.ls_redundancy_reflns_obs                 ? 
_refine.ls_restrained_S_all                      ? 
_refine.ls_restrained_S_obs                      ? 
_refine.ls_shift_over_esd_max                    ? 
_refine.ls_shift_over_esd_mean                   ? 
_refine.ls_structure_factor_coef                 ? 
_refine.ls_weighting_details                     ? 
_refine.ls_weighting_scheme                      ? 
_refine.ls_wR_factor_all                         ? 
_refine.ls_wR_factor_obs                         ? 
_refine.ls_wR_factor_R_free                      ? 
_refine.ls_wR_factor_R_work                      ? 
_refine.occupancy_max                            ? 
_refine.occupancy_min                            ? 
_refine.solvent_model_details                    ? 
_refine.solvent_model_param_bsol                 ? 
_refine.solvent_model_param_ksol                 ? 
_refine.ls_R_factor_gt                           ? 
_refine.ls_goodness_of_fit_gt                    ? 
_refine.ls_goodness_of_fit_ref                   ? 
_refine.ls_shift_over_su_max                     ? 
_refine.ls_shift_over_su_max_lt                  ? 
_refine.ls_shift_over_su_mean                    ? 
_refine.ls_shift_over_su_mean_lt                 ? 
_refine.pdbx_ls_sigma_I                          ? 
_refine.pdbx_ls_sigma_F                          1.350 
_refine.pdbx_ls_sigma_Fsqd                       ? 
_refine.pdbx_data_cutoff_high_absF               ? 
_refine.pdbx_data_cutoff_high_rms_absF           ? 
_refine.pdbx_data_cutoff_low_absF                ? 
_refine.pdbx_isotropic_thermal_model             ? 
_refine.pdbx_ls_cross_valid_method               'FREE R-VALUE' 
_refine.pdbx_method_to_determine_struct          'MOLECULAR REPLACEMENT' 
_refine.pdbx_starting_model                      5N7S 
_refine.pdbx_stereochemistry_target_values       ? 
_refine.pdbx_R_Free_selection_details            random 
_refine.pdbx_stereochem_target_val_spec_case     ? 
_refine.pdbx_overall_ESU_R                       ? 
_refine.pdbx_overall_ESU_R_Free                  ? 
_refine.pdbx_solvent_vdw_probe_radii             1.1100 
_refine.pdbx_solvent_ion_probe_radii             ? 
_refine.pdbx_solvent_shrinkage_radii             0.9000 
_refine.pdbx_real_space_R                        ? 
_refine.pdbx_density_correlation                 ? 
_refine.pdbx_pd_number_of_powder_patterns        ? 
_refine.pdbx_pd_number_of_points                 ? 
_refine.pdbx_pd_meas_number_of_points            ? 
_refine.pdbx_pd_proc_ls_prof_R_factor            ? 
_refine.pdbx_pd_proc_ls_prof_wR_factor           ? 
_refine.pdbx_pd_Marquardt_correlation_coeff      ? 
_refine.pdbx_pd_Fsqrd_R_factor                   ? 
_refine.pdbx_pd_ls_matrix_band_width             ? 
_refine.pdbx_overall_phase_error                 26.7000 
_refine.pdbx_overall_SU_R_free_Cruickshank_DPI   ? 
_refine.pdbx_overall_SU_R_free_Blow_DPI          ? 
_refine.pdbx_overall_SU_R_Blow_DPI               ? 
_refine.pdbx_TLS_residual_ADP_flag               ? 
_refine.pdbx_diffrn_id                           1 
_refine.overall_SU_B                             ? 
_refine.overall_SU_ML                            0.3100 
_refine.overall_SU_R_Cruickshank_DPI             ? 
_refine.overall_SU_R_free                        ? 
_refine.overall_FOM_free_R_set                   ? 
_refine.overall_FOM_work_R_set                   ? 
_refine.pdbx_average_fsc_overall                 ? 
_refine.pdbx_average_fsc_work                    ? 
_refine.pdbx_average_fsc_free                    ? 
# 
_refine_hist.cycle_id                         final 
_refine_hist.pdbx_refine_id                   'X-RAY DIFFRACTION' 
_refine_hist.d_res_high                       2.5010 
_refine_hist.d_res_low                        40.8940 
_refine_hist.pdbx_number_atoms_ligand         19 
_refine_hist.number_atoms_solvent             12 
_refine_hist.number_atoms_total               600 
_refine_hist.pdbx_number_residues_total       80 
_refine_hist.pdbx_B_iso_mean_ligand           105.04 
_refine_hist.pdbx_B_iso_mean_solvent          65.58 
_refine_hist.pdbx_number_atoms_protein        569 
_refine_hist.pdbx_number_atoms_nucleic_acid   0 
# 
loop_
_refine_ls_restr.pdbx_refine_id 
_refine_ls_restr.criterion 
_refine_ls_restr.dev_ideal 
_refine_ls_restr.dev_ideal_target 
_refine_ls_restr.number 
_refine_ls_restr.rejects 
_refine_ls_restr.type 
_refine_ls_restr.weight 
_refine_ls_restr.pdbx_restraint_function 
'X-RAY DIFFRACTION' ? 0.004 ? 611 ? f_bond_d           ? ? 
'X-RAY DIFFRACTION' ? 0.805 ? 825 ? f_angle_d          ? ? 
'X-RAY DIFFRACTION' ? 0.047 ? 99  ? f_chiral_restr     ? ? 
'X-RAY DIFFRACTION' ? 0.005 ? 112 ? f_plane_restr      ? ? 
'X-RAY DIFFRACTION' ? 2.159 ? 483 ? f_dihedral_angle_d ? ? 
# 
loop_
_refine_ls_shell.pdbx_refine_id 
_refine_ls_shell.d_res_high 
_refine_ls_shell.d_res_low 
_refine_ls_shell.number_reflns_all 
_refine_ls_shell.number_reflns_obs 
_refine_ls_shell.number_reflns_R_free 
_refine_ls_shell.number_reflns_R_work 
_refine_ls_shell.percent_reflns_obs 
_refine_ls_shell.percent_reflns_R_free 
_refine_ls_shell.R_factor_all 
_refine_ls_shell.R_factor_obs 
_refine_ls_shell.R_factor_R_free 
_refine_ls_shell.R_factor_R_free_error 
_refine_ls_shell.R_factor_R_work 
_refine_ls_shell.redundancy_reflns_all 
_refine_ls_shell.redundancy_reflns_obs 
_refine_ls_shell.wR_factor_all 
_refine_ls_shell.wR_factor_obs 
_refine_ls_shell.wR_factor_R_free 
_refine_ls_shell.wR_factor_R_work 
_refine_ls_shell.pdbx_total_number_of_bins_used 
_refine_ls_shell.pdbx_phase_error 
_refine_ls_shell.pdbx_fsc_work 
_refine_ls_shell.pdbx_fsc_free 
'X-RAY DIFFRACTION' 2.5006 2.6573  1443 . 143 1300 98.0000  . . . 0.3603 0.0000 0.3449 . . . . . . 6 . . . 
'X-RAY DIFFRACTION' 2.6573 2.8624  1478 . 148 1330 100.0000 . . . 0.3238 0.0000 0.2994 . . . . . . 6 . . . 
'X-RAY DIFFRACTION' 2.8624 3.1503  1492 . 150 1342 100.0000 . . . 0.2683 0.0000 0.2615 . . . . . . 6 . . . 
'X-RAY DIFFRACTION' 3.1503 3.6060  1497 . 149 1348 100.0000 . . . 0.2454 0.0000 0.1967 . . . . . . 6 . . . 
'X-RAY DIFFRACTION' 3.6060 4.5422  1509 . 152 1357 100.0000 . . . 0.1979 0.0000 0.1688 . . . . . . 6 . . . 
'X-RAY DIFFRACTION' 4.5422 40.8991 1599 . 160 1439 100.0000 . . . 0.1801 0.0000 0.1769 . . . . . . 6 . . . 
# 
_struct.entry_id                     5N7L 
_struct.title                        'Crystal structure of the periplasmic domain of XcpY, tI crystal form.' 
_struct.pdbx_model_details           ? 
_struct.pdbx_formula_weight          ? 
_struct.pdbx_formula_weight_method   ? 
_struct.pdbx_model_type_details      ? 
_struct.pdbx_CASP_flag               N 
# 
_struct_keywords.entry_id        5N7L 
_struct_keywords.text            'periplasm, ferrodoxin fold, GspL protein, protein transport' 
_struct_keywords.pdbx_keywords   'PROTEIN TRANSPORT' 
# 
loop_
_struct_asym.id 
_struct_asym.pdbx_blank_PDB_chainid_flag 
_struct_asym.pdbx_modified 
_struct_asym.entity_id 
_struct_asym.details 
A N N 1 ? 
B N N 2 ? 
C N N 2 ? 
D N N 2 ? 
E N N 3 ? 
F N N 3 ? 
G N N 3 ? 
H N N 4 ? 
# 
_struct_ref.id                         1 
_struct_ref.db_name                    UNP 
_struct_ref.db_code                    GSPL_PSEAE 
_struct_ref.pdbx_db_accession          P25060 
_struct_ref.pdbx_db_isoform            ? 
_struct_ref.entity_id                  1 
_struct_ref.pdbx_seq_one_letter_code   
;GQLLGLLGQAATVIGGEPTVSVEQLDFSAARGDVALQVRAPGFDVLERLRSRLSESGLAVQLGSASRDGSTVSARLVIGG

;
_struct_ref.pdbx_align_begin           303 
# 
_struct_ref_seq.align_id                      1 
_struct_ref_seq.ref_id                        1 
_struct_ref_seq.pdbx_PDB_id_code              5N7L 
_struct_ref_seq.pdbx_strand_id                A 
_struct_ref_seq.seq_align_beg                 1 
_struct_ref_seq.pdbx_seq_align_beg_ins_code   ? 
_struct_ref_seq.seq_align_end                 80 
_struct_ref_seq.pdbx_seq_align_end_ins_code   ? 
_struct_ref_seq.pdbx_db_accession             P25060 
_struct_ref_seq.db_align_beg                  303 
_struct_ref_seq.pdbx_db_align_beg_ins_code    ? 
_struct_ref_seq.db_align_end                  382 
_struct_ref_seq.pdbx_db_align_end_ins_code    ? 
_struct_ref_seq.pdbx_auth_seq_align_beg       303 
_struct_ref_seq.pdbx_auth_seq_align_end       382 
# 
_pdbx_struct_assembly.id                   1 
_pdbx_struct_assembly.details              author_and_software_defined_assembly 
_pdbx_struct_assembly.method_details       PISA 
_pdbx_struct_assembly.oligomeric_details   dimeric 
_pdbx_struct_assembly.oligomeric_count     2 
# 
loop_
_pdbx_struct_assembly_prop.biol_id 
_pdbx_struct_assembly_prop.type 
_pdbx_struct_assembly_prop.value 
_pdbx_struct_assembly_prop.details 
1 'ABSA (A^2)' 1640 ? 
1 MORE         -14  ? 
1 'SSA (A^2)'  8000 ? 
# 
_pdbx_struct_assembly_gen.assembly_id       1 
_pdbx_struct_assembly_gen.oper_expression   1,2 
_pdbx_struct_assembly_gen.asym_id_list      A,B,C,D,E,F,G,H 
# 
loop_
_pdbx_struct_oper_list.id 
_pdbx_struct_oper_list.type 
_pdbx_struct_oper_list.name 
_pdbx_struct_oper_list.symmetry_operation 
_pdbx_struct_oper_list.matrix[1][1] 
_pdbx_struct_oper_list.matrix[1][2] 
_pdbx_struct_oper_list.matrix[1][3] 
_pdbx_struct_oper_list.vector[1] 
_pdbx_struct_oper_list.matrix[2][1] 
_pdbx_struct_oper_list.matrix[2][2] 
_pdbx_struct_oper_list.matrix[2][3] 
_pdbx_struct_oper_list.vector[2] 
_pdbx_struct_oper_list.matrix[3][1] 
_pdbx_struct_oper_list.matrix[3][2] 
_pdbx_struct_oper_list.matrix[3][3] 
_pdbx_struct_oper_list.vector[3] 
1 'identity operation'         1_555 x,y,z           1.0000000000  0.0000000000  0.0000000000  0.0000000000 0.0000000000  1.0000000000 0.0000000000 0.0000000000  0.0000000000  0.0000000000 1.0000000000  0.0000000000   
2 'crystal symmetry operation' 5_554 -x+1/2,y,-z-1/4 -0.9996947469 -0.0179198251 -0.0170086099 7.3469235551 -0.0179198251 0.0519800556 0.9984873328 14.3970999431 -0.0170086099 0.9984873328 -0.0522853087 -15.0365517130 
# 
loop_
_struct_conf.conf_type_id 
_struct_conf.id 
_struct_conf.pdbx_PDB_helix_id 
_struct_conf.beg_label_comp_id 
_struct_conf.beg_label_asym_id 
_struct_conf.beg_label_seq_id 
_struct_conf.pdbx_beg_PDB_ins_code 
_struct_conf.end_label_comp_id 
_struct_conf.end_label_asym_id 
_struct_conf.end_label_seq_id 
_struct_conf.pdbx_end_PDB_ins_code 
_struct_conf.beg_auth_comp_id 
_struct_conf.beg_auth_asym_id 
_struct_conf.beg_auth_seq_id 
_struct_conf.end_auth_comp_id 
_struct_conf.end_auth_asym_id 
_struct_conf.end_auth_seq_id 
_struct_conf.pdbx_PDB_helix_class 
_struct_conf.details 
_struct_conf.pdbx_PDB_helix_length 
HELX_P HELX_P1 AA1 GLN A 2  ? GLY A 16 ? GLN A 304 GLY A 318 1 ? 15 
HELX_P HELX_P2 AA2 GLY A 42 ? SER A 56 ? GLY A 344 SER A 358 1 ? 15 
# 
_struct_conf_type.id          HELX_P 
_struct_conf_type.criteria    ? 
_struct_conf_type.reference   ? 
# 
_struct_sheet.id               AA1 
_struct_sheet.type             ? 
_struct_sheet.number_strands   4 
_struct_sheet.details          ? 
# 
loop_
_struct_sheet_order.sheet_id 
_struct_sheet_order.range_id_1 
_struct_sheet_order.range_id_2 
_struct_sheet_order.offset 
_struct_sheet_order.sense 
AA1 1 2 ? anti-parallel 
AA1 2 3 ? anti-parallel 
AA1 3 4 ? anti-parallel 
# 
loop_
_struct_sheet_range.sheet_id 
_struct_sheet_range.id 
_struct_sheet_range.beg_label_comp_id 
_struct_sheet_range.beg_label_asym_id 
_struct_sheet_range.beg_label_seq_id 
_struct_sheet_range.pdbx_beg_PDB_ins_code 
_struct_sheet_range.end_label_comp_id 
_struct_sheet_range.end_label_asym_id 
_struct_sheet_range.end_label_seq_id 
_struct_sheet_range.pdbx_end_PDB_ins_code 
_struct_sheet_range.beg_auth_comp_id 
_struct_sheet_range.beg_auth_asym_id 
_struct_sheet_range.beg_auth_seq_id 
_struct_sheet_range.end_auth_comp_id 
_struct_sheet_range.end_auth_asym_id 
_struct_sheet_range.end_auth_seq_id 
AA1 1 SER A 21 ? SER A 28 ? SER A 323 SER A 330 
AA1 2 ASP A 33 ? ALA A 40 ? ASP A 335 ALA A 342 
AA1 3 THR A 71 ? ILE A 78 ? THR A 373 ILE A 380 
AA1 4 VAL A 60 ? ASP A 68 ? VAL A 362 ASP A 370 
# 
loop_
_pdbx_struct_sheet_hbond.sheet_id 
_pdbx_struct_sheet_hbond.range_id_1 
_pdbx_struct_sheet_hbond.range_id_2 
_pdbx_struct_sheet_hbond.range_1_label_atom_id 
_pdbx_struct_sheet_hbond.range_1_label_comp_id 
_pdbx_struct_sheet_hbond.range_1_label_asym_id 
_pdbx_struct_sheet_hbond.range_1_label_seq_id 
_pdbx_struct_sheet_hbond.range_1_PDB_ins_code 
_pdbx_struct_sheet_hbond.range_1_auth_atom_id 
_pdbx_struct_sheet_hbond.range_1_auth_comp_id 
_pdbx_struct_sheet_hbond.range_1_auth_asym_id 
_pdbx_struct_sheet_hbond.range_1_auth_seq_id 
_pdbx_struct_sheet_hbond.range_2_label_atom_id 
_pdbx_struct_sheet_hbond.range_2_label_comp_id 
_pdbx_struct_sheet_hbond.range_2_label_asym_id 
_pdbx_struct_sheet_hbond.range_2_label_seq_id 
_pdbx_struct_sheet_hbond.range_2_PDB_ins_code 
_pdbx_struct_sheet_hbond.range_2_auth_atom_id 
_pdbx_struct_sheet_hbond.range_2_auth_comp_id 
_pdbx_struct_sheet_hbond.range_2_auth_asym_id 
_pdbx_struct_sheet_hbond.range_2_auth_seq_id 
AA1 1 2 N SER A 21 ? N SER A 323 O ARG A 39 ? O ARG A 341 
AA1 2 3 N ALA A 40 ? N ALA A 342 O VAL A 72 ? O VAL A 374 
AA1 3 4 O ARG A 75 ? O ARG A 377 N GLY A 63 ? N GLY A 365 
# 
loop_
_struct_site.id 
_struct_site.pdbx_evidence_code 
_struct_site.pdbx_auth_asym_id 
_struct_site.pdbx_auth_comp_id 
_struct_site.pdbx_auth_seq_id 
_struct_site.pdbx_auth_ins_code 
_struct_site.pdbx_num_residues 
_struct_site.details 
AC1 Software A BR  401 ? 1 'binding site for residue BR A 401'  
AC2 Software A BR  402 ? 2 'binding site for residue BR A 402'  
AC3 Software A BR  403 ? 2 'binding site for residue BR A 403'  
AC4 Software A GLU 404 ? 6 'binding site for residue GLU A 404' 
AC5 Software A GLU 405 ? 4 'binding site for residue GLU A 405' 
AC6 Software A GLU 406 ? 5 'binding site for residue GLU A 406' 
# 
loop_
_struct_site_gen.id 
_struct_site_gen.site_id 
_struct_site_gen.pdbx_num_res 
_struct_site_gen.label_comp_id 
_struct_site_gen.label_asym_id 
_struct_site_gen.label_seq_id 
_struct_site_gen.pdbx_auth_ins_code 
_struct_site_gen.auth_comp_id 
_struct_site_gen.auth_asym_id 
_struct_site_gen.auth_seq_id 
_struct_site_gen.label_atom_id 
_struct_site_gen.label_alt_id 
_struct_site_gen.symmetry 
_struct_site_gen.details 
1  AC1 1 VAL A 22 ? VAL A 324 . ? 1_555  ? 
2  AC2 2 LEU A 6  ? LEU A 308 . ? 1_555  ? 
3  AC2 2 ALA A 59 ? ALA A 361 . ? 1_555  ? 
4  AC3 2 PHE A 43 ? PHE A 345 . ? 10_555 ? 
5  AC3 2 PHE A 43 ? PHE A 345 . ? 1_555  ? 
6  AC4 6 GLN A 61 ? GLN A 363 . ? 1_555  ? 
7  AC4 6 GLY A 63 ? GLY A 365 . ? 1_555  ? 
8  AC4 6 SER A 64 ? SER A 366 . ? 1_555  ? 
9  AC4 6 ARG A 75 ? ARG A 377 . ? 1_555  ? 
10 AC4 6 VAL A 77 ? VAL A 379 . ? 1_555  ? 
11 AC4 6 HOH H .  ? HOH A 505 . ? 1_555  ? 
12 AC5 4 PRO A 18 ? PRO A 320 . ? 1_555  ? 
13 AC5 4 THR A 19 ? THR A 321 . ? 1_555  ? 
14 AC5 4 GLY A 69 ? GLY A 371 . ? 10_555 ? 
15 AC5 4 HOH H .  ? HOH A 501 . ? 1_555  ? 
16 AC6 5 GLN A 61 ? GLN A 363 . ? 15_555 ? 
17 AC6 5 SER A 66 ? SER A 368 . ? 1_555  ? 
18 AC6 5 ARG A 67 ? ARG A 369 . ? 1_555  ? 
19 AC6 5 ASP A 68 ? ASP A 370 . ? 1_555  ? 
20 AC6 5 HOH H .  ? HOH A 505 . ? 15_555 ? 
# 
loop_
_pdbx_struct_special_symmetry.id 
_pdbx_struct_special_symmetry.PDB_model_num 
_pdbx_struct_special_symmetry.auth_asym_id 
_pdbx_struct_special_symmetry.auth_comp_id 
_pdbx_struct_special_symmetry.auth_seq_id 
_pdbx_struct_special_symmetry.PDB_ins_code 
_pdbx_struct_special_symmetry.label_asym_id 
_pdbx_struct_special_symmetry.label_comp_id 
_pdbx_struct_special_symmetry.label_seq_id 
1 1 A BR  403 ? D BR  . 
2 1 A HOH 509 ? H HOH . 
# 
_pdbx_refine_tls.pdbx_refine_id   'X-RAY DIFFRACTION' 
_pdbx_refine_tls.id               1 
_pdbx_refine_tls.details          ? 
_pdbx_refine_tls.method           refined 
_pdbx_refine_tls.origin_x         0.0394 
_pdbx_refine_tls.origin_y         -0.6879 
_pdbx_refine_tls.origin_z         0.2364 
_pdbx_refine_tls.T[1][1]          0.5662 
_pdbx_refine_tls.T[2][2]          0.5097 
_pdbx_refine_tls.T[3][3]          0.4824 
_pdbx_refine_tls.T[1][2]          -0.0401 
_pdbx_refine_tls.T[1][3]          -0.0004 
_pdbx_refine_tls.T[2][3]          0.1053 
_pdbx_refine_tls.L[1][1]          1.4030 
_pdbx_refine_tls.L[2][2]          0.2414 
_pdbx_refine_tls.L[3][3]          1.4110 
_pdbx_refine_tls.L[1][2]          0.5672 
_pdbx_refine_tls.L[1][3]          0.3163 
_pdbx_refine_tls.L[2][3]          0.0121 
_pdbx_refine_tls.S[1][1]          0.0318 
_pdbx_refine_tls.S[2][2]          0.0246 
_pdbx_refine_tls.S[3][3]          0.1618 
_pdbx_refine_tls.S[1][2]          0.3045 
_pdbx_refine_tls.S[1][3]          0.2188 
_pdbx_refine_tls.S[2][3]          -0.0453 
_pdbx_refine_tls.S[2][1]          -0.2556 
_pdbx_refine_tls.S[3][1]          -0.0168 
_pdbx_refine_tls.S[3][2]          0.2240 
# 
loop_
_pdbx_refine_tls_group.pdbx_refine_id 
_pdbx_refine_tls_group.id 
_pdbx_refine_tls_group.refine_tls_id 
_pdbx_refine_tls_group.beg_auth_asym_id 
_pdbx_refine_tls_group.beg_auth_seq_id 
_pdbx_refine_tls_group.end_auth_asym_id 
_pdbx_refine_tls_group.end_auth_seq_id 
_pdbx_refine_tls_group.selection_details 
_pdbx_refine_tls_group.beg_label_asym_id 
_pdbx_refine_tls_group.beg_label_seq_id 
_pdbx_refine_tls_group.end_label_asym_id 
_pdbx_refine_tls_group.end_label_seq_id 
_pdbx_refine_tls_group.selection 
'X-RAY DIFFRACTION' 1 1 B 1   B 3   all ? ? ? ? ? 
'X-RAY DIFFRACTION' 2 1 A 303 A 382 all ? ? ? ? ? 
'X-RAY DIFFRACTION' 3 1 C 1   C 1   all ? ? ? ? ? 
'X-RAY DIFFRACTION' 4 1 C 2   C 3   all ? ? ? ? ? 
'X-RAY DIFFRACTION' 5 1 S 1   S 7   all ? ? ? ? ? 
'X-RAY DIFFRACTION' 6 1 S 8   S 8   all ? ? ? ? ? 
'X-RAY DIFFRACTION' 7 1 S 9   S 12  all ? ? ? ? ? 
# 
_phasing.method   MR 
# 
loop_
_chem_comp_atom.comp_id 
_chem_comp_atom.atom_id 
_chem_comp_atom.type_symbol 
_chem_comp_atom.pdbx_aromatic_flag 
_chem_comp_atom.pdbx_stereo_config 
_chem_comp_atom.pdbx_ordinal 
ALA N    N  N N 1   
ALA CA   C  N S 2   
ALA C    C  N N 3   
ALA O    O  N N 4   
ALA CB   C  N N 5   
ALA OXT  O  N N 6   
ALA H    H  N N 7   
ALA H2   H  N N 8   
ALA HA   H  N N 9   
ALA HB1  H  N N 10  
ALA HB2  H  N N 11  
ALA HB3  H  N N 12  
ALA HXT  H  N N 13  
ARG N    N  N N 14  
ARG CA   C  N S 15  
ARG C    C  N N 16  
ARG O    O  N N 17  
ARG CB   C  N N 18  
ARG CG   C  N N 19  
ARG CD   C  N N 20  
ARG NE   N  N N 21  
ARG CZ   C  N N 22  
ARG NH1  N  N N 23  
ARG NH2  N  N N 24  
ARG OXT  O  N N 25  
ARG H    H  N N 26  
ARG H2   H  N N 27  
ARG HA   H  N N 28  
ARG HB2  H  N N 29  
ARG HB3  H  N N 30  
ARG HG2  H  N N 31  
ARG HG3  H  N N 32  
ARG HD2  H  N N 33  
ARG HD3  H  N N 34  
ARG HE   H  N N 35  
ARG HH11 H  N N 36  
ARG HH12 H  N N 37  
ARG HH21 H  N N 38  
ARG HH22 H  N N 39  
ARG HXT  H  N N 40  
ASP N    N  N N 41  
ASP CA   C  N S 42  
ASP C    C  N N 43  
ASP O    O  N N 44  
ASP CB   C  N N 45  
ASP CG   C  N N 46  
ASP OD1  O  N N 47  
ASP OD2  O  N N 48  
ASP OXT  O  N N 49  
ASP H    H  N N 50  
ASP H2   H  N N 51  
ASP HA   H  N N 52  
ASP HB2  H  N N 53  
ASP HB3  H  N N 54  
ASP HD2  H  N N 55  
ASP HXT  H  N N 56  
BR  BR   BR N N 57  
GLN N    N  N N 58  
GLN CA   C  N S 59  
GLN C    C  N N 60  
GLN O    O  N N 61  
GLN CB   C  N N 62  
GLN CG   C  N N 63  
GLN CD   C  N N 64  
GLN OE1  O  N N 65  
GLN NE2  N  N N 66  
GLN OXT  O  N N 67  
GLN H    H  N N 68  
GLN H2   H  N N 69  
GLN HA   H  N N 70  
GLN HB2  H  N N 71  
GLN HB3  H  N N 72  
GLN HG2  H  N N 73  
GLN HG3  H  N N 74  
GLN HE21 H  N N 75  
GLN HE22 H  N N 76  
GLN HXT  H  N N 77  
GLU N    N  N N 78  
GLU CA   C  N S 79  
GLU C    C  N N 80  
GLU O    O  N N 81  
GLU CB   C  N N 82  
GLU CG   C  N N 83  
GLU CD   C  N N 84  
GLU OE1  O  N N 85  
GLU OE2  O  N N 86  
GLU OXT  O  N N 87  
GLU H    H  N N 88  
GLU H2   H  N N 89  
GLU HA   H  N N 90  
GLU HB2  H  N N 91  
GLU HB3  H  N N 92  
GLU HG2  H  N N 93  
GLU HG3  H  N N 94  
GLU HE2  H  N N 95  
GLU HXT  H  N N 96  
GLY N    N  N N 97  
GLY CA   C  N N 98  
GLY C    C  N N 99  
GLY O    O  N N 100 
GLY OXT  O  N N 101 
GLY H    H  N N 102 
GLY H2   H  N N 103 
GLY HA2  H  N N 104 
GLY HA3  H  N N 105 
GLY HXT  H  N N 106 
HOH O    O  N N 107 
HOH H1   H  N N 108 
HOH H2   H  N N 109 
ILE N    N  N N 110 
ILE CA   C  N S 111 
ILE C    C  N N 112 
ILE O    O  N N 113 
ILE CB   C  N S 114 
ILE CG1  C  N N 115 
ILE CG2  C  N N 116 
ILE CD1  C  N N 117 
ILE OXT  O  N N 118 
ILE H    H  N N 119 
ILE H2   H  N N 120 
ILE HA   H  N N 121 
ILE HB   H  N N 122 
ILE HG12 H  N N 123 
ILE HG13 H  N N 124 
ILE HG21 H  N N 125 
ILE HG22 H  N N 126 
ILE HG23 H  N N 127 
ILE HD11 H  N N 128 
ILE HD12 H  N N 129 
ILE HD13 H  N N 130 
ILE HXT  H  N N 131 
LEU N    N  N N 132 
LEU CA   C  N S 133 
LEU C    C  N N 134 
LEU O    O  N N 135 
LEU CB   C  N N 136 
LEU CG   C  N N 137 
LEU CD1  C  N N 138 
LEU CD2  C  N N 139 
LEU OXT  O  N N 140 
LEU H    H  N N 141 
LEU H2   H  N N 142 
LEU HA   H  N N 143 
LEU HB2  H  N N 144 
LEU HB3  H  N N 145 
LEU HG   H  N N 146 
LEU HD11 H  N N 147 
LEU HD12 H  N N 148 
LEU HD13 H  N N 149 
LEU HD21 H  N N 150 
LEU HD22 H  N N 151 
LEU HD23 H  N N 152 
LEU HXT  H  N N 153 
PHE N    N  N N 154 
PHE CA   C  N S 155 
PHE C    C  N N 156 
PHE O    O  N N 157 
PHE CB   C  N N 158 
PHE CG   C  Y N 159 
PHE CD1  C  Y N 160 
PHE CD2  C  Y N 161 
PHE CE1  C  Y N 162 
PHE CE2  C  Y N 163 
PHE CZ   C  Y N 164 
PHE OXT  O  N N 165 
PHE H    H  N N 166 
PHE H2   H  N N 167 
PHE HA   H  N N 168 
PHE HB2  H  N N 169 
PHE HB3  H  N N 170 
PHE HD1  H  N N 171 
PHE HD2  H  N N 172 
PHE HE1  H  N N 173 
PHE HE2  H  N N 174 
PHE HZ   H  N N 175 
PHE HXT  H  N N 176 
PRO N    N  N N 177 
PRO CA   C  N S 178 
PRO C    C  N N 179 
PRO O    O  N N 180 
PRO CB   C  N N 181 
PRO CG   C  N N 182 
PRO CD   C  N N 183 
PRO OXT  O  N N 184 
PRO H    H  N N 185 
PRO HA   H  N N 186 
PRO HB2  H  N N 187 
PRO HB3  H  N N 188 
PRO HG2  H  N N 189 
PRO HG3  H  N N 190 
PRO HD2  H  N N 191 
PRO HD3  H  N N 192 
PRO HXT  H  N N 193 
SER N    N  N N 194 
SER CA   C  N S 195 
SER C    C  N N 196 
SER O    O  N N 197 
SER CB   C  N N 198 
SER OG   O  N N 199 
SER OXT  O  N N 200 
SER H    H  N N 201 
SER H2   H  N N 202 
SER HA   H  N N 203 
SER HB2  H  N N 204 
SER HB3  H  N N 205 
SER HG   H  N N 206 
SER HXT  H  N N 207 
THR N    N  N N 208 
THR CA   C  N S 209 
THR C    C  N N 210 
THR O    O  N N 211 
THR CB   C  N R 212 
THR OG1  O  N N 213 
THR CG2  C  N N 214 
THR OXT  O  N N 215 
THR H    H  N N 216 
THR H2   H  N N 217 
THR HA   H  N N 218 
THR HB   H  N N 219 
THR HG1  H  N N 220 
THR HG21 H  N N 221 
THR HG22 H  N N 222 
THR HG23 H  N N 223 
THR HXT  H  N N 224 
VAL N    N  N N 225 
VAL CA   C  N S 226 
VAL C    C  N N 227 
VAL O    O  N N 228 
VAL CB   C  N N 229 
VAL CG1  C  N N 230 
VAL CG2  C  N N 231 
VAL OXT  O  N N 232 
VAL H    H  N N 233 
VAL H2   H  N N 234 
VAL HA   H  N N 235 
VAL HB   H  N N 236 
VAL HG11 H  N N 237 
VAL HG12 H  N N 238 
VAL HG13 H  N N 239 
VAL HG21 H  N N 240 
VAL HG22 H  N N 241 
VAL HG23 H  N N 242 
VAL HXT  H  N N 243 
# 
loop_
_chem_comp_bond.comp_id 
_chem_comp_bond.atom_id_1 
_chem_comp_bond.atom_id_2 
_chem_comp_bond.value_order 
_chem_comp_bond.pdbx_aromatic_flag 
_chem_comp_bond.pdbx_stereo_config 
_chem_comp_bond.pdbx_ordinal 
ALA N   CA   sing N N 1   
ALA N   H    sing N N 2   
ALA N   H2   sing N N 3   
ALA CA  C    sing N N 4   
ALA CA  CB   sing N N 5   
ALA CA  HA   sing N N 6   
ALA C   O    doub N N 7   
ALA C   OXT  sing N N 8   
ALA CB  HB1  sing N N 9   
ALA CB  HB2  sing N N 10  
ALA CB  HB3  sing N N 11  
ALA OXT HXT  sing N N 12  
ARG N   CA   sing N N 13  
ARG N   H    sing N N 14  
ARG N   H2   sing N N 15  
ARG CA  C    sing N N 16  
ARG CA  CB   sing N N 17  
ARG CA  HA   sing N N 18  
ARG C   O    doub N N 19  
ARG C   OXT  sing N N 20  
ARG CB  CG   sing N N 21  
ARG CB  HB2  sing N N 22  
ARG CB  HB3  sing N N 23  
ARG CG  CD   sing N N 24  
ARG CG  HG2  sing N N 25  
ARG CG  HG3  sing N N 26  
ARG CD  NE   sing N N 27  
ARG CD  HD2  sing N N 28  
ARG CD  HD3  sing N N 29  
ARG NE  CZ   sing N N 30  
ARG NE  HE   sing N N 31  
ARG CZ  NH1  sing N N 32  
ARG CZ  NH2  doub N N 33  
ARG NH1 HH11 sing N N 34  
ARG NH1 HH12 sing N N 35  
ARG NH2 HH21 sing N N 36  
ARG NH2 HH22 sing N N 37  
ARG OXT HXT  sing N N 38  
ASP N   CA   sing N N 39  
ASP N   H    sing N N 40  
ASP N   H2   sing N N 41  
ASP CA  C    sing N N 42  
ASP CA  CB   sing N N 43  
ASP CA  HA   sing N N 44  
ASP C   O    doub N N 45  
ASP C   OXT  sing N N 46  
ASP CB  CG   sing N N 47  
ASP CB  HB2  sing N N 48  
ASP CB  HB3  sing N N 49  
ASP CG  OD1  doub N N 50  
ASP CG  OD2  sing N N 51  
ASP OD2 HD2  sing N N 52  
ASP OXT HXT  sing N N 53  
GLN N   CA   sing N N 54  
GLN N   H    sing N N 55  
GLN N   H2   sing N N 56  
GLN CA  C    sing N N 57  
GLN CA  CB   sing N N 58  
GLN CA  HA   sing N N 59  
GLN C   O    doub N N 60  
GLN C   OXT  sing N N 61  
GLN CB  CG   sing N N 62  
GLN CB  HB2  sing N N 63  
GLN CB  HB3  sing N N 64  
GLN CG  CD   sing N N 65  
GLN CG  HG2  sing N N 66  
GLN CG  HG3  sing N N 67  
GLN CD  OE1  doub N N 68  
GLN CD  NE2  sing N N 69  
GLN NE2 HE21 sing N N 70  
GLN NE2 HE22 sing N N 71  
GLN OXT HXT  sing N N 72  
GLU N   CA   sing N N 73  
GLU N   H    sing N N 74  
GLU N   H2   sing N N 75  
GLU CA  C    sing N N 76  
GLU CA  CB   sing N N 77  
GLU CA  HA   sing N N 78  
GLU C   O    doub N N 79  
GLU C   OXT  sing N N 80  
GLU CB  CG   sing N N 81  
GLU CB  HB2  sing N N 82  
GLU CB  HB3  sing N N 83  
GLU CG  CD   sing N N 84  
GLU CG  HG2  sing N N 85  
GLU CG  HG3  sing N N 86  
GLU CD  OE1  doub N N 87  
GLU CD  OE2  sing N N 88  
GLU OE2 HE2  sing N N 89  
GLU OXT HXT  sing N N 90  
GLY N   CA   sing N N 91  
GLY N   H    sing N N 92  
GLY N   H2   sing N N 93  
GLY CA  C    sing N N 94  
GLY CA  HA2  sing N N 95  
GLY CA  HA3  sing N N 96  
GLY C   O    doub N N 97  
GLY C   OXT  sing N N 98  
GLY OXT HXT  sing N N 99  
HOH O   H1   sing N N 100 
HOH O   H2   sing N N 101 
ILE N   CA   sing N N 102 
ILE N   H    sing N N 103 
ILE N   H2   sing N N 104 
ILE CA  C    sing N N 105 
ILE CA  CB   sing N N 106 
ILE CA  HA   sing N N 107 
ILE C   O    doub N N 108 
ILE C   OXT  sing N N 109 
ILE CB  CG1  sing N N 110 
ILE CB  CG2  sing N N 111 
ILE CB  HB   sing N N 112 
ILE CG1 CD1  sing N N 113 
ILE CG1 HG12 sing N N 114 
ILE CG1 HG13 sing N N 115 
ILE CG2 HG21 sing N N 116 
ILE CG2 HG22 sing N N 117 
ILE CG2 HG23 sing N N 118 
ILE CD1 HD11 sing N N 119 
ILE CD1 HD12 sing N N 120 
ILE CD1 HD13 sing N N 121 
ILE OXT HXT  sing N N 122 
LEU N   CA   sing N N 123 
LEU N   H    sing N N 124 
LEU N   H2   sing N N 125 
LEU CA  C    sing N N 126 
LEU CA  CB   sing N N 127 
LEU CA  HA   sing N N 128 
LEU C   O    doub N N 129 
LEU C   OXT  sing N N 130 
LEU CB  CG   sing N N 131 
LEU CB  HB2  sing N N 132 
LEU CB  HB3  sing N N 133 
LEU CG  CD1  sing N N 134 
LEU CG  CD2  sing N N 135 
LEU CG  HG   sing N N 136 
LEU CD1 HD11 sing N N 137 
LEU CD1 HD12 sing N N 138 
LEU CD1 HD13 sing N N 139 
LEU CD2 HD21 sing N N 140 
LEU CD2 HD22 sing N N 141 
LEU CD2 HD23 sing N N 142 
LEU OXT HXT  sing N N 143 
PHE N   CA   sing N N 144 
PHE N   H    sing N N 145 
PHE N   H2   sing N N 146 
PHE CA  C    sing N N 147 
PHE CA  CB   sing N N 148 
PHE CA  HA   sing N N 149 
PHE C   O    doub N N 150 
PHE C   OXT  sing N N 151 
PHE CB  CG   sing N N 152 
PHE CB  HB2  sing N N 153 
PHE CB  HB3  sing N N 154 
PHE CG  CD1  doub Y N 155 
PHE CG  CD2  sing Y N 156 
PHE CD1 CE1  sing Y N 157 
PHE CD1 HD1  sing N N 158 
PHE CD2 CE2  doub Y N 159 
PHE CD2 HD2  sing N N 160 
PHE CE1 CZ   doub Y N 161 
PHE CE1 HE1  sing N N 162 
PHE CE2 CZ   sing Y N 163 
PHE CE2 HE2  sing N N 164 
PHE CZ  HZ   sing N N 165 
PHE OXT HXT  sing N N 166 
PRO N   CA   sing N N 167 
PRO N   CD   sing N N 168 
PRO N   H    sing N N 169 
PRO CA  C    sing N N 170 
PRO CA  CB   sing N N 171 
PRO CA  HA   sing N N 172 
PRO C   O    doub N N 173 
PRO C   OXT  sing N N 174 
PRO CB  CG   sing N N 175 
PRO CB  HB2  sing N N 176 
PRO CB  HB3  sing N N 177 
PRO CG  CD   sing N N 178 
PRO CG  HG2  sing N N 179 
PRO CG  HG3  sing N N 180 
PRO CD  HD2  sing N N 181 
PRO CD  HD3  sing N N 182 
PRO OXT HXT  sing N N 183 
SER N   CA   sing N N 184 
SER N   H    sing N N 185 
SER N   H2   sing N N 186 
SER CA  C    sing N N 187 
SER CA  CB   sing N N 188 
SER CA  HA   sing N N 189 
SER C   O    doub N N 190 
SER C   OXT  sing N N 191 
SER CB  OG   sing N N 192 
SER CB  HB2  sing N N 193 
SER CB  HB3  sing N N 194 
SER OG  HG   sing N N 195 
SER OXT HXT  sing N N 196 
THR N   CA   sing N N 197 
THR N   H    sing N N 198 
THR N   H2   sing N N 199 
THR CA  C    sing N N 200 
THR CA  CB   sing N N 201 
THR CA  HA   sing N N 202 
THR C   O    doub N N 203 
THR C   OXT  sing N N 204 
THR CB  OG1  sing N N 205 
THR CB  CG2  sing N N 206 
THR CB  HB   sing N N 207 
THR OG1 HG1  sing N N 208 
THR CG2 HG21 sing N N 209 
THR CG2 HG22 sing N N 210 
THR CG2 HG23 sing N N 211 
THR OXT HXT  sing N N 212 
VAL N   CA   sing N N 213 
VAL N   H    sing N N 214 
VAL N   H2   sing N N 215 
VAL CA  C    sing N N 216 
VAL CA  CB   sing N N 217 
VAL CA  HA   sing N N 218 
VAL C   O    doub N N 219 
VAL C   OXT  sing N N 220 
VAL CB  CG1  sing N N 221 
VAL CB  CG2  sing N N 222 
VAL CB  HB   sing N N 223 
VAL CG1 HG11 sing N N 224 
VAL CG1 HG12 sing N N 225 
VAL CG1 HG13 sing N N 226 
VAL CG2 HG21 sing N N 227 
VAL CG2 HG22 sing N N 228 
VAL CG2 HG23 sing N N 229 
VAL OXT HXT  sing N N 230 
# 
_pdbx_initial_refinement_model.id               1 
_pdbx_initial_refinement_model.entity_id_list   ? 
_pdbx_initial_refinement_model.type             'experimental model' 
_pdbx_initial_refinement_model.source_name      PDB 
_pdbx_initial_refinement_model.accession_code   5N7S 
_pdbx_initial_refinement_model.details          ? 
# 
_atom_sites.entry_id                    5N7L 
_atom_sites.fract_transf_matrix[1][1]   -0.00284140 
_atom_sites.fract_transf_matrix[1][2]   0.00654340 
_atom_sites.fract_transf_matrix[1][3]   -0.00694495 
_atom_sites.fract_transf_matrix[2][1]   0.00012300 
_atom_sites.fract_transf_matrix[2][2]   -0.00722061 
_atom_sites.fract_transf_matrix[2][3]   -0.00685344 
_atom_sites.fract_transf_matrix[3][1]   -0.00969542 
_atom_sites.fract_transf_matrix[3][2]   -0.00207476 
_atom_sites.fract_transf_matrix[3][3]   0.00201191 
_atom_sites.fract_transf_vector[1]      0.161113 
_atom_sites.fract_transf_vector[2]      -0.003373 
_atom_sites.fract_transf_vector[3]      -0.059328 
# 
loop_
_atom_type.symbol 
BR 
C  
N  
O  
# 
loop_
_atom_site.group_PDB 
_atom_site.id 
_atom_site.type_symbol 
_atom_site.label_atom_id 
_atom_site.label_alt_id 
_atom_site.label_comp_id 
_atom_site.label_asym_id 
_atom_site.label_entity_id 
_atom_site.label_seq_id 
_atom_site.pdbx_PDB_ins_code 
_atom_site.Cartn_x 
_atom_site.Cartn_y 
_atom_site.Cartn_z 
_atom_site.occupancy 
_atom_site.B_iso_or_equiv 
_atom_site.pdbx_formal_charge 
_atom_site.auth_seq_id 
_atom_site.auth_comp_id 
_atom_site.auth_asym_id 
_atom_site.auth_atom_id 
_atom_site.pdbx_PDB_model_num 
ATOM   1   N  N   . GLY A 1 1  ? -8.759  14.953  -12.346 1.00 132.64 ?  303 GLY A N   1 
ATOM   2   C  CA  . GLY A 1 1  ? -7.376  14.524  -12.277 1.00 138.36 ?  303 GLY A CA  1 
ATOM   3   C  C   . GLY A 1 1  ? -6.735  14.799  -10.930 1.00 140.47 ?  303 GLY A C   1 
ATOM   4   O  O   . GLY A 1 1  ? -6.203  15.883  -10.692 1.00 151.09 ?  303 GLY A O   1 
ATOM   5   N  N   . GLN A 1 2  ? -6.788  13.804  -10.044 1.00 124.57 ?  304 GLN A N   1 
ATOM   6   C  CA  . GLN A 1 2  ? -6.231  13.936  -8.704  1.00 121.69 ?  304 GLN A CA  1 
ATOM   7   C  C   . GLN A 1 2  ? -5.506  12.686  -8.229  1.00 113.69 ?  304 GLN A C   1 
ATOM   8   O  O   . GLN A 1 2  ? -4.996  12.679  -7.105  1.00 97.77  ?  304 GLN A O   1 
ATOM   9   C  CB  . GLN A 1 2  ? -7.343  14.279  -7.700  1.00 130.83 ?  304 GLN A CB  1 
ATOM   10  C  CG  . GLN A 1 2  ? -8.081  13.066  -7.112  1.00 135.89 ?  304 GLN A CG  1 
ATOM   11  C  CD  . GLN A 1 2  ? -8.696  12.157  -8.168  1.00 144.97 ?  304 GLN A CD  1 
ATOM   12  O  OE1 . GLN A 1 2  ? -9.030  12.597  -9.269  1.00 148.18 ?  304 GLN A OE1 1 
ATOM   13  N  NE2 . GLN A 1 2  ? -8.846  10.880  -7.833  1.00 144.79 ?  304 GLN A NE2 1 
ATOM   14  N  N   . LEU A 1 3  ? -5.441  11.640  -9.047  1.00 107.05 ?  305 LEU A N   1 
ATOM   15  C  CA  . LEU A 1 3  ? -4.962  10.340  -8.590  1.00 95.73  ?  305 LEU A CA  1 
ATOM   16  C  C   . LEU A 1 3  ? -3.497  10.389  -8.155  1.00 93.81  ?  305 LEU A C   1 
ATOM   17  O  O   . LEU A 1 3  ? -3.111  9.760   -7.157  1.00 99.64  ?  305 LEU A O   1 
ATOM   18  C  CB  . LEU A 1 3  ? -5.182  9.331   -9.713  1.00 100.65 ?  305 LEU A CB  1 
ATOM   19  C  CG  . LEU A 1 3  ? -4.585  7.933   -9.659  1.00 109.46 ?  305 LEU A CG  1 
ATOM   20  C  CD1 . LEU A 1 3  ? -5.590  6.930   -10.079 1.00 100.77 ?  305 LEU A CD1 1 
ATOM   21  C  CD2 . LEU A 1 3  ? -3.415  7.866   -10.581 1.00 111.94 ?  305 LEU A CD2 1 
ATOM   22  N  N   . LEU A 1 4  ? -2.668  11.138  -8.883  1.00 90.18  ?  306 LEU A N   1 
ATOM   23  C  CA  . LEU A 1 4  ? -1.264  11.246  -8.502  1.00 98.55  ?  306 LEU A CA  1 
ATOM   24  C  C   . LEU A 1 4  ? -1.109  11.895  -7.127  1.00 99.42  ?  306 LEU A C   1 
ATOM   25  O  O   . LEU A 1 4  ? -0.161  11.584  -6.394  1.00 110.08 ?  306 LEU A O   1 
ATOM   26  C  CB  . LEU A 1 4  ? -0.492  12.025  -9.569  1.00 104.90 ?  306 LEU A CB  1 
ATOM   27  C  CG  . LEU A 1 4  ? 1.029   12.155  -9.428  1.00 115.71 ?  306 LEU A CG  1 
ATOM   28  C  CD1 . LEU A 1 4  ? 1.713   10.895  -9.924  1.00 115.92 ?  306 LEU A CD1 1 
ATOM   29  C  CD2 . LEU A 1 4  ? 1.548   13.367  -10.188 1.00 119.58 ?  306 LEU A CD2 1 
ATOM   30  N  N   . GLY A 1 5  ? -2.036  12.776  -6.749  1.00 81.87  ?  307 GLY A N   1 
ATOM   31  C  CA  . GLY A 1 5  ? -2.047  13.279  -5.385  1.00 79.94  ?  307 GLY A CA  1 
ATOM   32  C  C   . GLY A 1 5  ? -2.354  12.190  -4.374  1.00 90.14  ?  307 GLY A C   1 
ATOM   33  O  O   . GLY A 1 5  ? -1.779  12.164  -3.280  1.00 96.29  ?  307 GLY A O   1 
ATOM   34  N  N   . LEU A 1 6  ? -3.266  11.278  -4.724  1.00 79.35  ?  308 LEU A N   1 
ATOM   35  C  CA  . LEU A 1 6  ? -3.509  10.117  -3.876  1.00 83.15  ?  308 LEU A CA  1 
ATOM   36  C  C   . LEU A 1 6  ? -2.228  9.327   -3.666  1.00 83.92  ?  308 LEU A C   1 
ATOM   37  O  O   . LEU A 1 6  ? -1.926  8.900   -2.541  1.00 95.56  ?  308 LEU A O   1 
ATOM   38  C  CB  . LEU A 1 6  ? -4.593  9.227   -4.488  1.00 81.67  ?  308 LEU A CB  1 
ATOM   39  C  CG  . LEU A 1 6  ? -5.965  9.846   -4.754  1.00 83.53  ?  308 LEU A CG  1 
ATOM   40  C  CD1 . LEU A 1 6  ? -6.924  8.795   -5.299  1.00 79.77  ?  308 LEU A CD1 1 
ATOM   41  C  CD2 . LEU A 1 6  ? -6.527  10.491  -3.496  1.00 77.77  ?  308 LEU A CD2 1 
ATOM   42  N  N   . LEU A 1 7  ? -1.447  9.134   -4.736  1.00 76.75  ?  309 LEU A N   1 
ATOM   43  C  CA  . LEU A 1 7  ? -0.159  8.475   -4.546  1.00 89.26  ?  309 LEU A CA  1 
ATOM   44  C  C   . LEU A 1 7  ? 0.777   9.340   -3.704  1.00 89.47  ?  309 LEU A C   1 
ATOM   45  O  O   . LEU A 1 7  ? 1.650   8.810   -3.012  1.00 91.15  ?  309 LEU A O   1 
ATOM   46  C  CB  . LEU A 1 7  ? 0.475   8.132   -5.897  1.00 91.39  ?  309 LEU A CB  1 
ATOM   47  C  CG  . LEU A 1 7  ? 1.480   6.962   -5.992  1.00 113.22 ?  309 LEU A CG  1 
ATOM   48  C  CD1 . LEU A 1 7  ? 1.777   6.647   -7.453  1.00 131.47 ?  309 LEU A CD1 1 
ATOM   49  C  CD2 . LEU A 1 7  ? 2.793   7.186   -5.235  1.00 127.06 ?  309 LEU A CD2 1 
ATOM   50  N  N   . GLY A 1 8  ? 0.598   10.663  -3.717  1.00 82.96  ?  310 GLY A N   1 
ATOM   51  C  CA  . GLY A 1 8  ? 1.380   11.509  -2.825  1.00 77.82  ?  310 GLY A CA  1 
ATOM   52  C  C   . GLY A 1 8  ? 1.096   11.232  -1.361  1.00 79.84  ?  310 GLY A C   1 
ATOM   53  O  O   . GLY A 1 8  ? 2.015   10.987  -0.568  1.00 88.52  ?  310 GLY A O   1 
ATOM   54  N  N   . GLN A 1 9  ? -0.184  11.272  -0.978  1.00 74.35  ?  311 GLN A N   1 
ATOM   55  C  CA  . GLN A 1 9  ? -0.556  10.982  0.404   1.00 82.24  ?  311 GLN A CA  1 
ATOM   56  C  C   . GLN A 1 9  ? -0.101  9.585   0.810   1.00 82.02  ?  311 GLN A C   1 
ATOM   57  O  O   . GLN A 1 9  ? 0.509   9.397   1.874   1.00 87.98  ?  311 GLN A O   1 
ATOM   58  C  CB  . GLN A 1 9  ? -2.068  11.127  0.581   1.00 88.82  ?  311 GLN A CB  1 
ATOM   59  C  CG  . GLN A 1 9  ? -2.660  12.360  -0.080  1.00 98.37  ?  311 GLN A CG  1 
ATOM   60  C  CD  . GLN A 1 9  ? -4.114  12.570  0.291   1.00 113.03 ?  311 GLN A CD  1 
ATOM   61  O  OE1 . GLN A 1 9  ? -4.562  12.132  1.350   1.00 115.92 ?  311 GLN A OE1 1 
ATOM   62  N  NE2 . GLN A 1 9  ? -4.858  13.240  -0.581  1.00 112.08 ?  311 GLN A NE2 1 
ATOM   63  N  N   . ALA A 1 10 ? -0.388  8.589   -0.034  1.00 68.02  ?  312 ALA A N   1 
ATOM   64  C  CA  . ALA A 1 10 ? 0.094   7.239   0.234   1.00 70.60  ?  312 ALA A CA  1 
ATOM   65  C  C   . ALA A 1 10 ? 1.607   7.210   0.392   1.00 64.26  ?  312 ALA A C   1 
ATOM   66  O  O   . ALA A 1 10 ? 2.133   6.425   1.186   1.00 65.53  ?  312 ALA A O   1 
ATOM   67  C  CB  . ALA A 1 10 ? -0.344  6.291   -0.881  1.00 75.21  ?  312 ALA A CB  1 
ATOM   68  N  N   . ALA A 1 11 ? 2.322   8.067   -0.340  1.00 74.10  ?  313 ALA A N   1 
ATOM   69  C  CA  . ALA A 1 11 ? 3.773   8.102   -0.228  1.00 75.38  ?  313 ALA A CA  1 
ATOM   70  C  C   . ALA A 1 11 ? 4.205   8.639   1.127   1.00 81.44  ?  313 ALA A C   1 
ATOM   71  O  O   . ALA A 1 11 ? 5.184   8.156   1.707   1.00 75.90  ?  313 ALA A O   1 
ATOM   72  C  CB  . ALA A 1 11 ? 4.367   8.942   -1.358  1.00 84.34  ?  313 ALA A CB  1 
ATOM   73  N  N   . THR A 1 12 ? 3.491   9.639   1.652   1.00 83.74  ?  314 THR A N   1 
ATOM   74  C  CA  . THR A 1 12 ? 3.789   10.113  3.000   1.00 85.54  ?  314 THR A CA  1 
ATOM   75  C  C   . THR A 1 12 ? 3.530   9.019   4.034   1.00 82.40  ?  314 THR A C   1 
ATOM   76  O  O   . THR A 1 12 ? 4.404   8.697   4.854   1.00 80.16  ?  314 THR A O   1 
ATOM   77  C  CB  . THR A 1 12 ? 2.961   11.359  3.319   1.00 83.72  ?  314 THR A CB  1 
ATOM   78  O  OG1 . THR A 1 12 ? 3.220   12.373  2.342   1.00 85.87  ?  314 THR A OG1 1 
ATOM   79  C  CG2 . THR A 1 12 ? 3.312   11.891  4.701   1.00 76.21  ?  314 THR A CG2 1 
ATOM   80  N  N   . VAL A 1 13 ? 2.335   8.423   3.993   1.00 77.11  ?  315 VAL A N   1 
ATOM   81  C  CA  . VAL A 1 13 ? 1.958   7.425   4.992   1.00 66.70  ?  315 VAL A CA  1 
ATOM   82  C  C   . VAL A 1 13 ? 2.921   6.242   4.963   1.00 58.22  ?  315 VAL A C   1 
ATOM   83  O  O   . VAL A 1 13 ? 3.448   5.821   6.000   1.00 67.29  ?  315 VAL A O   1 
ATOM   84  C  CB  . VAL A 1 13 ? 0.504   6.972   4.775   1.00 63.23  ?  315 VAL A CB  1 
ATOM   85  C  CG1 . VAL A 1 13 ? 0.133   5.880   5.767   1.00 50.71  ?  315 VAL A CG1 1 
ATOM   86  C  CG2 . VAL A 1 13 ? -0.443  8.157   4.897   1.00 50.96  ?  315 VAL A CG2 1 
ATOM   87  N  N   . ILE A 1 14 ? 3.165   5.688   3.773   1.00 62.61  ?  316 ILE A N   1 
ATOM   88  C  CA  . ILE A 1 14 ? 4.072   4.550   3.653   1.00 69.63  ?  316 ILE A CA  1 
ATOM   89  C  C   . ILE A 1 14 ? 5.493   4.953   4.023   1.00 75.69  ?  316 ILE A C   1 
ATOM   90  O  O   . ILE A 1 14 ? 6.242   4.155   4.602   1.00 74.60  ?  316 ILE A O   1 
ATOM   91  C  CB  . ILE A 1 14 ? 3.994   3.961   2.232   1.00 66.38  ?  316 ILE A CB  1 
ATOM   92  C  CG1 . ILE A 1 14 ? 2.577   3.458   1.947   1.00 64.49  ?  316 ILE A CG1 1 
ATOM   93  C  CG2 . ILE A 1 14 ? 5.000   2.833   2.053   1.00 57.41  ?  316 ILE A CG2 1 
ATOM   94  C  CD1 . ILE A 1 14 ? 2.352   3.047   0.512   1.00 74.87  ?  316 ILE A CD1 1 
ATOM   95  N  N   . GLY A 1 15 ? 5.885   6.190   3.710   1.00 65.72  ?  317 GLY A N   1 
ATOM   96  C  CA  . GLY A 1 15 ? 7.183   6.675   4.146   1.00 63.58  ?  317 GLY A CA  1 
ATOM   97  C  C   . GLY A 1 15 ? 7.319   6.710   5.653   1.00 75.38  ?  317 GLY A C   1 
ATOM   98  O  O   . GLY A 1 15 ? 8.430   6.610   6.183   1.00 78.21  ?  317 GLY A O   1 
ATOM   99  N  N   . GLY A 1 16 ? 6.200   6.851   6.365   1.00 79.92  ?  318 GLY A N   1 
ATOM   100 C  CA  . GLY A 1 16 ? 6.230   6.773   7.810   1.00 78.03  ?  318 GLY A CA  1 
ATOM   101 C  C   . GLY A 1 16 ? 6.374   5.384   8.397   1.00 80.33  ?  318 GLY A C   1 
ATOM   102 O  O   . GLY A 1 16 ? 6.246   5.227   9.614   1.00 71.10  ?  318 GLY A O   1 
ATOM   103 N  N   . GLU A 1 17 ? 6.639   4.365   7.579   1.00 84.64  ?  319 GLU A N   1 
ATOM   104 C  CA  . GLU A 1 17 ? 6.759   2.985   8.055   1.00 70.60  ?  319 GLU A CA  1 
ATOM   105 C  C   . GLU A 1 17 ? 8.117   2.417   7.669   1.00 72.91  ?  319 GLU A C   1 
ATOM   106 O  O   . GLU A 1 17 ? 8.331   2.052   6.499   1.00 80.87  ?  319 GLU A O   1 
ATOM   107 C  CB  . GLU A 1 17 ? 5.638   2.119   7.482   1.00 67.17  ?  319 GLU A CB  1 
ATOM   108 C  CG  . GLU A 1 17 ? 4.242   2.498   7.950   1.00 70.46  ?  319 GLU A CG  1 
ATOM   109 C  CD  . GLU A 1 17 ? 3.988   2.154   9.407   1.00 77.14  ?  319 GLU A CD  1 
ATOM   110 O  OE1 . GLU A 1 17 ? 4.756   1.350   9.977   1.00 77.52  ?  319 GLU A OE1 1 
ATOM   111 O  OE2 . GLU A 1 17 ? 3.019   2.691   9.984   1.00 85.00  -1 319 GLU A OE2 1 
ATOM   112 N  N   . PRO A 1 18 ? 9.063   2.309   8.608   1.00 77.57  ?  320 PRO A N   1 
ATOM   113 C  CA  . PRO A 1 18 ? 10.391  1.797   8.242   1.00 70.83  ?  320 PRO A CA  1 
ATOM   114 C  C   . PRO A 1 18 ? 10.387  0.329   7.853   1.00 70.47  ?  320 PRO A C   1 
ATOM   115 O  O   . PRO A 1 18 ? 11.243  -0.091  7.067   1.00 77.00  ?  320 PRO A O   1 
ATOM   116 C  CB  . PRO A 1 18 ? 11.229  2.036   9.509   1.00 69.98  ?  320 PRO A CB  1 
ATOM   117 C  CG  . PRO A 1 18 ? 10.415  2.969   10.361  1.00 71.19  ?  320 PRO A CG  1 
ATOM   118 C  CD  . PRO A 1 18 ? 8.989   2.685   10.028  1.00 76.63  ?  320 PRO A CD  1 
ATOM   119 N  N   . THR A 1 19 ? 9.455   -0.464  8.374   1.00 69.95  ?  321 THR A N   1 
ATOM   120 C  CA  . THR A 1 19 ? 9.458   -1.899  8.127   1.00 64.36  ?  321 THR A CA  1 
ATOM   121 C  C   . THR A 1 19 ? 8.848   -2.274  6.785   1.00 61.13  ?  321 THR A C   1 
ATOM   122 O  O   . THR A 1 19 ? 8.878   -3.454  6.422   1.00 76.73  ?  321 THR A O   1 
ATOM   123 C  CB  . THR A 1 19 ? 8.715   -2.628  9.249   1.00 58.33  ?  321 THR A CB  1 
ATOM   124 O  OG1 . THR A 1 19 ? 7.515   -1.927  9.569   1.00 81.00  ?  321 THR A OG1 1 
ATOM   125 C  CG2 . THR A 1 19 ? 9.584   -2.696  10.493  1.00 46.43  ?  321 THR A CG2 1 
ATOM   126 N  N   . VAL A 1 20 ? 8.319   -1.307  6.040   1.00 56.76  ?  322 VAL A N   1 
ATOM   127 C  CA  . VAL A 1 20 ? 7.591   -1.564  4.804   1.00 58.40  ?  322 VAL A CA  1 
ATOM   128 C  C   . VAL A 1 20 ? 8.414   -1.069  3.624   1.00 68.38  ?  322 VAL A C   1 
ATOM   129 O  O   . VAL A 1 20 ? 8.979   0.030   3.660   1.00 76.35  ?  322 VAL A O   1 
ATOM   130 C  CB  . VAL A 1 20 ? 6.200   -0.900  4.819   1.00 62.97  ?  322 VAL A CB  1 
ATOM   131 C  CG1 . VAL A 1 20 ? 5.366   -1.378  3.645   1.00 59.38  ?  322 VAL A CG1 1 
ATOM   132 C  CG2 . VAL A 1 20 ? 5.492   -1.203  6.127   1.00 57.79  ?  322 VAL A CG2 1 
ATOM   133 N  N   . SER A 1 21 ? 8.478   -1.885  2.577   1.00 60.80  ?  323 SER A N   1 
ATOM   134 C  CA  . SER A 1 21 ? 9.143   -1.528  1.334   1.00 59.21  ?  323 SER A CA  1 
ATOM   135 C  C   . SER A 1 21 ? 8.165   -1.733  0.189   1.00 65.29  ?  323 SER A C   1 
ATOM   136 O  O   . SER A 1 21 ? 7.382   -2.685  0.193   1.00 66.96  ?  323 SER A O   1 
ATOM   137 C  CB  . SER A 1 21 ? 10.403  -2.369  1.113   1.00 57.67  ?  323 SER A CB  1 
ATOM   138 O  OG  . SER A 1 21 ? 10.073  -3.714  0.818   1.00 76.79  ?  323 SER A OG  1 
ATOM   139 N  N   . VAL A 1 22 ? 8.203   -0.833  -0.785  1.00 66.04  ?  324 VAL A N   1 
ATOM   140 C  CA  . VAL A 1 22 ? 7.338   -0.912  -1.954  1.00 67.45  ?  324 VAL A CA  1 
ATOM   141 C  C   . VAL A 1 22 ? 8.130   -1.563  -3.076  1.00 66.55  ?  324 VAL A C   1 
ATOM   142 O  O   . VAL A 1 22 ? 9.054   -0.960  -3.634  1.00 77.36  ?  324 VAL A O   1 
ATOM   143 C  CB  . VAL A 1 22 ? 6.812   0.465   -2.372  1.00 64.36  ?  324 VAL A CB  1 
ATOM   144 C  CG1 . VAL A 1 22 ? 5.953   0.339   -3.615  1.00 54.54  ?  324 VAL A CG1 1 
ATOM   145 C  CG2 . VAL A 1 22 ? 6.010   1.086   -1.238  1.00 60.65  ?  324 VAL A CG2 1 
ATOM   146 N  N   . GLU A 1 23 ? 7.777   -2.801  -3.404  1.00 69.18  ?  325 GLU A N   1 
ATOM   147 C  CA  . GLU A 1 23 ? 8.451   -3.495  -4.493  1.00 76.69  ?  325 GLU A CA  1 
ATOM   148 C  C   . GLU A 1 23 ? 7.896   -3.150  -5.859  1.00 82.87  ?  325 GLU A C   1 
ATOM   149 O  O   . GLU A 1 23 ? 8.661   -3.098  -6.827  1.00 78.21  ?  325 GLU A O   1 
ATOM   150 C  CB  . GLU A 1 23 ? 8.375   -5.009  -4.309  1.00 78.09  ?  325 GLU A CB  1 
ATOM   151 C  CG  . GLU A 1 23 ? 9.042   -5.519  -3.065  1.00 101.59 ?  325 GLU A CG  1 
ATOM   152 C  CD  . GLU A 1 23 ? 8.863   -7.004  -2.919  1.00 128.28 ?  325 GLU A CD  1 
ATOM   153 O  OE1 . GLU A 1 23 ? 9.764   -7.664  -2.364  1.00 135.47 ?  325 GLU A OE1 1 
ATOM   154 O  OE2 . GLU A 1 23 ? 7.821   -7.515  -3.368  1.00 130.31 -1 325 GLU A OE2 1 
ATOM   155 N  N   . GLN A 1 24 ? 6.598   -2.886  -5.970  1.00 85.03  ?  326 GLN A N   1 
ATOM   156 C  CA  . GLN A 1 24 ? 6.034   -2.631  -7.288  1.00 76.43  ?  326 GLN A CA  1 
ATOM   157 C  C   . GLN A 1 24 ? 4.879   -1.646  -7.199  1.00 73.43  ?  326 GLN A C   1 
ATOM   158 O  O   . GLN A 1 24 ? 4.291   -1.439  -6.137  1.00 78.08  ?  326 GLN A O   1 
ATOM   159 C  CB  . GLN A 1 24 ? 5.541   -3.924  -7.960  1.00 84.91  ?  326 GLN A CB  1 
ATOM   160 C  CG  . GLN A 1 24 ? 6.571   -4.624  -8.824  1.00 92.07  ?  326 GLN A CG  1 
ATOM   161 C  CD  . GLN A 1 24 ? 5.995   -5.840  -9.526  1.00 102.50 ?  326 GLN A CD  1 
ATOM   162 O  OE1 . GLN A 1 24 ? 5.082   -6.489  -9.014  1.00 104.23 ?  326 GLN A OE1 1 
ATOM   163 N  NE2 . GLN A 1 24 ? 6.518   -6.148  -10.707 1.00 113.11 ?  326 GLN A NE2 1 
ATOM   164 N  N   A LEU A 1 25 ? 4.590   -1.032  -8.351  0.33 75.60  ?  327 LEU A N   1 
ATOM   165 N  N   B LEU A 1 25 ? 4.543   -1.035  -8.331  0.67 75.49  ?  327 LEU A N   1 
ATOM   166 C  CA  A LEU A 1 25 ? 3.459   -0.142  -8.565  0.33 76.76  ?  327 LEU A CA  1 
ATOM   167 C  CA  B LEU A 1 25 ? 3.277   -0.319  -8.386  0.67 77.54  ?  327 LEU A CA  1 
ATOM   168 C  C   A LEU A 1 25 ? 2.732   -0.546  -9.842  0.33 78.93  ?  327 LEU A C   1 
ATOM   169 C  C   B LEU A 1 25 ? 2.791   -0.256  -9.824  0.67 78.38  ?  327 LEU A C   1 
ATOM   170 O  O   A LEU A 1 25 ? 3.292   -1.215  -10.715 0.33 79.96  ?  327 LEU A O   1 
ATOM   171 O  O   B LEU A 1 25 ? 3.576   -0.320  -10.774 0.67 76.13  ?  327 LEU A O   1 
ATOM   172 C  CB  A LEU A 1 25 ? 3.891   1.325   -8.697  0.33 74.25  ?  327 LEU A CB  1 
ATOM   173 C  CB  B LEU A 1 25 ? 3.365   1.082   -7.756  0.67 72.46  ?  327 LEU A CB  1 
ATOM   174 C  CG  A LEU A 1 25 ? 4.354   2.115   -7.476  0.33 69.44  ?  327 LEU A CG  1 
ATOM   175 C  CG  B LEU A 1 25 ? 3.931   2.352   -8.388  0.67 72.56  ?  327 LEU A CG  1 
ATOM   176 C  CD1 A LEU A 1 25 ? 4.059   3.601   -7.670  0.33 74.73  ?  327 LEU A CD1 1 
ATOM   177 C  CD1 B LEU A 1 25 ? 2.991   2.971   -9.407  0.67 76.52  ?  327 LEU A CD1 1 
ATOM   178 C  CD2 A LEU A 1 25 ? 3.725   1.605   -6.207  0.33 68.88  ?  327 LEU A CD2 1 
ATOM   179 C  CD2 B LEU A 1 25 ? 4.170   3.338   -7.263  0.67 71.18  ?  327 LEU A CD2 1 
ATOM   180 N  N   . ASP A 1 26 ? 1.473   -0.117  -9.950  1.00 80.47  ?  328 ASP A N   1 
ATOM   181 C  CA  . ASP A 1 26 ? 0.718   -0.265  -11.191 1.00 73.41  ?  328 ASP A CA  1 
ATOM   182 C  C   . ASP A 1 26 ? -0.276  0.896   -11.203 1.00 80.10  ?  328 ASP A C   1 
ATOM   183 O  O   . ASP A 1 26 ? -1.362  0.822   -10.619 1.00 77.90  ?  328 ASP A O   1 
ATOM   184 C  CB  . ASP A 1 26 ? 0.035   -1.622  -11.274 1.00 86.16  ?  328 ASP A CB  1 
ATOM   185 C  CG  . ASP A 1 26 ? -0.993  -1.690  -12.381 1.00 109.34 ?  328 ASP A CG  1 
ATOM   186 O  OD1 . ASP A 1 26 ? -0.616  -1.524  -13.559 1.00 118.67 ?  328 ASP A OD1 1 
ATOM   187 O  OD2 . ASP A 1 26 ? -2.183  -1.905  -12.069 1.00 119.50 -1 328 ASP A OD2 1 
ATOM   188 N  N   . PHE A 1 27 ? 0.132   1.972   -11.864 1.00 79.55  ?  329 PHE A N   1 
ATOM   189 C  CA  . PHE A 1 27 ? -0.580  3.241   -11.906 1.00 82.82  ?  329 PHE A CA  1 
ATOM   190 C  C   . PHE A 1 27 ? -1.505  3.223   -13.116 1.00 86.34  ?  329 PHE A C   1 
ATOM   191 O  O   . PHE A 1 27 ? -1.035  3.141   -14.256 1.00 80.89  ?  329 PHE A O   1 
ATOM   192 C  CB  . PHE A 1 27 ? 0.474   4.351   -11.972 1.00 84.54  ?  329 PHE A CB  1 
ATOM   193 C  CG  . PHE A 1 27 ? -0.036  5.739   -12.292 1.00 94.80  ?  329 PHE A CG  1 
ATOM   194 C  CD1 . PHE A 1 27 ? -0.042  6.717   -11.321 1.00 94.54  ?  329 PHE A CD1 1 
ATOM   195 C  CD2 . PHE A 1 27 ? -0.420  6.089   -13.575 1.00 94.41  ?  329 PHE A CD2 1 
ATOM   196 C  CE1 . PHE A 1 27 ? -0.428  8.003   -11.623 1.00 93.95  ?  329 PHE A CE1 1 
ATOM   197 C  CE2 . PHE A 1 27 ? -0.847  7.369   -13.877 1.00 97.11  ?  329 PHE A CE2 1 
ATOM   198 C  CZ  . PHE A 1 27 ? -0.853  8.321   -12.904 1.00 94.62  ?  329 PHE A CZ  1 
ATOM   199 N  N   . SER A 1 28 ? -2.815  3.267   -12.878 1.00 89.64  ?  330 SER A N   1 
ATOM   200 C  CA  . SER A 1 28 ? -3.792  3.142   -13.961 1.00 81.76  ?  330 SER A CA  1 
ATOM   201 C  C   . SER A 1 28 ? -4.648  4.403   -14.012 1.00 76.49  ?  330 SER A C   1 
ATOM   202 O  O   . SER A 1 28 ? -5.631  4.527   -13.274 1.00 91.56  ?  330 SER A O   1 
ATOM   203 C  CB  . SER A 1 28 ? -4.653  1.894   -13.783 1.00 89.67  ?  330 SER A CB  1 
ATOM   204 O  OG  . SER A 1 28 ? -5.615  1.784   -14.819 1.00 99.54  ?  330 SER A OG  1 
ATOM   205 N  N   . ALA A 1 29 ? -4.282  5.331   -14.900 1.00 81.46  ?  331 ALA A N   1 
ATOM   206 C  CA  . ALA A 1 29 ? -5.098  6.524   -15.097 1.00 87.74  ?  331 ALA A CA  1 
ATOM   207 C  C   . ALA A 1 29 ? -6.485  6.169   -15.613 1.00 92.73  ?  331 ALA A C   1 
ATOM   208 O  O   . ALA A 1 29 ? -7.457  6.877   -15.320 1.00 89.42  ?  331 ALA A O   1 
ATOM   209 C  CB  . ALA A 1 29 ? -4.403  7.487   -16.059 1.00 75.32  ?  331 ALA A CB  1 
ATOM   210 N  N   . ALA A 1 30 ? -6.601  5.078   -16.371 1.00 97.89  ?  332 ALA A N   1 
ATOM   211 C  CA  . ALA A 1 30 ? -7.900  4.658   -16.885 1.00 96.67  ?  332 ALA A CA  1 
ATOM   212 C  C   . ALA A 1 30 ? -8.800  4.159   -15.761 1.00 103.21 ?  332 ALA A C   1 
ATOM   213 O  O   . ALA A 1 30 ? -9.913  4.663   -15.568 1.00 100.04 ?  332 ALA A O   1 
ATOM   214 C  CB  . ALA A 1 30 ? -7.715  3.577   -17.952 1.00 94.56  ?  332 ALA A CB  1 
ATOM   215 N  N   . ARG A 1 31 ? -8.332  3.164   -15.004 1.00 104.72 ?  333 ARG A N   1 
ATOM   216 C  CA  . ARG A 1 31 ? -9.132  2.614   -13.914 1.00 101.01 ?  333 ARG A CA  1 
ATOM   217 C  C   . ARG A 1 31 ? -9.309  3.598   -12.769 1.00 92.87  ?  333 ARG A C   1 
ATOM   218 O  O   . ARG A 1 31 ? -10.211 3.413   -11.943 1.00 88.79  ?  333 ARG A O   1 
ATOM   219 C  CB  . ARG A 1 31 ? -8.500  1.327   -13.383 1.00 90.15  ?  333 ARG A CB  1 
ATOM   220 C  CG  . ARG A 1 31 ? -8.569  0.153   -14.342 1.00 98.30  ?  333 ARG A CG  1 
ATOM   221 C  CD  . ARG A 1 31 ? -8.300  -1.157  -13.620 1.00 103.19 ?  333 ARG A CD  1 
ATOM   222 N  NE  . ARG A 1 31 ? -7.191  -1.044  -12.678 1.00 108.17 ?  333 ARG A NE  1 
ATOM   223 C  CZ  . ARG A 1 31 ? -5.910  -1.151  -13.016 1.00 112.24 ?  333 ARG A CZ  1 
ATOM   224 N  NH1 . ARG A 1 31 ? -5.572  -1.372  -14.280 1.00 106.46 1  333 ARG A NH1 1 
ATOM   225 N  NH2 . ARG A 1 31 ? -4.965  -1.033  -12.092 1.00 116.13 ?  333 ARG A NH2 1 
ATOM   226 N  N   . GLY A 1 32 ? -8.478  4.630   -12.693 1.00 84.75  ?  334 GLY A N   1 
ATOM   227 C  CA  . GLY A 1 32 ? -8.587  5.553   -11.585 1.00 72.99  ?  334 GLY A CA  1 
ATOM   228 C  C   . GLY A 1 32 ? -8.071  5.006   -10.273 1.00 88.20  ?  334 GLY A C   1 
ATOM   229 O  O   . GLY A 1 32 ? -8.522  5.441   -9.211  1.00 93.97  ?  334 GLY A O   1 
ATOM   230 N  N   . ASP A 1 33 ? -7.109  4.081   -10.315 1.00 89.95  ?  335 ASP A N   1 
ATOM   231 C  CA  . ASP A 1 33 ? -6.490  3.561   -9.104  1.00 75.72  ?  335 ASP A CA  1 
ATOM   232 C  C   . ASP A 1 33 ? -5.000  3.332   -9.329  1.00 68.48  ?  335 ASP A C   1 
ATOM   233 O  O   . ASP A 1 33 ? -4.485  3.430   -10.449 1.00 78.49  ?  335 ASP A O   1 
ATOM   234 C  CB  . ASP A 1 33 ? -7.182  2.271   -8.630  1.00 72.31  ?  335 ASP A CB  1 
ATOM   235 C  CG  . ASP A 1 33 ? -7.038  1.112   -9.611  1.00 98.13  ?  335 ASP A CG  1 
ATOM   236 O  OD1 . ASP A 1 33 ? -5.923  0.846   -10.108 1.00 102.04 ?  335 ASP A OD1 1 
ATOM   237 O  OD2 . ASP A 1 33 ? -8.062  0.451   -9.886  1.00 113.41 -1 335 ASP A OD2 1 
ATOM   238 N  N   . VAL A 1 34 ? -4.312  3.015   -8.235  1.00 59.86  ?  336 VAL A N   1 
ATOM   239 C  CA  . VAL A 1 34 ? -2.906  2.630   -8.261  1.00 75.94  ?  336 VAL A CA  1 
ATOM   240 C  C   . VAL A 1 34 ? -2.729  1.431   -7.337  1.00 75.64  ?  336 VAL A C   1 
ATOM   241 O  O   . VAL A 1 34 ? -3.293  1.392   -6.237  1.00 75.51  ?  336 VAL A O   1 
ATOM   242 C  CB  . VAL A 1 34 ? -1.983  3.803   -7.859  1.00 74.82  ?  336 VAL A CB  1 
ATOM   243 C  CG1 . VAL A 1 34 ? -2.326  4.317   -6.466  1.00 80.47  ?  336 VAL A CG1 1 
ATOM   244 C  CG2 . VAL A 1 34 ? -0.521  3.386   -7.937  1.00 70.85  ?  336 VAL A CG2 1 
ATOM   245 N  N   . ALA A 1 35 ? -1.971  0.440   -7.792  1.00 69.10  ?  337 ALA A N   1 
ATOM   246 C  CA  . ALA A 1 35 ? -1.732  -0.782  -7.034  1.00 55.88  ?  337 ALA A CA  1 
ATOM   247 C  C   . ALA A 1 35 ? -0.290  -0.799  -6.547  1.00 66.96  ?  337 ALA A C   1 
ATOM   248 O  O   . ALA A 1 35 ? 0.630   -0.509  -7.310  1.00 75.91  ?  337 ALA A O   1 
ATOM   249 C  CB  . ALA A 1 35 ? -2.019  -2.022  -7.884  1.00 51.98  ?  337 ALA A CB  1 
ATOM   250 N  N   . LEU A 1 36 ? -0.091  -1.133  -5.279  1.00 73.67  ?  338 LEU A N   1 
ATOM   251 C  CA  . LEU A 1 36 ? 1.237   -1.193  -4.683  1.00 61.27  ?  338 LEU A CA  1 
ATOM   252 C  C   . LEU A 1 36 ? 1.494   -2.614  -4.208  1.00 58.94  ?  338 LEU A C   1 
ATOM   253 O  O   . LEU A 1 36 ? 0.731   -3.148  -3.396  1.00 66.86  ?  338 LEU A O   1 
ATOM   254 C  CB  . LEU A 1 36 ? 1.362   -0.210  -3.515  1.00 64.41  ?  338 LEU A CB  1 
ATOM   255 C  CG  . LEU A 1 36 ? 1.157   1.280   -3.795  1.00 71.01  ?  338 LEU A CG  1 
ATOM   256 C  CD1 . LEU A 1 36 ? -0.232  1.703   -3.382  1.00 66.41  ?  338 LEU A CD1 1 
ATOM   257 C  CD2 . LEU A 1 36 ? 2.198   2.106   -3.048  1.00 78.23  ?  338 LEU A CD2 1 
ATOM   258 N  N   . GLN A 1 37 ? 2.553   -3.229  -4.721  1.00 65.18  ?  339 GLN A N   1 
ATOM   259 C  CA  . GLN A 1 37 ? 3.057   -4.484  -4.180  1.00 64.29  ?  339 GLN A CA  1 
ATOM   260 C  C   . GLN A 1 37 ? 4.079   -4.136  -3.105  1.00 62.02  ?  339 GLN A C   1 
ATOM   261 O  O   . GLN A 1 37 ? 5.180   -3.657  -3.416  1.00 63.91  ?  339 GLN A O   1 
ATOM   262 C  CB  . GLN A 1 37 ? 3.671   -5.356  -5.272  1.00 75.78  ?  339 GLN A CB  1 
ATOM   263 C  CG  . GLN A 1 37 ? 3.640   -6.841  -4.951  1.00 96.97  ?  339 GLN A CG  1 
ATOM   264 C  CD  . GLN A 1 37 ? 2.285   -7.466  -5.229  1.00 107.00 ?  339 GLN A CD  1 
ATOM   265 O  OE1 . GLN A 1 37 ? 1.524   -6.979  -6.066  1.00 99.60  ?  339 GLN A OE1 1 
ATOM   266 N  NE2 . GLN A 1 37 ? 1.973   -8.545  -4.518  1.00 99.37  ?  339 GLN A NE2 1 
ATOM   267 N  N   . VAL A 1 38 ? 3.701   -4.368  -1.845  1.00 54.69  ?  340 VAL A N   1 
ATOM   268 C  CA  . VAL A 1 38 ? 4.487   -3.979  -0.682  1.00 63.33  ?  340 VAL A CA  1 
ATOM   269 C  C   . VAL A 1 38 ? 4.902   -5.225  0.089   1.00 60.81  ?  340 VAL A C   1 
ATOM   270 O  O   . VAL A 1 38 ? 4.275   -6.286  0.001   1.00 63.67  ?  340 VAL A O   1 
ATOM   271 C  CB  . VAL A 1 38 ? 3.719   -3.014  0.246   1.00 59.34  ?  340 VAL A CB  1 
ATOM   272 C  CG1 . VAL A 1 38 ? 3.427   -1.701  -0.466  1.00 58.87  ?  340 VAL A CG1 1 
ATOM   273 C  CG2 . VAL A 1 38 ? 2.434   -3.666  0.738   1.00 54.72  ?  340 VAL A CG2 1 
ATOM   274 N  N   . ARG A 1 39 ? 5.973   -5.071  0.870   1.00 53.04  ?  341 ARG A N   1 
ATOM   275 C  CA  . ARG A 1 39 ? 6.528   -6.132  1.698   1.00 51.51  ?  341 ARG A CA  1 
ATOM   276 C  C   . ARG A 1 39 ? 6.679   -5.628  3.127   1.00 58.23  ?  341 ARG A C   1 
ATOM   277 O  O   . ARG A 1 39 ? 7.017   -4.461  3.347   1.00 60.02  ?  341 ARG A O   1 
ATOM   278 C  CB  . ARG A 1 39 ? 7.885   -6.595  1.158   1.00 56.83  ?  341 ARG A CB  1 
ATOM   279 C  CG  . ARG A 1 39 ? 8.259   -8.015  1.534   1.00 81.41  ?  341 ARG A CG  1 
ATOM   280 C  CD  . ARG A 1 39 ? 9.411   -8.522  0.682   1.00 96.79  ?  341 ARG A CD  1 
ATOM   281 N  NE  . ARG A 1 39 ? 8.956   -9.019  -0.613  1.00 111.11 ?  341 ARG A NE  1 
ATOM   282 C  CZ  . ARG A 1 39 ? 8.416   -10.217 -0.815  1.00 105.86 ?  341 ARG A CZ  1 
ATOM   283 N  NH1 . ARG A 1 39 ? 8.262   -11.059 0.197   1.00 94.12  1  341 ARG A NH1 1 
ATOM   284 N  NH2 . ARG A 1 39 ? 8.032   -10.573 -2.033  1.00 101.05 ?  341 ARG A NH2 1 
ATOM   285 N  N   . ALA A 1 40 ? 6.440   -6.507  4.094   1.00 54.23  ?  342 ALA A N   1 
ATOM   286 C  CA  . ALA A 1 40 ? 6.493   -6.130  5.499   1.00 54.00  ?  342 ALA A CA  1 
ATOM   287 C  C   . ALA A 1 40 ? 6.989   -7.326  6.296   1.00 54.57  ?  342 ALA A C   1 
ATOM   288 O  O   . ALA A 1 40 ? 7.100   -8.432  5.760   1.00 62.43  ?  342 ALA A O   1 
ATOM   289 C  CB  . ALA A 1 40 ? 5.121   -5.665  6.004   1.00 50.01  ?  342 ALA A CB  1 
ATOM   290 N  N   . PRO A 1 41 ? 7.328   -7.133  7.574   1.00 61.91  ?  343 PRO A N   1 
ATOM   291 C  CA  . PRO A 1 41 ? 7.718   -8.303  8.382   1.00 57.81  ?  343 PRO A CA  1 
ATOM   292 C  C   . PRO A 1 41 ? 6.558   -9.232  8.693   1.00 55.04  ?  343 PRO A C   1 
ATOM   293 O  O   . PRO A 1 41 ? 6.743   -10.456 8.716   1.00 50.63  ?  343 PRO A O   1 
ATOM   294 C  CB  . PRO A 1 41 ? 8.303   -7.675  9.656   1.00 49.98  ?  343 PRO A CB  1 
ATOM   295 C  CG  . PRO A 1 41 ? 7.788   -6.280  9.678   1.00 61.78  ?  343 PRO A CG  1 
ATOM   296 C  CD  . PRO A 1 41 ? 7.669   -5.871  8.249   1.00 64.66  ?  343 PRO A CD  1 
ATOM   297 N  N   . GLY A 1 42 ? 5.362   -8.693  8.932   1.00 57.79  ?  344 GLY A N   1 
ATOM   298 C  CA  . GLY A 1 42 ? 4.210   -9.508  9.258   1.00 48.21  ?  344 GLY A CA  1 
ATOM   299 C  C   . GLY A 1 42 ? 2.926   -8.885  8.752   1.00 60.54  ?  344 GLY A C   1 
ATOM   300 O  O   . GLY A 1 42 ? 2.919   -7.769  8.226   1.00 58.30  ?  344 GLY A O   1 
ATOM   301 N  N   . PHE A 1 43 ? 1.826   -9.630  8.921   1.00 52.54  ?  345 PHE A N   1 
ATOM   302 C  CA  . PHE A 1 43 ? 0.529   -9.149  8.459   1.00 57.63  ?  345 PHE A CA  1 
ATOM   303 C  C   . PHE A 1 43 ? 0.017   -7.991  9.309   1.00 54.06  ?  345 PHE A C   1 
ATOM   304 O  O   . PHE A 1 43 ? -0.749  -7.153  8.816   1.00 68.97  ?  345 PHE A O   1 
ATOM   305 C  CB  . PHE A 1 43 ? -0.490  -10.287 8.462   1.00 51.11  ?  345 PHE A CB  1 
ATOM   306 C  CG  . PHE A 1 43 ? -0.099  -11.470 7.616   1.00 62.12  ?  345 PHE A CG  1 
ATOM   307 C  CD1 . PHE A 1 43 ? 0.761   -12.443 8.105   1.00 44.08  ?  345 PHE A CD1 1 
ATOM   308 C  CD2 . PHE A 1 43 ? -0.601  -11.611 6.331   1.00 60.55  ?  345 PHE A CD2 1 
ATOM   309 C  CE1 . PHE A 1 43 ? 1.114   -13.531 7.329   1.00 54.31  ?  345 PHE A CE1 1 
ATOM   310 C  CE2 . PHE A 1 43 ? -0.255  -12.697 5.550   1.00 61.94  ?  345 PHE A CE2 1 
ATOM   311 C  CZ  . PHE A 1 43 ? 0.605   -13.657 6.048   1.00 54.13  ?  345 PHE A CZ  1 
ATOM   312 N  N   . ASP A 1 44 ? 0.409   -7.935  10.584  1.00 45.61  ?  346 ASP A N   1 
ATOM   313 C  CA  . ASP A 1 44 ? -0.080  -6.874  11.460  1.00 49.44  ?  346 ASP A CA  1 
ATOM   314 C  C   . ASP A 1 44 ? 0.460   -5.513  11.035  1.00 54.88  ?  346 ASP A C   1 
ATOM   315 O  O   . ASP A 1 44 ? -0.248  -4.505  11.128  1.00 66.09  ?  346 ASP A O   1 
ATOM   316 C  CB  . ASP A 1 44 ? 0.283   -7.180  12.915  1.00 55.73  ?  346 ASP A CB  1 
ATOM   317 C  CG  . ASP A 1 44 ? 1.780   -7.244  13.145  1.00 62.06  ?  346 ASP A CG  1 
ATOM   318 O  OD1 . ASP A 1 44 ? 2.492   -7.860  12.323  1.00 61.20  ?  346 ASP A OD1 1 
ATOM   319 O  OD2 . ASP A 1 44 ? 2.244   -6.682  14.160  1.00 65.77  -1 346 ASP A OD2 1 
ATOM   320 N  N   . VAL A 1 45 ? 1.709   -5.464  10.565  1.00 50.30  ?  347 VAL A N   1 
ATOM   321 C  CA  . VAL A 1 45 ? 2.245   -4.218  10.024  1.00 48.08  ?  347 VAL A CA  1 
ATOM   322 C  C   . VAL A 1 45 ? 1.461   -3.803  8.787   1.00 59.20  ?  347 VAL A C   1 
ATOM   323 O  O   . VAL A 1 45 ? 1.174   -2.616  8.581   1.00 59.41  ?  347 VAL A O   1 
ATOM   324 C  CB  . VAL A 1 45 ? 3.747   -4.372  9.722   1.00 54.02  ?  347 VAL A CB  1 
ATOM   325 C  CG1 . VAL A 1 45 ? 4.318   -3.072  9.178   1.00 52.96  ?  347 VAL A CG1 1 
ATOM   326 C  CG2 . VAL A 1 45 ? 4.498   -4.811  10.969  1.00 49.90  ?  347 VAL A CG2 1 
ATOM   327 N  N   . LEU A 1 46 ? 1.094   -4.777  7.948   1.00 58.55  ?  348 LEU A N   1 
ATOM   328 C  CA  . LEU A 1 46 ? 0.302   -4.488  6.756   1.00 47.15  ?  348 LEU A CA  1 
ATOM   329 C  C   . LEU A 1 46 ? -1.046  -3.886  7.128   1.00 49.38  ?  348 LEU A C   1 
ATOM   330 O  O   . LEU A 1 46 ? -1.488  -2.899  6.525   1.00 58.35  ?  348 LEU A O   1 
ATOM   331 C  CB  . LEU A 1 46 ? 0.109   -5.764  5.937   1.00 60.08  ?  348 LEU A CB  1 
ATOM   332 C  CG  . LEU A 1 46 ? 1.343   -6.364  5.266   1.00 59.93  ?  348 LEU A CG  1 
ATOM   333 C  CD1 . LEU A 1 46 ? 0.971   -7.647  4.552   1.00 53.67  ?  348 LEU A CD1 1 
ATOM   334 C  CD2 . LEU A 1 46 ? 1.958   -5.375  4.297   1.00 62.74  ?  348 LEU A CD2 1 
ATOM   335 N  N   . GLU A 1 47 ? -1.720  -4.471  8.122   1.00 55.08  ?  349 GLU A N   1 
ATOM   336 C  CA  . GLU A 1 47 ? -2.999  -3.922  8.558   1.00 60.48  ?  349 GLU A CA  1 
ATOM   337 C  C   . GLU A 1 47 ? -2.830  -2.551  9.200   1.00 61.37  ?  349 GLU A C   1 
ATOM   338 O  O   . GLU A 1 47 ? -3.715  -1.697  9.074   1.00 69.51  ?  349 GLU A O   1 
ATOM   339 C  CB  . GLU A 1 47 ? -3.687  -4.889  9.523   1.00 64.10  ?  349 GLU A CB  1 
ATOM   340 C  CG  . GLU A 1 47 ? -5.002  -4.373  10.089  1.00 75.73  ?  349 GLU A CG  1 
ATOM   341 C  CD  . GLU A 1 47 ? -6.088  -4.243  9.035   1.00 84.01  ?  349 GLU A CD  1 
ATOM   342 O  OE1 . GLU A 1 47 ? -5.988  -4.905  7.979   1.00 81.80  ?  349 GLU A OE1 1 
ATOM   343 O  OE2 . GLU A 1 47 ? -7.045  -3.473  9.265   1.00 78.24  -1 349 GLU A OE2 1 
ATOM   344 N  N   . ARG A 1 48 ? -1.709  -2.319  9.889   1.00 60.80  ?  350 ARG A N   1 
ATOM   345 C  CA  . ARG A 1 48 ? -1.427  -0.983  10.403  1.00 61.58  ?  350 ARG A CA  1 
ATOM   346 C  C   . ARG A 1 48 ? -1.306  0.024   9.268   1.00 63.37  ?  350 ARG A C   1 
ATOM   347 O  O   . ARG A 1 48 ? -1.810  1.150   9.367   1.00 67.29  ?  350 ARG A O   1 
ATOM   348 C  CB  . ARG A 1 48 ? -0.151  -1.000  11.245  1.00 56.48  ?  350 ARG A CB  1 
ATOM   349 C  CG  . ARG A 1 48 ? 0.341   0.379   11.660  1.00 59.05  ?  350 ARG A CG  1 
ATOM   350 C  CD  . ARG A 1 48 ? 1.854   0.405   11.827  1.00 48.74  ?  350 ARG A CD  1 
ATOM   351 N  NE  . ARG A 1 48 ? 2.306   -0.492  12.885  1.00 55.84  ?  350 ARG A NE  1 
ATOM   352 C  CZ  . ARG A 1 48 ? 3.574   -0.845  13.074  1.00 60.22  ?  350 ARG A CZ  1 
ATOM   353 N  NH1 . ARG A 1 48 ? 4.522   -0.378  12.274  1.00 59.07  1  350 ARG A NH1 1 
ATOM   354 N  NH2 . ARG A 1 48 ? 3.895   -1.667  14.065  1.00 67.56  ?  350 ARG A NH2 1 
ATOM   355 N  N   . LEU A 1 49 ? -0.656  -0.372  8.173   1.00 57.09  ?  351 LEU A N   1 
ATOM   356 C  CA  . LEU A 1 49 ? -0.488  0.537   7.045   1.00 54.07  ?  351 LEU A CA  1 
ATOM   357 C  C   . LEU A 1 49 ? -1.821  0.800   6.349   1.00 56.09  ?  351 LEU A C   1 
ATOM   358 O  O   . LEU A 1 49 ? -2.132  1.943   5.994   1.00 60.51  ?  351 LEU A O   1 
ATOM   359 C  CB  . LEU A 1 49 ? 0.541   -0.037  6.072   1.00 57.69  ?  351 LEU A CB  1 
ATOM   360 C  CG  . LEU A 1 49 ? 0.728   0.674   4.735   1.00 65.69  ?  351 LEU A CG  1 
ATOM   361 C  CD1 . LEU A 1 49 ? 0.977   2.155   4.957   1.00 68.91  ?  351 LEU A CD1 1 
ATOM   362 C  CD2 . LEU A 1 49 ? 1.892   0.047   3.988   1.00 62.02  ?  351 LEU A CD2 1 
ATOM   363 N  N   . ARG A 1 50 ? -2.626  -0.246  6.143   1.00 49.42  ?  352 ARG A N   1 
ATOM   364 C  CA  . ARG A 1 50 ? -3.946  -0.048  5.552   1.00 57.13  ?  352 ARG A CA  1 
ATOM   365 C  C   . ARG A 1 50 ? -4.810  0.844   6.434   1.00 64.41  ?  352 ARG A C   1 
ATOM   366 O  O   . ARG A 1 50 ? -5.561  1.689   5.931   1.00 65.67  ?  352 ARG A O   1 
ATOM   367 C  CB  . ARG A 1 50 ? -4.635  -1.393  5.320   1.00 56.22  ?  352 ARG A CB  1 
ATOM   368 C  CG  . ARG A 1 50 ? -5.933  -1.285  4.532   1.00 60.68  ?  352 ARG A CG  1 
ATOM   369 C  CD  . ARG A 1 50 ? -6.947  -2.327  4.977   1.00 65.99  ?  352 ARG A CD  1 
ATOM   370 N  NE  . ARG A 1 50 ? -7.292  -2.191  6.389   1.00 71.85  ?  352 ARG A NE  1 
ATOM   371 C  CZ  . ARG A 1 50 ? -8.064  -1.228  6.881   1.00 71.30  ?  352 ARG A CZ  1 
ATOM   372 N  NH1 . ARG A 1 50 ? -8.575  -0.307  6.075   1.00 68.79  1  352 ARG A NH1 1 
ATOM   373 N  NH2 . ARG A 1 50 ? -8.325  -1.186  8.180   1.00 71.03  ?  352 ARG A NH2 1 
ATOM   374 N  N   . SER A 1 51 ? -4.715  0.671   7.752   1.00 70.30  ?  353 SER A N   1 
ATOM   375 C  CA  . SER A 1 51 ? -5.490  1.504   8.662   1.00 65.32  ?  353 SER A CA  1 
ATOM   376 C  C   . SER A 1 51 ? -5.037  2.955   8.598   1.00 67.76  ?  353 SER A C   1 
ATOM   377 O  O   . SER A 1 51 ? -5.871  3.866   8.568   1.00 66.91  ?  353 SER A O   1 
ATOM   378 C  CB  . SER A 1 51 ? -5.382  0.973   10.089  1.00 61.30  ?  353 SER A CB  1 
ATOM   379 O  OG  . SER A 1 51 ? -6.154  1.762   10.975  1.00 68.46  ?  353 SER A OG  1 
ATOM   380 N  N   . ARG A 1 52 ? -3.724  3.195   8.571   1.00 60.77  ?  354 ARG A N   1 
ATOM   381 C  CA  . ARG A 1 52 ? -3.235  4.568   8.489   1.00 49.06  ?  354 ARG A CA  1 
ATOM   382 C  C   . ARG A 1 52 ? -3.635  5.218   7.170   1.00 64.70  ?  354 ARG A C   1 
ATOM   383 O  O   . ARG A 1 52 ? -3.994  6.402   7.137   1.00 80.11  ?  354 ARG A O   1 
ATOM   384 C  CB  . ARG A 1 52 ? -1.718  4.600   8.664   1.00 53.58  ?  354 ARG A CB  1 
ATOM   385 C  CG  . ARG A 1 52 ? -1.240  4.227   10.059  1.00 57.16  ?  354 ARG A CG  1 
ATOM   386 C  CD  . ARG A 1 52 ? 0.258   4.430   10.179  1.00 59.14  ?  354 ARG A CD  1 
ATOM   387 N  NE  . ARG A 1 52 ? 0.639   5.796   9.832   1.00 58.63  ?  354 ARG A NE  1 
ATOM   388 C  CZ  . ARG A 1 52 ? 1.776   6.125   9.229   1.00 74.13  ?  354 ARG A CZ  1 
ATOM   389 N  NH1 . ARG A 1 52 ? 2.649   5.183   8.901   1.00 77.84  1  354 ARG A NH1 1 
ATOM   390 N  NH2 . ARG A 1 52 ? 2.037   7.395   8.952   1.00 74.30  ?  354 ARG A NH2 1 
ATOM   391 N  N   . LEU A 1 53 ? -3.580  4.461   6.072   1.00 71.08  ?  355 LEU A N   1 
ATOM   392 C  CA  . LEU A 1 53 ? -4.001  5.002   4.784   1.00 63.77  ?  355 LEU A CA  1 
ATOM   393 C  C   . LEU A 1 53 ? -5.489  5.331   4.785   1.00 63.64  ?  355 LEU A C   1 
ATOM   394 O  O   . LEU A 1 53 ? -5.899  6.390   4.293   1.00 60.92  ?  355 LEU A O   1 
ATOM   395 C  CB  . LEU A 1 53 ? -3.673  4.012   3.667   1.00 57.84  ?  355 LEU A CB  1 
ATOM   396 C  CG  . LEU A 1 53 ? -2.191  3.815   3.348   1.00 60.19  ?  355 LEU A CG  1 
ATOM   397 C  CD1 . LEU A 1 53 ? -1.965  2.495   2.626   1.00 53.87  ?  355 LEU A CD1 1 
ATOM   398 C  CD2 . LEU A 1 53 ? -1.669  4.976   2.520   1.00 53.69  ?  355 LEU A CD2 1 
ATOM   399 N  N   . SER A 1 54 ? -6.312  4.438   5.340   1.00 66.29  ?  356 SER A N   1 
ATOM   400 C  CA  . SER A 1 54 ? -7.749  4.684   5.380   1.00 58.37  ?  356 SER A CA  1 
ATOM   401 C  C   . SER A 1 54 ? -8.086  5.864   6.284   1.00 72.90  ?  356 SER A C   1 
ATOM   402 O  O   . SER A 1 54 ? -9.012  6.630   5.993   1.00 74.62  ?  356 SER A O   1 
ATOM   403 C  CB  . SER A 1 54 ? -8.478  3.423   5.844   1.00 61.73  ?  356 SER A CB  1 
ATOM   404 O  OG  . SER A 1 54 ? -9.851  3.680   6.070   1.00 77.25  ?  356 SER A OG  1 
ATOM   405 N  N   . GLU A 1 55 ? -7.342  6.032   7.381   1.00 78.88  ?  357 GLU A N   1 
ATOM   406 C  CA  . GLU A 1 55 ? -7.631  7.113   8.317   1.00 76.43  ?  357 GLU A CA  1 
ATOM   407 C  C   . GLU A 1 55 ? -7.227  8.470   7.756   1.00 75.21  ?  357 GLU A C   1 
ATOM   408 O  O   . GLU A 1 55 ? -7.810  9.492   8.138   1.00 67.08  ?  357 GLU A O   1 
ATOM   409 C  CB  . GLU A 1 55 ? -6.926  6.862   9.651   1.00 77.12  ?  357 GLU A CB  1 
ATOM   410 C  CG  . GLU A 1 55 ? -7.478  5.688   10.446  1.00 99.82  ?  357 GLU A CG  1 
ATOM   411 C  CD  . GLU A 1 55 ? -8.753  6.026   11.190  1.00 110.21 ?  357 GLU A CD  1 
ATOM   412 O  OE1 . GLU A 1 55 ? -8.923  7.200   11.577  1.00 118.17 ?  357 GLU A OE1 1 
ATOM   413 O  OE2 . GLU A 1 55 ? -9.584  5.114   11.389  1.00 108.09 -1 357 GLU A OE2 1 
ATOM   414 N  N   . SER A 1 56 ? -6.240  8.504   6.863   1.00 78.27  ?  358 SER A N   1 
ATOM   415 C  CA  . SER A 1 56 ? -5.821  9.751   6.235   1.00 67.04  ?  358 SER A CA  1 
ATOM   416 C  C   . SER A 1 56 ? -6.786  10.224  5.156   1.00 74.09  ?  358 SER A C   1 
ATOM   417 O  O   . SER A 1 56 ? -6.513  11.238  4.505   1.00 79.25  ?  358 SER A O   1 
ATOM   418 C  CB  . SER A 1 56 ? -4.417  9.597   5.642   1.00 66.14  ?  358 SER A CB  1 
ATOM   419 O  OG  . SER A 1 56 ? -4.438  8.778   4.485   1.00 86.12  ?  358 SER A OG  1 
ATOM   420 N  N   . GLY A 1 57 ? -7.898  9.521   4.950   1.00 71.90  ?  359 GLY A N   1 
ATOM   421 C  CA  . GLY A 1 57 ? -8.908  9.907   3.985   1.00 63.19  ?  359 GLY A CA  1 
ATOM   422 C  C   . GLY A 1 57 ? -8.910  9.091   2.712   1.00 79.23  ?  359 GLY A C   1 
ATOM   423 O  O   . GLY A 1 57 ? -9.825  9.258   1.895   1.00 79.72  ?  359 GLY A O   1 
ATOM   424 N  N   . LEU A 1 58 ? -7.931  8.211   2.516   1.00 83.84  ?  360 LEU A N   1 
ATOM   425 C  CA  . LEU A 1 58 ? -7.821  7.460   1.274   1.00 66.35  ?  360 LEU A CA  1 
ATOM   426 C  C   . LEU A 1 58 ? -8.692  6.211   1.304   1.00 74.08  ?  360 LEU A C   1 
ATOM   427 O  O   . LEU A 1 58 ? -8.840  5.558   2.342   1.00 88.85  ?  360 LEU A O   1 
ATOM   428 C  CB  . LEU A 1 58 ? -6.368  7.060   1.019   1.00 59.43  ?  360 LEU A CB  1 
ATOM   429 C  CG  . LEU A 1 58 ? -5.313  8.167   1.030   1.00 72.69  ?  360 LEU A CG  1 
ATOM   430 C  CD1 . LEU A 1 58 ? -3.923  7.576   0.850   1.00 70.17  ?  360 LEU A CD1 1 
ATOM   431 C  CD2 . LEU A 1 58 ? -5.603  9.194   -0.051  1.00 74.92  ?  360 LEU A CD2 1 
ATOM   432 N  N   . ALA A 1 59 ? -9.267  5.881   0.151   1.00 65.58  ?  361 ALA A N   1 
ATOM   433 C  CA  . ALA A 1 59 ? -9.915  4.590   -0.041  1.00 74.80  ?  361 ALA A CA  1 
ATOM   434 C  C   . ALA A 1 59 ? -8.848  3.561   -0.395  1.00 71.78  ?  361 ALA A C   1 
ATOM   435 O  O   . ALA A 1 59 ? -8.149  3.707   -1.404  1.00 67.44  ?  361 ALA A O   1 
ATOM   436 C  CB  . ALA A 1 59 ? -10.976 4.672   -1.134  1.00 53.37  ?  361 ALA A CB  1 
ATOM   437 N  N   . VAL A 1 60 ? -8.716  2.530   0.433   1.00 62.85  ?  362 VAL A N   1 
ATOM   438 C  CA  . VAL A 1 60 ? -7.628  1.567   0.312   1.00 58.33  ?  362 VAL A CA  1 
ATOM   439 C  C   . VAL A 1 60 ? -8.183  0.163   0.507   1.00 59.26  ?  362 VAL A C   1 
ATOM   440 O  O   . VAL A 1 60 ? -9.069  -0.058  1.338   1.00 70.01  ?  362 VAL A O   1 
ATOM   441 C  CB  . VAL A 1 60 ? -6.503  1.869   1.329   1.00 58.09  ?  362 VAL A CB  1 
ATOM   442 C  CG1 . VAL A 1 60 ? -7.071  1.986   2.733   1.00 67.87  ?  362 VAL A CG1 1 
ATOM   443 C  CG2 . VAL A 1 60 ? -5.422  0.800   1.281   1.00 63.28  ?  362 VAL A CG2 1 
ATOM   444 N  N   . GLN A 1 61 ? -7.672  -0.786  -0.276  1.00 63.87  ?  363 GLN A N   1 
ATOM   445 C  CA  . GLN A 1 61 ? -7.962  -2.196  -0.071  1.00 61.21  ?  363 GLN A CA  1 
ATOM   446 C  C   . GLN A 1 61 ? -6.655  -2.965  0.042   1.00 50.11  ?  363 GLN A C   1 
ATOM   447 O  O   . GLN A 1 61 ? -5.717  -2.728  -0.722  1.00 63.51  ?  363 GLN A O   1 
ATOM   448 C  CB  . GLN A 1 61 ? -8.820  -2.767  -1.206  1.00 66.65  ?  363 GLN A CB  1 
ATOM   449 C  CG  . GLN A 1 61 ? -10.155 -2.066  -1.382  1.00 71.26  ?  363 GLN A CG  1 
ATOM   450 C  CD  . GLN A 1 61 ? -11.271 -2.737  -0.603  1.00 100.69 ?  363 GLN A CD  1 
ATOM   451 O  OE1 . GLN A 1 61 ? -11.164 -3.903  -0.221  1.00 113.35 ?  363 GLN A OE1 1 
ATOM   452 N  NE2 . GLN A 1 61 ? -12.350 -2.001  -0.360  1.00 108.33 ?  363 GLN A NE2 1 
ATOM   453 N  N   . LEU A 1 62 ? -6.597  -3.880  1.004   1.00 62.13  ?  364 LEU A N   1 
ATOM   454 C  CA  . LEU A 1 62 ? -5.404  -4.673  1.271   1.00 54.03  ?  364 LEU A CA  1 
ATOM   455 C  C   . LEU A 1 62 ? -5.745  -6.141  1.069   1.00 54.08  ?  364 LEU A C   1 
ATOM   456 O  O   . LEU A 1 62 ? -6.673  -6.656  1.701   1.00 61.92  ?  364 LEU A O   1 
ATOM   457 C  CB  . LEU A 1 62 ? -4.889  -4.429  2.690   1.00 49.04  ?  364 LEU A CB  1 
ATOM   458 C  CG  . LEU A 1 62 ? -3.850  -5.418  3.223   1.00 46.01  ?  364 LEU A CG  1 
ATOM   459 C  CD1 . LEU A 1 62 ? -2.493  -5.171  2.583   1.00 45.86  ?  364 LEU A CD1 1 
ATOM   460 C  CD2 . LEU A 1 62 ? -3.754  -5.325  4.741   1.00 45.36  ?  364 LEU A CD2 1 
ATOM   461 N  N   . GLY A 1 63 ? -5.003  -6.809  0.194   1.00 54.57  ?  365 GLY A N   1 
ATOM   462 C  CA  . GLY A 1 63 ? -5.264  -8.209  -0.052  1.00 39.50  ?  365 GLY A CA  1 
ATOM   463 C  C   . GLY A 1 63 ? -4.092  -8.893  -0.717  1.00 63.58  ?  365 GLY A C   1 
ATOM   464 O  O   . GLY A 1 63 ? -2.985  -8.354  -0.774  1.00 55.31  ?  365 GLY A O   1 
ATOM   465 N  N   . SER A 1 64 ? -4.357  -10.103 -1.215  1.00 50.34  ?  366 SER A N   1 
ATOM   466 C  CA  . SER A 1 64 ? -3.375  -10.902 -1.952  1.00 51.29  ?  366 SER A CA  1 
ATOM   467 C  C   . SER A 1 64 ? -2.073  -11.043 -1.166  1.00 61.91  ?  366 SER A C   1 
ATOM   468 O  O   . SER A 1 64 ? -0.971  -10.905 -1.702  1.00 68.54  ?  366 SER A O   1 
ATOM   469 C  CB  . SER A 1 64 ? -3.119  -10.310 -3.338  1.00 54.62  ?  366 SER A CB  1 
ATOM   470 O  OG  . SER A 1 64 ? -4.336  -9.970  -3.979  1.00 82.62  ?  366 SER A OG  1 
ATOM   471 N  N   . ALA A 1 65 ? -2.209  -11.322 0.126   1.00 59.44  ?  367 ALA A N   1 
ATOM   472 C  CA  . ALA A 1 65 ? -1.077  -11.393 1.034   1.00 59.50  ?  367 ALA A CA  1 
ATOM   473 C  C   . ALA A 1 65 ? -0.618  -12.834 1.211   1.00 60.81  ?  367 ALA A C   1 
ATOM   474 O  O   . ALA A 1 65 ? -1.424  -13.769 1.208   1.00 60.68  ?  367 ALA A O   1 
ATOM   475 C  CB  . ALA A 1 65 ? -1.432  -10.790 2.395   1.00 47.89  ?  367 ALA A CB  1 
ATOM   476 N  N   . SER A 1 66 ? 0.693   -13.001 1.372   1.00 57.86  ?  368 SER A N   1 
ATOM   477 C  CA  . SER A 1 66 ? 1.278   -14.321 1.548   1.00 56.25  ?  368 SER A CA  1 
ATOM   478 C  C   . SER A 1 66 ? 2.684   -14.166 2.107   1.00 54.21  ?  368 SER A C   1 
ATOM   479 O  O   . SER A 1 66 ? 3.428   -13.277 1.688   1.00 59.73  ?  368 SER A O   1 
ATOM   480 C  CB  . SER A 1 66 ? 1.316   -15.095 0.224   1.00 62.63  ?  368 SER A CB  1 
ATOM   481 O  OG  . SER A 1 66 ? 1.907   -16.371 0.398   1.00 82.06  ?  368 SER A OG  1 
ATOM   482 N  N   . ARG A 1 67 ? 3.036   -15.034 3.052   1.00 54.24  ?  369 ARG A N   1 
ATOM   483 C  CA  . ARG A 1 67 ? 4.378   -15.024 3.614   1.00 59.52  ?  369 ARG A CA  1 
ATOM   484 C  C   . ARG A 1 67 ? 5.337   -15.775 2.700   1.00 63.80  ?  369 ARG A C   1 
ATOM   485 O  O   . ARG A 1 67 ? 5.020   -16.852 2.189   1.00 63.15  ?  369 ARG A O   1 
ATOM   486 C  CB  . ARG A 1 67 ? 4.391   -15.649 5.009   1.00 57.21  ?  369 ARG A CB  1 
ATOM   487 C  CG  . ARG A 1 67 ? 5.796   -15.870 5.561   1.00 43.08  ?  369 ARG A CG  1 
ATOM   488 C  CD  . ARG A 1 67 ? 5.784   -16.241 7.033   1.00 46.79  ?  369 ARG A CD  1 
ATOM   489 N  NE  . ARG A 1 67 ? 5.357   -15.135 7.885   1.00 51.49  ?  369 ARG A NE  1 
ATOM   490 C  CZ  . ARG A 1 67 ? 6.075   -14.039 8.108   1.00 61.93  ?  369 ARG A CZ  1 
ATOM   491 N  NH1 . ARG A 1 67 ? 7.261   -13.891 7.533   1.00 55.33  1  369 ARG A NH1 1 
ATOM   492 N  NH2 . ARG A 1 67 ? 5.605   -13.088 8.903   1.00 52.15  ?  369 ARG A NH2 1 
ATOM   493 N  N   . ASP A 1 68 ? 6.516   -15.189 2.493   1.00 69.01  ?  370 ASP A N   1 
ATOM   494 C  CA  . ASP A 1 68 ? 7.582   -15.788 1.688   1.00 76.76  ?  370 ASP A CA  1 
ATOM   495 C  C   . ASP A 1 68 ? 8.886   -15.580 2.458   1.00 72.11  ?  370 ASP A C   1 
ATOM   496 O  O   . ASP A 1 68 ? 9.561   -14.559 2.297   1.00 75.24  ?  370 ASP A O   1 
ATOM   497 C  CB  . ASP A 1 68 ? 7.636   -15.174 0.296   1.00 92.83  ?  370 ASP A CB  1 
ATOM   498 C  CG  . ASP A 1 68 ? 8.808   -15.681 -0.518  1.00 123.21 ?  370 ASP A CG  1 
ATOM   499 O  OD1 . ASP A 1 68 ? 8.932   -16.912 -0.681  1.00 130.85 ?  370 ASP A OD1 1 
ATOM   500 O  OD2 . ASP A 1 68 ? 9.606   -14.845 -0.994  1.00 134.75 -1 370 ASP A OD2 1 
ATOM   501 N  N   . GLY A 1 69 ? 9.226   -16.547 3.300   1.00 69.08  ?  371 GLY A N   1 
ATOM   502 C  CA  . GLY A 1 69 ? 10.434  -16.432 4.103   1.00 67.16  ?  371 GLY A CA  1 
ATOM   503 C  C   . GLY A 1 69 ? 10.195  -15.565 5.320   1.00 70.33  ?  371 GLY A C   1 
ATOM   504 O  O   . GLY A 1 69 ? 9.225   -15.761 6.058   1.00 71.08  ?  371 GLY A O   1 
ATOM   505 N  N   . SER A 1 70 ? 11.080  -14.594 5.533   1.00 68.63  ?  372 SER A N   1 
ATOM   506 C  CA  . SER A 1 70 ? 11.004  -13.722 6.697   1.00 70.52  ?  372 SER A CA  1 
ATOM   507 C  C   . SER A 1 70 ? 10.082  -12.527 6.496   1.00 64.08  ?  372 SER A C   1 
ATOM   508 O  O   . SER A 1 70 ? 9.866   -11.766 7.446   1.00 66.56  ?  372 SER A O   1 
ATOM   509 C  CB  . SER A 1 70 ? 12.402  -13.221 7.072   1.00 61.44  ?  372 SER A CB  1 
ATOM   510 O  OG  . SER A 1 70 ? 12.995  -12.517 5.996   1.00 66.02  ?  372 SER A OG  1 
ATOM   511 N  N   . THR A 1 71 ? 9.533   -12.340 5.299   1.00 63.68  ?  373 THR A N   1 
ATOM   512 C  CA  . THR A 1 71 ? 8.671   -11.206 5.016   1.00 57.37  ?  373 THR A CA  1 
ATOM   513 C  C   . THR A 1 71 ? 7.359   -11.682 4.409   1.00 54.47  ?  373 THR A C   1 
ATOM   514 O  O   . THR A 1 71 ? 7.233   -12.818 3.949   1.00 56.47  ?  373 THR A O   1 
ATOM   515 C  CB  . THR A 1 71 ? 9.342   -10.204 4.067   1.00 57.72  ?  373 THR A CB  1 
ATOM   516 O  OG1 . THR A 1 71 ? 9.828   -10.891 2.907   1.00 65.65  ?  373 THR A OG1 1 
ATOM   517 C  CG2 . THR A 1 71 ? 10.498  -9.497  4.760   1.00 59.27  ?  373 THR A CG2 1 
ATOM   518 N  N   A VAL A 1 72 ? 6.378   -10.784 4.405   0.69 55.21  ?  374 VAL A N   1 
ATOM   519 N  N   B VAL A 1 72 ? 6.377   -10.785 4.434   0.31 55.73  ?  374 VAL A N   1 
ATOM   520 C  CA  A VAL A 1 72 ? 5.054   -11.025 3.849   0.69 56.37  ?  374 VAL A CA  1 
ATOM   521 C  CA  B VAL A 1 72 ? 5.068   -11.013 3.842   0.31 56.66  ?  374 VAL A CA  1 
ATOM   522 C  C   A VAL A 1 72 ? 4.816   -10.015 2.734   0.69 60.33  ?  374 VAL A C   1 
ATOM   523 C  C   B VAL A 1 72 ? 4.885   -10.024 2.700   0.31 59.68  ?  374 VAL A C   1 
ATOM   524 O  O   A VAL A 1 72 ? 5.113   -8.824  2.890   0.69 58.86  ?  374 VAL A O   1 
ATOM   525 O  O   B VAL A 1 72 ? 5.299   -8.861  2.796   0.31 58.99  ?  374 VAL A O   1 
ATOM   526 C  CB  A VAL A 1 72 ? 3.958   -10.915 4.931   0.69 56.31  ?  374 VAL A CB  1 
ATOM   527 C  CB  B VAL A 1 72 ? 3.941   -10.875 4.888   0.31 55.44  ?  374 VAL A CB  1 
ATOM   528 C  CG1 A VAL A 1 72 ? 2.574   -10.969 4.305   0.69 63.66  ?  374 VAL A CG1 1 
ATOM   529 C  CG1 B VAL A 1 72 ? 3.973   -9.498  5.531   0.31 44.90  ?  374 VAL A CG1 1 
ATOM   530 C  CG2 A VAL A 1 72 ? 4.123   -12.015 5.970   0.69 44.26  ?  374 VAL A CG2 1 
ATOM   531 C  CG2 B VAL A 1 72 ? 2.584   -11.144 4.256   0.31 62.12  ?  374 VAL A CG2 1 
ATOM   532 N  N   . SER A 1 73 ? 4.290   -10.495 1.609   1.00 60.66  ?  375 SER A N   1 
ATOM   533 C  CA  . SER A 1 73 ? 4.012   -9.671  0.444   1.00 58.66  ?  375 SER A CA  1 
ATOM   534 C  C   . SER A 1 73 ? 2.509   -9.470  0.312   1.00 54.57  ?  375 SER A C   1 
ATOM   535 O  O   . SER A 1 73 ? 1.727   -10.395 0.563   1.00 53.23  ?  375 SER A O   1 
ATOM   536 C  CB  . SER A 1 73 ? 4.571   -10.318 -0.827  1.00 57.91  ?  375 SER A CB  1 
ATOM   537 O  OG  . SER A 1 73 ? 4.729   -9.362  -1.861  1.00 82.74  ?  375 SER A OG  1 
ATOM   538 N  N   . ALA A 1 74 ? 2.105   -8.262  -0.082  1.00 47.60  ?  376 ALA A N   1 
ATOM   539 C  CA  . ALA A 1 74 ? 0.685   -7.969  -0.220  1.00 56.59  ?  376 ALA A CA  1 
ATOM   540 C  C   . ALA A 1 74 ? 0.471   -6.861  -1.240  1.00 56.14  ?  376 ALA A C   1 
ATOM   541 O  O   . ALA A 1 74 ? 1.411   -6.191  -1.680  1.00 59.53  ?  376 ALA A O   1 
ATOM   542 C  CB  . ALA A 1 74 ? 0.057   -7.586  1.122   1.00 58.57  ?  376 ALA A CB  1 
ATOM   543 N  N   . ARG A 1 75 ? -0.799  -6.669  -1.592  1.00 64.32  ?  377 ARG A N   1 
ATOM   544 C  CA  A ARG A 1 75 ? -1.226  -5.688  -2.582  0.53 63.30  ?  377 ARG A CA  1 
ATOM   545 C  CA  B ARG A 1 75 ? -1.221  -5.684  -2.580  0.47 63.35  ?  377 ARG A CA  1 
ATOM   546 C  C   . ARG A 1 75 ? -2.145  -4.678  -1.915  1.00 62.31  ?  377 ARG A C   1 
ATOM   547 O  O   . ARG A 1 75 ? -3.178  -5.057  -1.342  1.00 65.58  ?  377 ARG A O   1 
ATOM   548 C  CB  A ARG A 1 75 ? -1.939  -6.375  -3.751  0.53 64.17  ?  377 ARG A CB  1 
ATOM   549 C  CB  B ARG A 1 75 ? -1.916  -6.357  -3.765  0.47 64.25  ?  377 ARG A CB  1 
ATOM   550 C  CG  A ARG A 1 75 ? -1.778  -5.676  -5.092  0.53 69.25  ?  377 ARG A CG  1 
ATOM   551 C  CG  B ARG A 1 75 ? -1.986  -5.499  -5.021  0.47 68.16  ?  377 ARG A CG  1 
ATOM   552 C  CD  A ARG A 1 75 ? -2.326  -6.536  -6.224  0.53 65.32  ?  377 ARG A CD  1 
ATOM   553 C  CD  B ARG A 1 75 ? -2.436  -6.316  -6.224  0.47 66.04  ?  377 ARG A CD  1 
ATOM   554 N  NE  A ARG A 1 75 ? -3.784  -6.633  -6.184  0.53 58.70  ?  377 ARG A NE  1 
ATOM   555 N  NE  B ARG A 1 75 ? -2.191  -5.627  -7.488  0.47 63.27  ?  377 ARG A NE  1 
ATOM   556 C  CZ  A ARG A 1 75 ? -4.594  -6.059  -7.066  0.53 60.75  ?  377 ARG A CZ  1 
ATOM   557 C  CZ  B ARG A 1 75 ? -1.005  -5.557  -8.084  0.47 63.96  ?  377 ARG A CZ  1 
ATOM   558 N  NH1 A ARG A 1 75 ? -4.095  -5.344  -8.065  0.53 57.45  1  377 ARG A NH1 1 
ATOM   559 N  NH1 B ARG A 1 75 ? 0.053   -6.134  -7.530  0.47 68.79  1  377 ARG A NH1 1 
ATOM   560 N  NH2 A ARG A 1 75 ? -5.908  -6.201  -6.951  0.53 61.18  ?  377 ARG A NH2 1 
ATOM   561 N  NH2 B ARG A 1 75 ? -0.875  -4.911  -9.234  0.47 69.64  ?  377 ARG A NH2 1 
ATOM   562 N  N   . LEU A 1 76 ? -1.772  -3.401  -1.984  1.00 54.57  ?  378 LEU A N   1 
ATOM   563 C  CA  . LEU A 1 76 ? -2.568  -2.279  -1.501  1.00 65.87  ?  378 LEU A CA  1 
ATOM   564 C  C   . LEU A 1 76 ? -3.059  -1.495  -2.708  1.00 64.10  ?  378 LEU A C   1 
ATOM   565 O  O   . LEU A 1 76 ? -2.251  -0.900  -3.427  1.00 72.04  ?  378 LEU A O   1 
ATOM   566 C  CB  . LEU A 1 76 ? -1.749  -1.357  -0.601  1.00 61.50  ?  378 LEU A CB  1 
ATOM   567 C  CG  . LEU A 1 76 ? -1.440  -1.694  0.853   1.00 75.08  ?  378 LEU A CG  1 
ATOM   568 C  CD1 . LEU A 1 76 ? -0.341  -0.766  1.329   1.00 68.70  ?  378 LEU A CD1 1 
ATOM   569 C  CD2 . LEU A 1 76 ? -2.677  -1.547  1.717   1.00 79.67  ?  378 LEU A CD2 1 
ATOM   570 N  N   . VAL A 1 77 ? -4.365  -1.476  -2.927  1.00 59.17  ?  379 VAL A N   1 
ATOM   571 C  CA  . VAL A 1 77 ? -4.953  -0.715  -4.021  1.00 63.99  ?  379 VAL A CA  1 
ATOM   572 C  C   . VAL A 1 77 ? -5.538  0.571   -3.454  1.00 67.51  ?  379 VAL A C   1 
ATOM   573 O  O   . VAL A 1 77 ? -6.408  0.537   -2.573  1.00 67.28  ?  379 VAL A O   1 
ATOM   574 C  CB  . VAL A 1 77 ? -6.012  -1.533  -4.774  1.00 65.22  ?  379 VAL A CB  1 
ATOM   575 C  CG1 . VAL A 1 77 ? -6.564  -0.726  -5.938  1.00 62.10  ?  379 VAL A CG1 1 
ATOM   576 C  CG2 . VAL A 1 77 ? -5.403  -2.832  -5.277  1.00 71.14  ?  379 VAL A CG2 1 
ATOM   577 N  N   . ILE A 1 78 ? -5.042  1.703   -3.953  1.00 61.97  ?  380 ILE A N   1 
ATOM   578 C  CA  . ILE A 1 78 ? -5.495  3.033   -3.564  1.00 70.27  ?  380 ILE A CA  1 
ATOM   579 C  C   . ILE A 1 78 ? -6.335  3.600   -4.699  1.00 79.73  ?  380 ILE A C   1 
ATOM   580 O  O   . ILE A 1 78 ? -5.912  3.579   -5.862  1.00 84.89  ?  380 ILE A O   1 
ATOM   581 C  CB  . ILE A 1 78 ? -4.310  3.963   -3.252  1.00 77.41  ?  380 ILE A CB  1 
ATOM   582 C  CG1 . ILE A 1 78 ? -3.266  3.248   -2.396  1.00 80.91  ?  380 ILE A CG1 1 
ATOM   583 C  CG2 . ILE A 1 78 ? -4.792  5.228   -2.561  1.00 77.12  ?  380 ILE A CG2 1 
ATOM   584 C  CD1 . ILE A 1 78 ? -3.709  2.987   -0.983  1.00 72.74  ?  380 ILE A CD1 1 
ATOM   585 N  N   . GLY A 1 79 ? -7.516  4.111   -4.362  1.00 82.14  ?  381 GLY A N   1 
ATOM   586 C  CA  . GLY A 1 79 ? -8.373  4.732   -5.353  1.00 89.13  ?  381 GLY A CA  1 
ATOM   587 C  C   . GLY A 1 79 ? -9.766  4.140   -5.413  1.00 102.59 ?  381 GLY A C   1 
ATOM   588 O  O   . GLY A 1 79 ? -9.941  2.925   -5.281  1.00 90.66  ?  381 GLY A O   1 
ATOM   589 N  N   . GLY A 1 80 ? -10.765 4.994   -5.617  1.00 117.54 ?  382 GLY A N   1 
ATOM   590 C  CA  . GLY A 1 80 ? -12.143 4.550   -5.710  1.00 127.80 ?  382 GLY A CA  1 
ATOM   591 C  C   . GLY A 1 80 ? -12.955 5.352   -6.709  1.00 140.69 ?  382 GLY A C   1 
ATOM   592 O  O   . GLY A 1 80 ? -13.724 4.793   -7.492  1.00 146.23 ?  382 GLY A O   1 
HETATM 593 BR BR  . BR  B 2 .  ? 10.286  1.830   -0.230  1.00 143.94 ?  401 BR  A BR  1 
HETATM 594 BR BR  . BR  C 2 .  ? -9.137  7.684   -2.743  1.00 168.83 ?  402 BR  A BR  1 
HETATM 595 BR BR  . BR  D 2 .  ? 1.803   -11.485 11.640  0.50 69.68  ?  403 BR  A BR  1 
HETATM 596 C  CB  . GLU E 3 .  ? -7.754  -5.119  -3.783  1.00 95.50  ?  404 GLU A CB  1 
HETATM 597 C  CG  . GLU E 3 .  ? -6.735  -5.803  -2.887  1.00 91.20  ?  404 GLU A CG  1 
HETATM 598 C  CD  . GLU E 3 .  ? -6.288  -7.146  -3.434  1.00 98.22  ?  404 GLU A CD  1 
HETATM 599 O  OE1 . GLU E 3 .  ? -5.385  -7.168  -4.298  1.00 96.59  ?  404 GLU A OE1 1 
HETATM 600 O  OE2 . GLU E 3 .  ? -6.844  -8.178  -3.005  1.00 93.13  -1 404 GLU A OE2 1 
HETATM 601 C  CA  . GLU F 3 .  ? 12.449  -0.131  13.311  1.00 89.00  ?  405 GLU A CA  1 
HETATM 602 C  CB  . GLU F 3 .  ? 10.989  -0.488  13.028  1.00 90.07  ?  405 GLU A CB  1 
HETATM 603 C  CG  . GLU F 3 .  ? 9.977   0.424   13.706  1.00 78.70  ?  405 GLU A CG  1 
HETATM 604 C  CD  . GLU F 3 .  ? 8.553   0.156   13.254  1.00 86.47  ?  405 GLU A CD  1 
HETATM 605 O  OE1 . GLU F 3 .  ? 7.933   1.064   12.662  1.00 82.94  ?  405 GLU A OE1 1 
HETATM 606 O  OE2 . GLU F 3 .  ? 8.051   -0.964  13.488  1.00 97.88  -1 405 GLU A OE2 1 
HETATM 607 C  CB  . GLU G 3 .  ? 6.084   -18.583 -0.458  1.00 113.19 ?  406 GLU A CB  1 
HETATM 608 C  CG  . GLU G 3 .  ? 4.590   -18.851 -0.406  1.00 119.32 ?  406 GLU A CG  1 
HETATM 609 C  CD  . GLU G 3 .  ? 3.802   -17.955 -1.341  1.00 128.02 ?  406 GLU A CD  1 
HETATM 610 O  OE1 . GLU G 3 .  ? 4.140   -16.757 -1.444  1.00 122.23 -1 406 GLU A OE1 1 
HETATM 611 O  OE2 . GLU G 3 .  ? 2.842   -18.448 -1.970  1.00 130.81 ?  406 GLU A OE2 1 
HETATM 612 O  O   . HOH H 4 .  ? 7.003   0.178   10.207  1.00 72.63  ?  501 HOH A O   1 
HETATM 613 O  O   . HOH H 4 .  ? 3.676   8.903   7.792   1.00 79.44  ?  502 HOH A O   1 
HETATM 614 O  O   . HOH H 4 .  ? 8.853   2.800   4.117   1.00 57.41  ?  503 HOH A O   1 
HETATM 615 O  O   . HOH H 4 .  ? 3.738   3.768   12.302  1.00 72.70  ?  504 HOH A O   1 
HETATM 616 O  O   . HOH H 4 .  ? -9.087  -8.905  -1.746  1.00 79.99  ?  505 HOH A O   1 
HETATM 617 O  O   . HOH H 4 .  ? 3.087   -18.761 2.734   1.00 54.12  ?  506 HOH A O   1 
HETATM 618 O  O   . HOH H 4 .  ? -5.047  -7.510  7.847   1.00 51.93  ?  507 HOH A O   1 
HETATM 619 O  O   . HOH H 4 .  ? 1.167   3.454   -15.941 1.00 74.84  ?  508 HOH A O   1 
HETATM 620 O  O   . HOH H 4 .  ? -4.358  3.597   12.099  0.50 57.61  ?  509 HOH A O   1 
HETATM 621 O  O   . HOH H 4 .  ? -6.866  -11.354 -1.561  1.00 59.67  ?  510 HOH A O   1 
HETATM 622 O  O   . HOH H 4 .  ? -9.122  1.804   10.377  1.00 61.32  ?  511 HOH A O   1 
HETATM 623 O  O   . HOH H 4 .  ? 2.683   -20.869 1.243   1.00 61.37  ?  512 HOH A O   1 
# 
loop_
_atom_site_anisotrop.id 
_atom_site_anisotrop.type_symbol 
_atom_site_anisotrop.pdbx_label_atom_id 
_atom_site_anisotrop.pdbx_label_alt_id 
_atom_site_anisotrop.pdbx_label_comp_id 
_atom_site_anisotrop.pdbx_label_asym_id 
_atom_site_anisotrop.pdbx_label_seq_id 
_atom_site_anisotrop.pdbx_PDB_ins_code 
_atom_site_anisotrop.U[1][1] 
_atom_site_anisotrop.U[2][2] 
_atom_site_anisotrop.U[3][3] 
_atom_site_anisotrop.U[1][2] 
_atom_site_anisotrop.U[1][3] 
_atom_site_anisotrop.U[2][3] 
_atom_site_anisotrop.pdbx_auth_seq_id 
_atom_site_anisotrop.pdbx_auth_comp_id 
_atom_site_anisotrop.pdbx_auth_asym_id 
_atom_site_anisotrop.pdbx_auth_atom_id 
1   N  N   . GLY A 1  ? 1.7466 1.5773 1.7158 -0.1346 -0.1924 0.3025 303 GLY A N   
2   C  CA  . GLY A 1  ? 1.8196 1.6603 1.7770 -0.1419 -0.1790 0.3001 303 GLY A CA  
3   C  C   . GLY A 1  ? 1.8436 1.6761 1.8177 -0.1347 -0.1746 0.2872 303 GLY A C   
4   O  O   . GLY A 1  ? 1.9779 1.7976 1.9652 -0.1385 -0.1823 0.2947 303 GLY A O   
5   N  N   . GLN A 2  ? 1.6400 1.4799 1.6130 -0.1248 -0.1624 0.2679 304 GLN A N   
6   C  CA  . GLN A 2  ? 1.6002 1.4354 1.5881 -0.1177 -0.1573 0.2542 304 GLN A CA  
7   C  C   . GLN A 2  ? 1.4976 1.3487 1.4732 -0.1152 -0.1396 0.2407 304 GLN A C   
8   O  O   . GLN A 2  ? 1.2928 1.1429 1.2791 -0.1099 -0.1343 0.2293 304 GLN A O   
9   C  CB  . GLN A 2  ? 1.7128 1.5364 1.7220 -0.1042 -0.1648 0.2421 304 GLN A CB  
10  C  CG  . GLN A 2  ? 1.7748 1.6088 1.7795 -0.0939 -0.1558 0.2245 304 GLN A CG  
11  C  CD  . GLN A 2  ? 1.8933 1.7381 1.8767 -0.0972 -0.1531 0.2289 304 GLN A CD  
12  O  OE1 . GLN A 2  ? 1.9364 1.7795 1.9141 -0.1042 -0.1619 0.2443 304 GLN A OE1 
13  N  NE2 . GLN A 2  ? 1.8913 1.7472 1.8629 -0.0927 -0.1413 0.2156 304 GLN A NE2 
14  N  N   . LEU A 3  ? 1.4163 1.2815 1.3696 -0.1190 -0.1308 0.2417 305 LEU A N   
15  C  CA  . LEU A 3  ? 1.2726 1.1504 1.2144 -0.1143 -0.1148 0.2276 305 LEU A CA  
16  C  C   . LEU A 3  ? 1.2455 1.1302 1.1884 -0.1177 -0.1060 0.2265 305 LEU A C   
17  O  O   . LEU A 3  ? 1.3168 1.2059 1.2632 -0.1103 -0.0965 0.2128 305 LEU A O   
18  C  CB  . LEU A 3  ? 1.3390 1.2288 1.2565 -0.1190 -0.1085 0.2301 305 LEU A CB  
19  C  CG  . LEU A 3  ? 1.4518 1.3549 1.3521 -0.1168 -0.0921 0.2190 305 LEU A CG  
20  C  CD1 . LEU A 3  ? 1.3456 1.2513 1.2317 -0.1139 -0.0896 0.2128 305 LEU A CD1 
21  C  CD2 . LEU A 3  ? 1.4837 1.3999 1.3696 -0.1274 -0.0855 0.2284 305 LEU A CD2 
22  N  N   . LEU A 4  ? 1.1999 1.0869 1.1397 -0.1295 -0.1093 0.2415 306 LEU A N   
23  C  CA  . LEU A 4  ? 1.3026 1.1983 1.2438 -0.1337 -0.1013 0.2414 306 LEU A CA  
24  C  C   . LEU A 4  ? 1.3097 1.1948 1.2730 -0.1274 -0.1044 0.2331 306 LEU A C   
25  O  O   . LEU A 4  ? 1.4409 1.3349 1.4066 -0.1257 -0.0949 0.2258 306 LEU A O   
26  C  CB  . LEU A 4  ? 1.3838 1.2842 1.3178 -0.1492 -0.1059 0.2601 306 LEU A CB  
27  C  CG  . LEU A 4  ? 1.5168 1.4307 1.4490 -0.1565 -0.0979 0.2629 306 LEU A CG  
28  C  CD1 . LEU A 4  ? 1.5185 1.4550 1.4309 -0.1567 -0.0823 0.2576 306 LEU A CD1 
29  C  CD2 . LEU A 4  ? 1.5665 1.4776 1.4993 -0.1721 -0.1080 0.2824 306 LEU A CD2 
30  N  N   . GLY A 5  ? 1.0878 0.9549 1.0679 -0.1235 -0.1173 0.2336 307 GLY A N   
31  C  CA  . GLY A 5  ? 1.0594 0.9173 1.0605 -0.1163 -0.1195 0.2224 307 GLY A CA  
32  C  C   . GLY A 5  ? 1.1858 1.0512 1.1878 -0.1044 -0.1095 0.2036 307 GLY A C   
33  O  O   . GLY A 5  ? 1.2593 1.1279 1.2712 -0.1008 -0.1041 0.1938 307 GLY A O   
34  N  N   . LEU A 6  ? 1.0515 0.9206 1.0429 -0.0990 -0.1071 0.1989 308 LEU A N   
35  C  CA  . LEU A 6  ? 1.0978 0.9747 1.0867 -0.0894 -0.0971 0.1826 308 LEU A CA  
36  C  C   . LEU A 6  ? 1.1062 0.9975 1.0851 -0.0909 -0.0832 0.1793 308 LEU A C   
37  O  O   . LEU A 6  ? 1.2496 1.1457 1.2357 -0.0846 -0.0767 0.1675 308 LEU A O   
38  C  CB  . LEU A 6  ? 1.0831 0.9618 1.0582 -0.0861 -0.0966 0.1802 308 LEU A CB  
39  C  CG  . LEU A 6  ? 1.1075 0.9754 1.0909 -0.0836 -0.1099 0.1831 308 LEU A CG  
40  C  CD1 . LEU A 6  ? 1.0634 0.9367 1.0310 -0.0813 -0.1073 0.1796 308 LEU A CD1 
41  C  CD2 . LEU A 6  ? 1.0293 0.8891 1.0365 -0.0751 -0.1164 0.1724 308 LEU A CD2 
42  N  N   . LEU A 7  ? 1.0176 0.9177 0.9807 -0.0992 -0.0785 0.1899 309 LEU A N   
43  C  CA  . LEU A 7  ? 1.1735 1.0888 1.1294 -0.1001 -0.0656 0.1871 309 LEU A CA  
44  C  C   . LEU A 7  ? 1.1706 1.0865 1.1423 -0.1028 -0.0667 0.1878 309 LEU A C   
45  O  O   . LEU A 7  ? 1.1876 1.1152 1.1603 -0.0998 -0.0569 0.1810 309 LEU A O   
46  C  CB  . LEU A 7  ? 1.2031 1.1300 1.1391 -0.1088 -0.0605 0.1975 309 LEU A CB  
47  C  CG  . LEU A 7  ? 1.4782 1.4229 1.4005 -0.1066 -0.0452 0.1919 309 LEU A CG  
48  C  CD1 . LEU A 7  ? 1.7126 1.6680 1.6148 -0.1150 -0.0417 0.2009 309 LEU A CD1 
49  C  CD2 . LEU A 7  ? 1.6468 1.6024 1.5783 -0.1071 -0.0391 0.1906 309 LEU A CD2 
50  N  N   . GLY A 8  ? 1.0880 0.9913 1.0729 -0.1084 -0.0787 0.1958 310 GLY A N   
51  C  CA  . GLY A 8  ? 1.0181 0.9199 1.0187 -0.1111 -0.0804 0.1950 310 GLY A CA  
52  C  C   . GLY A 8  ? 1.0393 0.9403 1.0540 -0.1009 -0.0777 0.1785 310 GLY A C   
53  O  O   . GLY A 8  ? 1.1443 1.0565 1.1628 -0.1002 -0.0698 0.1730 310 GLY A O   
54  N  N   . GLN A 9  ? 0.9710 0.8605 0.9936 -0.0932 -0.0843 0.1709 311 GLN A N   
55  C  CA  . GLN A 9  ? 1.0662 0.9570 1.1017 -0.0840 -0.0820 0.1548 311 GLN A CA  
56  C  C   . GLN A 9  ? 1.0615 0.9685 1.0862 -0.0789 -0.0684 0.1466 311 GLN A C   
57  O  O   . GLN A 9  ? 1.1316 1.0471 1.1640 -0.0765 -0.0627 0.1385 311 GLN A O   
58  C  CB  . GLN A 9  ? 1.1506 1.0300 1.1941 -0.0769 -0.0908 0.1483 311 GLN A CB  
59  C  CG  . GLN A 9  ? 1.2746 1.1369 1.3263 -0.0806 -0.1049 0.1584 311 GLN A CG  
60  C  CD  . GLN A 9  ? 1.4593 1.3126 1.5227 -0.0718 -0.1136 0.1499 311 GLN A CD  
61  O  OE1 . GLN A 9  ? 1.4915 1.3503 1.5627 -0.0641 -0.1103 0.1349 311 GLN A OE1 
62  N  NE2 . GLN A 9  ? 1.4509 1.2920 1.5158 -0.0733 -0.1249 0.1597 311 GLN A NE2 
63  N  N   . ALA A 10 ? 0.8890 0.8000 0.8954 -0.0774 -0.0634 0.1486 312 ALA A N   
64  C  CA  . ALA A 10 ? 0.9213 0.8452 0.9162 -0.0724 -0.0507 0.1417 312 ALA A CA  
65  C  C   . ALA A 10 ? 0.8367 0.7742 0.8309 -0.0762 -0.0425 0.1451 312 ALA A C   
66  O  O   . ALA A 10 ? 0.8490 0.7971 0.8437 -0.0709 -0.0339 0.1373 312 ALA A O   
67  C  CB  . ALA A 10 ? 0.9863 0.9108 0.9604 -0.0720 -0.0470 0.1445 312 ALA A CB  
68  N  N   . ALA A 11 ? 0.9611 0.8997 0.9546 -0.0856 -0.0455 0.1572 313 ALA A N   
69  C  CA  . ALA A 11 ? 0.9723 0.9265 0.9654 -0.0902 -0.0380 0.1610 313 ALA A CA  
70  C  C   . ALA A 11 ? 1.0422 0.9986 1.0535 -0.0893 -0.0388 0.1546 313 ALA A C   
71  O  O   . ALA A 11 ? 0.9665 0.9386 0.9786 -0.0877 -0.0299 0.1514 313 ALA A O   
72  C  CB  . ALA A 11 ? 1.0873 1.0426 1.0747 -0.1023 -0.0419 0.1762 313 ALA A CB  
73  N  N   . THR A 12 ? 1.0712 1.0128 1.0976 -0.0902 -0.0493 0.1523 314 THR A N   
74  C  CA  . THR A 12 ? 1.0876 1.0314 1.1313 -0.0892 -0.0500 0.1439 314 THR A CA  
75  C  C   . THR A 12 ? 1.0443 0.9971 1.0893 -0.0793 -0.0427 0.1305 314 THR A C   
76  O  O   . THR A 12 ? 1.0097 0.9772 1.0589 -0.0785 -0.0357 0.1265 314 THR A O   
77  C  CB  . THR A 12 ? 1.0655 0.9904 1.1253 -0.0910 -0.0629 0.1424 314 THR A CB  
78  O  OG1 . THR A 12 ? 1.0965 1.0115 1.1545 -0.1009 -0.0706 0.1564 314 THR A OG1 
79  C  CG2 . THR A 12 ? 0.9634 0.8915 1.0407 -0.0911 -0.0633 0.1328 314 THR A CG2 
80  N  N   . VAL A 13 ? 0.9811 0.9264 1.0223 -0.0721 -0.0447 0.1242 315 VAL A N   
81  C  CA  . VAL A 13 ? 0.8467 0.7988 0.8890 -0.0638 -0.0393 0.1119 315 VAL A CA  
82  C  C   . VAL A 13 ? 0.7381 0.7057 0.7684 -0.0610 -0.0272 0.1127 315 VAL A C   
83  O  O   . VAL A 13 ? 0.8470 0.8265 0.8834 -0.0581 -0.0219 0.1065 315 VAL A O   
84  C  CB  . VAL A 13 ? 0.8076 0.7496 0.8454 -0.0582 -0.0438 0.1066 315 VAL A CB  
85  C  CG1 . VAL A 13 ? 0.6467 0.5963 0.6837 -0.0510 -0.0383 0.0950 315 VAL A CG1 
86  C  CG2 . VAL A 13 ? 0.6519 0.5801 0.7042 -0.0592 -0.0558 0.1049 315 VAL A CG2 
87  N  N   . ILE A 14 ? 0.7990 0.7674 0.8125 -0.0618 -0.0230 0.1200 316 ILE A N   
88  C  CA  . ILE A 14 ? 0.8870 0.8692 0.8894 -0.0579 -0.0115 0.1201 316 ILE A CA  
89  C  C   . ILE A 14 ? 0.9561 0.9542 0.9654 -0.0621 -0.0069 0.1243 316 ILE A C   
90  O  O   . ILE A 14 ? 0.9378 0.9499 0.9468 -0.0571 0.0014  0.1209 316 ILE A O   
91  C  CB  . ILE A 14 ? 0.8532 0.8330 0.8360 -0.0585 -0.0082 0.1261 316 ILE A CB  
92  C  CG1 . ILE A 14 ? 0.8365 0.8022 0.8118 -0.0546 -0.0124 0.1213 316 ILE A CG1 
93  C  CG2 . ILE A 14 ? 0.7384 0.7324 0.7105 -0.0538 0.0038  0.1255 316 ILE A CG2 
94  C  CD1 . ILE A 14 ? 0.9753 0.9375 0.9319 -0.0570 -0.0107 0.1271 316 ILE A CD1 
95  N  N   . GLY A 15 ? 0.8282 0.8246 0.8444 -0.0713 -0.0126 0.1320 317 GLY A N   
96  C  CA  . GLY A 15 ? 0.7934 0.8053 0.8172 -0.0767 -0.0092 0.1357 317 GLY A CA  
97  C  C   . GLY A 15 ? 0.9356 0.9541 0.9744 -0.0738 -0.0086 0.1266 317 GLY A C   
98  O  O   . GLY A 15 ? 0.9641 1.0004 1.0072 -0.0751 -0.0026 0.1275 317 GLY A O   
99  N  N   . GLY A 16 ? 0.9944 1.0007 1.0416 -0.0702 -0.0146 0.1178 318 GLY A N   
100 C  CA  . GLY A 16 ? 0.9633 0.9778 1.0235 -0.0675 -0.0138 0.1081 318 GLY A CA  
101 C  C   . GLY A 16 ? 0.9903 1.0167 1.0452 -0.0588 -0.0054 0.1025 318 GLY A C   
102 O  O   . GLY A 16 ? 0.8678 0.9009 0.9326 -0.0567 -0.0052 0.0943 318 GLY A O   
103 N  N   . GLU A 17 ? 1.0493 1.0781 1.0886 -0.0540 0.0014  0.1064 319 GLU A N   
104 C  CA  . GLU A 17 ? 0.8708 0.9076 0.9040 -0.0452 0.0089  0.1017 319 GLU A CA  
105 C  C   . GLU A 17 ? 0.8965 0.9501 0.9237 -0.0432 0.0182  0.1077 319 GLU A C   
106 O  O   . GLU A 17 ? 1.0024 1.0542 1.0161 -0.0421 0.0219  0.1129 319 GLU A O   
107 C  CB  . GLU A 17 ? 0.8368 0.8587 0.8566 -0.0395 0.0082  0.0984 319 GLU A CB  
108 C  CG  . GLU A 17 ? 0.8808 0.8896 0.9070 -0.0399 -0.0004 0.0912 319 GLU A CG  
109 C  CD  . GLU A 17 ? 0.9595 0.9757 0.9958 -0.0372 -0.0005 0.0822 319 GLU A CD  
110 O  OE1 . GLU A 17 ? 0.9604 0.9893 0.9959 -0.0335 0.0062  0.0820 319 GLU A OE1 
111 O  OE2 . GLU A 17 ? 1.0578 1.0684 1.1035 -0.0386 -0.0076 0.0755 319 GLU A OE2 
112 N  N   . PRO A 18 ? 0.9463 1.0183 0.9828 -0.0425 0.0224  0.1072 320 PRO A N   
113 C  CA  . PRO A 18 ? 0.8562 0.9467 0.8883 -0.0399 0.0313  0.1130 320 PRO A CA  
114 C  C   . PRO A 18 ? 0.8564 0.9458 0.8753 -0.0288 0.0384  0.1111 320 PRO A C   
115 O  O   . PRO A 18 ? 0.9383 1.0378 0.9494 -0.0259 0.0453  0.1156 320 PRO A O   
116 C  CB  . PRO A 18 ? 0.8340 0.9442 0.8807 -0.0416 0.0328  0.1121 320 PRO A CB  
117 C  CG  . PRO A 18 ? 0.8483 0.9493 0.9071 -0.0480 0.0242  0.1065 320 PRO A CG  
118 C  CD  . PRO A 18 ? 0.9270 1.0058 0.9789 -0.0444 0.0193  0.1013 320 PRO A CD  
119 N  N   . THR A 19 ? 0.8546 0.9323 0.8709 -0.0227 0.0368  0.1043 321 THR A N   
120 C  CA  . THR A 19 ? 0.7890 0.8634 0.7932 -0.0122 0.0431  0.1021 321 THR A CA  
121 C  C   . THR A 19 ? 0.7590 0.8176 0.7462 -0.0110 0.0439  0.1023 321 THR A C   
122 O  O   . THR A 19 ? 0.9618 1.0161 0.9375 -0.0027 0.0494  0.0999 321 THR A O   
123 C  CB  . THR A 19 ? 0.7135 0.7819 0.7206 -0.0076 0.0407  0.0954 321 THR A CB  
124 O  OG1 . THR A 19 ? 1.0034 1.0595 1.0150 -0.0137 0.0322  0.0911 321 THR A OG1 
125 C  CG2 . THR A 19 ? 0.5517 0.6401 0.5724 -0.0064 0.0428  0.0960 321 THR A CG2 
126 N  N   . VAL A 20 ? 0.7071 0.7570 0.6925 -0.0191 0.0383  0.1051 322 VAL A N   
127 C  CA  . VAL A 20 ? 0.7381 0.7730 0.7076 -0.0196 0.0376  0.1055 322 VAL A CA  
128 C  C   . VAL A 20 ? 0.8634 0.9077 0.8271 -0.0246 0.0409  0.1132 322 VAL A C   
129 O  O   . VAL A 20 ? 0.9580 1.0117 0.9314 -0.0326 0.0380  0.1191 322 VAL A O   
130 C  CB  . VAL A 20 ? 0.8011 0.8188 0.7725 -0.0249 0.0276  0.1033 322 VAL A CB  
131 C  CG1 . VAL A 20 ? 0.7663 0.7697 0.7204 -0.0246 0.0271  0.1031 322 VAL A CG1 
132 C  CG2 . VAL A 20 ? 0.7340 0.7477 0.7139 -0.0217 0.0242  0.0958 322 VAL A CG2 
133 N  N   . SER A 21 ? 0.7734 0.8156 0.7211 -0.0209 0.0466  0.1129 323 SER A N   
134 C  CA  . SER A 21 ? 0.7527 0.8047 0.6922 -0.0261 0.0500  0.1195 323 SER A CA  
135 C  C   . SER A 21 ? 0.8402 0.8769 0.7637 -0.0288 0.0477  0.1191 323 SER A C   
136 O  O   . SER A 21 ? 0.8690 0.8921 0.7832 -0.0226 0.0486  0.1123 323 SER A O   
137 C  CB  . SER A 21 ? 0.7282 0.7992 0.6639 -0.0186 0.0612  0.1186 323 SER A CB  
138 O  OG  . SER A 21 ? 0.9778 1.0394 0.9006 -0.0087 0.0667  0.1114 323 SER A OG  
139 N  N   . VAL A 22 ? 0.8501 0.8893 0.7699 -0.0389 0.0442  0.1270 324 VAL A N   
140 C  CA  . VAL A 22 ? 0.8770 0.9045 0.7815 -0.0432 0.0414  0.1285 324 VAL A CA  
141 C  C   . VAL A 22 ? 0.8659 0.9070 0.7556 -0.0424 0.0511  0.1290 324 VAL A C   
142 O  O   . VAL A 22 ? 0.9967 1.0553 0.8871 -0.0490 0.0532  0.1363 324 VAL A O   
143 C  CB  . VAL A 22 ? 0.8383 0.8595 0.7476 -0.0551 0.0307  0.1375 324 VAL A CB  
144 C  CG1 . VAL A 22 ? 0.7224 0.7343 0.6157 -0.0597 0.0279  0.1399 324 VAL A CG1 
145 C  CG2 . VAL A 22 ? 0.7905 0.7987 0.7153 -0.0547 0.0215  0.1350 324 VAL A CG2 
146 N  N   . GLU A 23 ? 0.9062 0.9402 0.7824 -0.0344 0.0570  0.1209 325 GLU A N   
147 C  CA  . GLU A 23 ? 1.0021 1.0483 0.8636 -0.0328 0.0665  0.1191 325 GLU A CA  
148 C  C   . GLU A 23 ? 1.0860 1.1299 0.9328 -0.0431 0.0636  0.1239 325 GLU A C   
149 O  O   . GLU A 23 ? 1.0237 1.0852 0.8624 -0.0475 0.0693  0.1271 325 GLU A O   
150 C  CB  . GLU A 23 ? 1.0254 1.0637 0.8779 -0.0198 0.0744  0.1076 325 GLU A CB  
151 C  CG  . GLU A 23 ? 1.3172 1.3601 1.1827 -0.0089 0.0782  0.1034 325 GLU A CG  
152 C  CD  . GLU A 23 ? 1.6623 1.6935 1.5184 0.0034  0.0845  0.0930 325 GLU A CD  
153 O  OE1 . GLU A 23 ? 1.7484 1.7888 1.6103 0.0138  0.0911  0.0897 325 GLU A OE1 
154 O  OE2 . GLU A 23 ? 1.6987 1.7112 1.5412 0.0024  0.0823  0.0885 325 GLU A OE2 
155 N  N   . GLN A 24 ? 1.1207 1.1458 0.9642 -0.0475 0.0548  0.1248 326 GLN A N   
156 C  CA  . GLN A 24 ? 1.0173 1.0408 0.8460 -0.0573 0.0519  0.1298 326 GLN A CA  
157 C  C   . GLN A 24 ? 0.9822 0.9910 0.8168 -0.0650 0.0386  0.1365 326 GLN A C   
158 O  O   . GLN A 24 ? 1.0411 1.0375 0.8882 -0.0610 0.0327  0.1340 326 GLN A O   
159 C  CB  . GLN A 24 ? 1.1336 1.1498 0.9428 -0.0524 0.0584  0.1200 326 GLN A CB  
160 C  CG  . GLN A 24 ? 1.2223 1.2563 1.0194 -0.0502 0.0704  0.1161 326 GLN A CG  
161 C  CD  . GLN A 24 ? 1.3644 1.3885 1.1417 -0.0466 0.0760  0.1059 326 GLN A CD  
162 O  OE1 . GLN A 24 ? 1.3940 1.3978 1.1685 -0.0412 0.0736  0.0991 326 GLN A OE1 
163 N  NE2 . GLN A 24 ? 1.4986 1.5377 1.2616 -0.0502 0.0834  0.1044 326 GLN A NE2 
164 N  N   A LEU A 25 ? 1.0116 1.0233 0.8373 -0.0762 0.0340  0.1455 327 LEU A N   
165 N  N   B LEU A 25 ? 1.0105 1.0214 0.8363 -0.0761 0.0338  0.1453 327 LEU A N   
166 C  CA  A LEU A 25 ? 1.0298 1.0284 0.8586 -0.0838 0.0213  0.1530 327 LEU A CA  
167 C  CA  B LEU A 25 ? 1.0406 1.0359 0.8698 -0.0816 0.0213  0.1505 327 LEU A CA  
168 C  C   A LEU A 25 ? 1.0643 1.0613 0.8733 -0.0898 0.0209  0.1542 327 LEU A C   
169 C  C   B LEU A 25 ? 1.0562 1.0538 0.8680 -0.0915 0.0191  0.1568 327 LEU A C   
170 O  O   A LEU A 25 ? 1.0785 1.0877 0.8721 -0.0913 0.0300  0.1517 327 LEU A O   
171 O  O   B LEU A 25 ? 1.0257 1.0398 0.8269 -0.0974 0.0250  0.1606 327 LEU A O   
172 C  CB  A LEU A 25 ? 0.9920 0.9966 0.8325 -0.0943 0.0130  0.1668 327 LEU A CB  
173 C  CB  B LEU A 25 ? 0.9705 0.9634 0.8192 -0.0865 0.0113  0.1597 327 LEU A CB  
174 C  CG  A LEU A 25 ? 0.9245 0.9276 0.7864 -0.0921 0.0092  0.1681 327 LEU A CG  
175 C  CG  B LEU A 25 ? 0.9674 0.9693 0.8203 -0.0991 0.0053  0.1742 327 LEU A CG  
176 C  CD1 A LEU A 25 ? 0.9902 0.9871 0.8622 -0.1028 -0.0038 0.1810 327 LEU A CD1 
177 C  CD1 B LEU A 25 ? 1.0224 1.0169 0.8682 -0.1088 -0.0048 0.1841 327 LEU A CD1 
178 C  CD2 A LEU A 25 ? 0.9186 0.9085 0.7900 -0.0808 0.0087  0.1569 327 LEU A CD2 
179 C  CD2 B LEU A 25 ? 0.9443 0.9413 0.8189 -0.0986 -0.0012 0.1768 327 LEU A CD2 
180 N  N   . ASP A 26 ? 1.0883 1.0712 0.8981 -0.0933 0.0103  0.1577 328 ASP A N   
181 C  CA  . ASP A 26 ? 1.0047 0.9872 0.7972 -0.1014 0.0077  0.1616 328 ASP A CA  
182 C  C   . ASP A 26 ? 1.0894 1.0616 0.8923 -0.1075 -0.0074 0.1720 328 ASP A C   
183 O  O   . ASP A 26 ? 1.0645 1.0224 0.8729 -0.1027 -0.0135 0.1676 328 ASP A O   
184 C  CB  . ASP A 26 ? 1.1740 1.1485 0.9512 -0.0952 0.0138  0.1487 328 ASP A CB  
185 C  CG  . ASP A 26 ? 1.4736 1.4456 1.2352 -0.1037 0.0089  0.1525 328 ASP A CG  
186 O  OD1 . ASP A 26 ? 1.5915 1.5768 1.3408 -0.1133 0.0108  0.1593 328 ASP A OD1 
187 O  OD2 . ASP A 26 ? 1.6067 1.5653 1.3683 -0.1014 0.0030  0.1489 328 ASP A OD2 
188 N  N   . PHE A 27 ? 1.0790 1.0588 0.8846 -0.1182 -0.0134 0.1863 329 PHE A N   
189 C  CA  . PHE A 27 ? 1.1196 1.0898 0.9372 -0.1243 -0.0283 0.1984 329 PHE A CA  
190 C  C   . PHE A 27 ? 1.1691 1.1394 0.9719 -0.1327 -0.0340 0.2054 329 PHE A C   
191 O  O   . PHE A 27 ? 1.1005 1.0851 0.8881 -0.1424 -0.0305 0.2121 329 PHE A O   
192 C  CB  . PHE A 27 ? 1.1355 1.1137 0.9630 -0.1322 -0.0314 0.2104 329 PHE A CB  
193 C  CG  . PHE A 27 ? 1.2649 1.2344 1.1025 -0.1411 -0.0469 0.2259 329 PHE A CG  
194 C  CD1 . PHE A 27 ? 1.2586 1.2159 1.1176 -0.1384 -0.0553 0.2281 329 PHE A CD1 
195 C  CD2 . PHE A 27 ? 1.2626 1.2364 1.0881 -0.1528 -0.0533 0.2387 329 PHE A CD2 
196 C  CE1 . PHE A 27 ? 1.2512 1.1987 1.1199 -0.1461 -0.0697 0.2424 329 PHE A CE1 
197 C  CE2 . PHE A 27 ? 1.2965 1.2614 1.1317 -0.1608 -0.0683 0.2542 329 PHE A CE2 
198 C  CZ  . PHE A 27 ? 1.2625 1.2131 1.1195 -0.1570 -0.0765 0.2558 329 PHE A CZ  
199 N  N   . SER A 28 ? 1.2141 1.1711 1.0208 -0.1292 -0.0425 0.2036 330 SER A N   
200 C  CA  . SER A 28 ? 1.1187 1.0766 0.9112 -0.1364 -0.0477 0.2093 330 SER A CA  
201 C  C   . SER A 28 ? 1.0504 0.9988 0.8573 -0.1401 -0.0644 0.2222 330 SER A C   
202 O  O   . SER A 28 ? 1.2414 1.1774 1.0601 -0.1324 -0.0713 0.2172 330 SER A O   
203 C  CB  . SER A 28 ? 1.2244 1.1772 1.0053 -0.1297 -0.0423 0.1952 330 SER A CB  
204 O  OG  . SER A 28 ? 1.3534 1.3084 1.1204 -0.1373 -0.0476 0.2006 330 SER A OG  
205 N  N   . ALA A 29 ? 1.1116 1.0660 0.9173 -0.1520 -0.0713 0.2389 331 ALA A N   
206 C  CA  . ALA A 29 ? 1.1904 1.1349 1.0086 -0.1559 -0.0880 0.2528 331 ALA A CA  
207 C  C   . ALA A 29 ? 1.2569 1.1993 1.0672 -0.1560 -0.0940 0.2528 331 ALA A C   
208 O  O   . ALA A 29 ? 1.2138 1.1448 1.0386 -0.1524 -0.1068 0.2573 331 ALA A O   
209 C  CB  . ALA A 29 ? 1.0314 0.9837 0.8468 -0.1705 -0.0941 0.2719 331 ALA A CB  
210 N  N   . ALA A 30 ? 1.3261 1.2795 1.1136 -0.1597 -0.0848 0.2473 332 ALA A N   
211 C  CA  . ALA A 30 ? 1.3138 1.2672 1.0919 -0.1610 -0.0897 0.2467 332 ALA A CA  
212 C  C   . ALA A 30 ? 1.3974 1.3389 1.1851 -0.1477 -0.0898 0.2320 332 ALA A C   
213 O  O   . ALA A 30 ? 1.3559 1.2907 1.1547 -0.1447 -0.1015 0.2355 332 ALA A O   
214 C  CB  . ALA A 30 ? 1.2915 1.2597 1.0416 -0.1691 -0.0789 0.2430 332 ALA A CB  
215 N  N   . ARG A 31 ? 1.4183 1.3585 1.2021 -0.1397 -0.0771 0.2158 333 ARG A N   
216 C  CA  . ARG A 31 ? 1.3720 1.3026 1.1634 -0.1285 -0.0766 0.2018 333 ARG A CA  
217 C  C   . ARG A 31 ? 1.2632 1.1834 1.0820 -0.1202 -0.0855 0.2021 333 ARG A C   
218 O  O   . ARG A 31 ? 1.2105 1.1246 1.0386 -0.1122 -0.0888 0.1932 333 ARG A O   
219 C  CB  . ARG A 31 ? 1.2378 1.1687 1.0188 -0.1226 -0.0614 0.1858 333 ARG A CB  
220 C  CG  . ARG A 31 ? 1.3477 1.2858 1.1016 -0.1284 -0.0523 0.1807 333 ARG A CG  
221 C  CD  . ARG A 31 ? 1.4138 1.3468 1.1600 -0.1201 -0.0399 0.1634 333 ARG A CD  
222 N  NE  . ARG A 31 ? 1.4730 1.4043 1.2327 -0.1124 -0.0340 0.1593 333 ARG A NE  
223 C  CZ  . ARG A 31 ? 1.5233 1.4632 1.2780 -0.1140 -0.0252 0.1602 333 ARG A CZ  
224 N  NH1 . ARG A 31 ? 1.4524 1.4034 1.1891 -0.1232 -0.0209 0.1647 333 ARG A NH1 
225 N  NH2 . ARG A 31 ? 1.5684 1.5077 1.3364 -0.1068 -0.0205 0.1566 333 ARG A NH2 
226 N  N   . GLY A 32 ? 1.1566 1.0753 0.9883 -0.1225 -0.0893 0.2116 334 GLY A N   
227 C  CA  . GLY A 32 ? 1.0025 0.9107 0.8599 -0.1149 -0.0972 0.2105 334 GLY A CA  
228 C  C   . GLY A 32 ? 1.1934 1.0990 1.0587 -0.1051 -0.0879 0.1952 334 GLY A C   
229 O  O   . GLY A 32 ? 1.2626 1.1606 1.1470 -0.0972 -0.0933 0.1891 334 GLY A O   
230 N  N   . ASP A 33 ? 1.2177 1.1304 1.0694 -0.1056 -0.0744 0.1889 335 ASP A N   
231 C  CA  . ASP A 33 ? 1.0356 0.9472 0.8944 -0.0969 -0.0656 0.1762 335 ASP A CA  
232 C  C   . ASP A 33 ? 0.9432 0.8637 0.7951 -0.0999 -0.0550 0.1777 335 ASP A C   
233 O  O   . ASP A 33 ? 1.0714 1.0003 0.9107 -0.1089 -0.0533 0.1871 335 ASP A O   
234 C  CB  . ASP A 33 ? 0.9960 0.9059 0.8454 -0.0904 -0.0593 0.1618 335 ASP A CB  
235 C  CG  . ASP A 33 ? 1.3297 1.2456 1.1532 -0.0948 -0.0497 0.1595 335 ASP A CG  
236 O  OD1 . ASP A 33 ? 1.3800 1.3032 1.1940 -0.0980 -0.0411 0.1614 335 ASP A OD1 
237 O  OD2 . ASP A 33 ? 1.5278 1.4415 1.3399 -0.0953 -0.0508 0.1550 335 ASP A OD2 
238 N  N   . VAL A 34 ? 0.8310 0.7519 0.6917 -0.0925 -0.0480 0.1684 336 VAL A N   
239 C  CA  . VAL A 34 ? 1.0330 0.9640 0.8884 -0.0930 -0.0368 0.1674 336 VAL A CA  
240 C  C   . VAL A 34 ? 1.0300 0.9608 0.8832 -0.0831 -0.0267 0.1527 336 VAL A C   
241 O  O   . VAL A 34 ? 1.0268 0.9503 0.8920 -0.0763 -0.0297 0.1450 336 VAL A O   
242 C  CB  . VAL A 34 ? 1.0123 0.9458 0.8847 -0.0960 -0.0405 0.1752 336 VAL A CB  
243 C  CG1 . VAL A 34 ? 1.0797 1.0040 0.9738 -0.0889 -0.0460 0.1688 336 VAL A CG1 
244 C  CG2 . VAL A 34 ? 0.9593 0.9068 0.8258 -0.0969 -0.0288 0.1745 336 VAL A CG2 
245 N  N   . ALA A 35 ? 0.9497 0.8885 0.7873 -0.0823 -0.0150 0.1486 337 ALA A N   
246 C  CA  . ALA A 35 ? 0.7842 0.7215 0.6177 -0.0729 -0.0054 0.1356 337 ALA A CA  
247 C  C   . ALA A 35 ? 0.9185 0.8664 0.7591 -0.0694 0.0027  0.1349 337 ALA A C   
248 O  O   . ALA A 35 ? 1.0294 0.9894 0.8653 -0.0748 0.0065  0.1417 337 ALA A O   
249 C  CB  . ALA A 35 ? 0.7427 0.6792 0.5531 -0.0731 0.0019  0.1297 337 ALA A CB  
250 N  N   . LEU A 36 ? 1.0005 0.9461 0.8525 -0.0611 0.0053  0.1271 338 LEU A N   
251 C  CA  . LEU A 36 ? 0.8370 0.7939 0.6971 -0.0570 0.0126  0.1261 338 LEU A CA  
252 C  C   . LEU A 36 ? 0.8105 0.7662 0.6629 -0.0473 0.0224  0.1152 338 LEU A C   
253 O  O   . LEU A 36 ? 0.9136 0.8588 0.7681 -0.0421 0.0204  0.1078 338 LEU A O   
254 C  CB  . LEU A 36 ? 0.8694 0.8260 0.7518 -0.0564 0.0062  0.1276 338 LEU A CB  
255 C  CG  . LEU A 36 ? 0.9499 0.9046 0.8432 -0.0650 -0.0045 0.1381 338 LEU A CG  
256 C  CD1 . LEU A 36 ? 0.8937 0.8344 0.7949 -0.0644 -0.0151 0.1359 338 LEU A CD1 
257 C  CD2 . LEU A 36 ? 1.0331 0.9962 0.9431 -0.0664 -0.0046 0.1414 338 LEU A CD2 
258 N  N   . GLN A 37 ? 0.8888 0.8554 0.7323 -0.0449 0.0325  0.1141 339 GLN A N   
259 C  CA  . GLN A 37 ? 0.8789 0.8453 0.7184 -0.0344 0.0418  0.1047 339 GLN A CA  
260 C  C   . GLN A 37 ? 0.8405 0.8182 0.6980 -0.0299 0.0439  0.1058 339 GLN A C   
261 O  O   . GLN A 37 ? 0.8576 0.8517 0.7190 -0.0323 0.0477  0.1113 339 GLN A O   
262 C  CB  . GLN A 37 ? 1.0282 1.0012 0.8499 -0.0328 0.0520  0.1017 339 GLN A CB  
263 C  CG  . GLN A 37 ? 1.3029 1.2664 1.1152 -0.0223 0.0593  0.0904 339 GLN A CG  
264 C  CD  . GLN A 37 ? 1.4409 1.3855 1.2391 -0.0242 0.0556  0.0852 339 GLN A CD  
265 O  OE1 . GLN A 37 ? 1.3506 1.2928 1.1410 -0.0331 0.0503  0.0893 339 GLN A OE1 
266 N  NE2 . GLN A 37 ? 1.3497 1.2813 1.1447 -0.0164 0.0578  0.0766 339 GLN A NE2 
267 N  N   . VAL A 38 ? 0.7465 0.7170 0.6144 -0.0244 0.0411  0.1009 340 VAL A N   
268 C  CA  . VAL A 38 ? 0.8466 0.8273 0.7326 -0.0213 0.0415  0.1016 340 VAL A CA  
269 C  C   . VAL A 38 ? 0.8150 0.7955 0.7000 -0.0104 0.0486  0.0944 340 VAL A C   
270 O  O   . VAL A 38 ? 0.8596 0.8270 0.7326 -0.0060 0.0504  0.0879 340 VAL A O   
271 C  CB  . VAL A 38 ? 0.7925 0.7675 0.6944 -0.0253 0.0312  0.1026 340 VAL A CB  
272 C  CG1 . VAL A 38 ? 0.7857 0.7602 0.6909 -0.0353 0.0235  0.1109 340 VAL A CG1 
273 C  CG2 . VAL A 38 ? 0.7406 0.7002 0.6383 -0.0224 0.0272  0.0953 340 VAL A CG2 
274 N  N   . ARG A 39 ? 0.7073 0.7024 0.6056 -0.0068 0.0520  0.0959 341 ARG A N   
275 C  CA  . ARG A 39 ? 0.6863 0.6841 0.5868 0.0037  0.0579  0.0909 341 ARG A CA  
276 C  C   . ARG A 39 ? 0.7629 0.7676 0.6823 0.0035  0.0537  0.0917 341 ARG A C   
277 O  O   . ARG A 39 ? 0.7779 0.7929 0.7097 -0.0032 0.0500  0.0967 341 ARG A O   
278 C  CB  . ARG A 39 ? 0.7494 0.7631 0.6467 0.0096  0.0680  0.0919 341 ARG A CB  
279 C  CG  . ARG A 39 ? 1.0634 1.0737 0.9561 0.0222  0.0749  0.0856 341 ARG A CG  
280 C  CD  . ARG A 39 ? 1.2556 1.2798 1.1421 0.0285  0.0851  0.0849 341 ARG A CD  
281 N  NE  . ARG A 39 ? 1.4469 1.4608 1.3140 0.0273  0.0881  0.0808 341 ARG A NE  
282 C  CZ  . ARG A 39 ? 1.3910 1.3864 1.2446 0.0339  0.0907  0.0729 341 ARG A CZ  
283 N  NH1 . ARG A 39 ? 1.2448 1.2291 1.1020 0.0422  0.0901  0.0692 341 ARG A NH1 
284 N  NH2 . ARG A 39 ? 1.3385 1.3266 1.1743 0.0315  0.0937  0.0691 341 ARG A NH2 
285 N  N   . ALA A 40 ? 0.7135 0.7124 0.6346 0.0101  0.0541  0.0867 342 ALA A N   
286 C  CA  . ALA A 40 ? 0.7025 0.7089 0.6405 0.0095  0.0499  0.0866 342 ALA A CA  
287 C  C   . ALA A 40 ? 0.7087 0.7173 0.6473 0.0191  0.0547  0.0840 342 ALA A C   
288 O  O   . ALA A 40 ? 0.8154 0.8155 0.7409 0.0265  0.0601  0.0814 342 ALA A O   
289 C  CB  . ALA A 40 ? 0.6549 0.6494 0.5961 0.0033  0.0407  0.0834 342 ALA A CB  
290 N  N   . PRO A 41 ? 0.7928 0.8130 0.7463 0.0194  0.0528  0.0848 343 PRO A N   
291 C  CA  . PRO A 41 ? 0.7403 0.7617 0.6945 0.0283  0.0560  0.0834 343 PRO A CA  
292 C  C   . PRO A 41 ? 0.7154 0.7165 0.6593 0.0295  0.0524  0.0784 343 PRO A C   
293 O  O   . PRO A 41 ? 0.6651 0.6579 0.6008 0.0377  0.0560  0.0770 343 PRO A O   
294 C  CB  . PRO A 41 ? 0.6282 0.6694 0.6014 0.0256  0.0538  0.0862 343 PRO A CB  
295 C  CG  . PRO A 41 ? 0.7743 0.8177 0.7555 0.0147  0.0476  0.0863 343 PRO A CG  
296 C  CD  . PRO A 41 ? 0.8168 0.8524 0.7875 0.0121  0.0489  0.0878 343 PRO A CD  
297 N  N   . GLY A 42 ? 0.7527 0.7458 0.6972 0.0214  0.0449  0.0756 344 GLY A N   
298 C  CA  . GLY A 42 ? 0.6401 0.6166 0.5750 0.0208  0.0409  0.0710 344 GLY A CA  
299 C  C   . GLY A 42 ? 0.8014 0.7676 0.7313 0.0129  0.0348  0.0678 344 GLY A C   
300 O  O   . GLY A 42 ? 0.7697 0.7407 0.7048 0.0081  0.0329  0.0697 344 GLY A O   
301 N  N   . PHE A 43 ? 0.7083 0.6601 0.6278 0.0114  0.0312  0.0636 345 PHE A N   
302 C  CA  . PHE A 43 ? 0.7776 0.7205 0.6917 0.0044  0.0252  0.0605 345 PHE A CA  
303 C  C   . PHE A 43 ? 0.7227 0.6773 0.6540 -0.0020 0.0181  0.0590 345 PHE A C   
304 O  O   . PHE A 43 ? 0.9121 0.8639 0.8447 -0.0069 0.0132  0.0579 345 PHE A O   
305 C  CB  . PHE A 43 ? 0.7058 0.6322 0.6040 0.0037  0.0233  0.0563 345 PHE A CB  
306 C  CG  . PHE A 43 ? 0.8561 0.7677 0.7364 0.0097  0.0298  0.0562 345 PHE A CG  
307 C  CD1 . PHE A 43 ? 0.6284 0.5389 0.5079 0.0173  0.0346  0.0573 345 PHE A CD1 
308 C  CD2 . PHE A 43 ? 0.8457 0.7449 0.7100 0.0077  0.0310  0.0546 345 PHE A CD2 
309 C  CE1 . PHE A 43 ? 0.7681 0.6638 0.6318 0.0239  0.0405  0.0559 345 PHE A CE1 
310 C  CE2 . PHE A 43 ? 0.8734 0.7590 0.7210 0.0131  0.0373  0.0530 345 PHE A CE2 
311 C  CZ  . PHE A 43 ? 0.7755 0.6585 0.6229 0.0216  0.0422  0.0531 345 PHE A CZ  
312 N  N   . ASP A 44 ? 0.6068 0.5746 0.5516 -0.0018 0.0173  0.0585 346 ASP A N   
313 C  CA  . ASP A 44 ? 0.6458 0.6255 0.6072 -0.0077 0.0109  0.0552 346 ASP A CA  
314 C  C   . ASP A 44 ? 0.7085 0.6954 0.6815 -0.0099 0.0104  0.0581 346 ASP A C   
315 O  O   . ASP A 44 ? 0.8470 0.8351 0.8290 -0.0146 0.0042  0.0550 346 ASP A O   
316 C  CB  . ASP A 44 ? 0.7173 0.7111 0.6892 -0.0079 0.0107  0.0542 346 ASP A CB  
317 C  CG  . ASP A 44 ? 0.7912 0.7968 0.7701 -0.0031 0.0168  0.0598 346 ASP A CG  
318 O  OD1 . ASP A 44 ? 0.7858 0.7846 0.7547 0.0031  0.0228  0.0640 346 ASP A OD1 
319 O  OD2 . ASP A 44 ? 0.8272 0.8502 0.8215 -0.0058 0.0157  0.0596 346 ASP A OD2 
320 N  N   . VAL A 45 ? 0.6487 0.6406 0.6219 -0.0065 0.0165  0.0638 347 VAL A N   
321 C  CA  . VAL A 45 ? 0.6159 0.6133 0.5975 -0.0098 0.0158  0.0677 347 VAL A CA  
322 C  C   . VAL A 45 ? 0.7645 0.7482 0.7367 -0.0125 0.0126  0.0686 347 VAL A C   
323 O  O   . VAL A 45 ? 0.7642 0.7478 0.7453 -0.0176 0.0071  0.0696 347 VAL A O   
324 C  CB  . VAL A 45 ? 0.6876 0.6953 0.6696 -0.0059 0.0236  0.0739 347 VAL A CB  
325 C  CG1 . VAL A 45 ? 0.6694 0.6835 0.6593 -0.0112 0.0225  0.0788 347 VAL A CG1 
326 C  CG2 . VAL A 45 ? 0.6272 0.6499 0.6190 -0.0029 0.0262  0.0738 347 VAL A CG2 
327 N  N   . LEU A 46 ? 0.7665 0.7377 0.7206 -0.0097 0.0154  0.0686 348 LEU A N   
328 C  CA  . LEU A 46 ? 0.6295 0.5888 0.5733 -0.0129 0.0124  0.0698 348 LEU A CA  
329 C  C   . LEU A 46 ? 0.6570 0.6121 0.6070 -0.0172 0.0033  0.0653 348 LEU A C   
330 O  O   . LEU A 46 ? 0.7705 0.7225 0.7242 -0.0212 -0.0021 0.0676 348 LEU A O   
331 C  CB  . LEU A 46 ? 0.8043 0.7515 0.7269 -0.0094 0.0173  0.0688 348 LEU A CB  
332 C  CG  . LEU A 46 ? 0.8042 0.7543 0.7186 -0.0042 0.0265  0.0723 348 LEU A CG  
333 C  CD1 . LEU A 46 ? 0.7365 0.6724 0.6303 -0.0008 0.0306  0.0691 348 LEU A CD1 
334 C  CD2 . LEU A 46 ? 0.8369 0.7936 0.7533 -0.0080 0.0273  0.0787 348 LEU A CD2 
335 N  N   . GLU A 47 ? 0.7284 0.6842 0.6800 -0.0166 0.0011  0.0590 349 GLU A N   
336 C  CA  . GLU A 47 ? 0.7946 0.7501 0.7535 -0.0204 -0.0072 0.0535 349 GLU A CA  
337 C  C   . GLU A 47 ? 0.7953 0.7609 0.7755 -0.0228 -0.0120 0.0523 349 GLU A C   
338 O  O   . GLU A 47 ? 0.8968 0.8600 0.8842 -0.0253 -0.0191 0.0499 349 GLU A O   
339 C  CB  . GLU A 47 ? 0.8410 0.7979 0.7964 -0.0203 -0.0080 0.0471 349 GLU A CB  
340 C  CG  . GLU A 47 ? 0.9841 0.9451 0.9480 -0.0240 -0.0162 0.0402 349 GLU A CG  
341 C  CD  . GLU A 47 ? 1.0959 1.0463 1.0499 -0.0259 -0.0206 0.0403 349 GLU A CD  
342 O  OE1 . GLU A 47 ? 1.0775 1.0165 1.0140 -0.0252 -0.0169 0.0446 349 GLU A OE1 
343 O  OE2 . GLU A 47 ? 1.0180 0.9725 0.9823 -0.0280 -0.0278 0.0359 349 GLU A OE2 
344 N  N   . ARG A 48 ? 0.7809 0.7576 0.7716 -0.0221 -0.0083 0.0538 350 ARG A N   
345 C  CA  . ARG A 48 ? 0.7817 0.7666 0.7915 -0.0252 -0.0124 0.0529 350 ARG A CA  
346 C  C   . ARG A 48 ? 0.8069 0.7836 0.8172 -0.0276 -0.0153 0.0593 350 ARG A C   
347 O  O   . ARG A 48 ? 0.8531 0.8280 0.8758 -0.0304 -0.0224 0.0573 350 ARG A O   
348 C  CB  . ARG A 48 ? 0.7094 0.7086 0.7281 -0.0248 -0.0071 0.0545 350 ARG A CB  
349 C  CG  . ARG A 48 ? 0.7334 0.7403 0.7700 -0.0291 -0.0104 0.0544 350 ARG A CG  
350 C  CD  . ARG A 48 ? 0.5977 0.6164 0.6378 -0.0292 -0.0040 0.0604 350 ARG A CD  
351 N  NE  . ARG A 48 ? 0.6828 0.7147 0.7241 -0.0268 0.0005  0.0581 350 ARG A NE  
352 C  CZ  . ARG A 48 ? 0.7341 0.7778 0.7760 -0.0249 0.0069  0.0633 350 ARG A CZ  
353 N  NH1 . ARG A 48 ? 0.7193 0.7647 0.7601 -0.0258 0.0102  0.0706 350 ARG A NH1 
354 N  NH2 . ARG A 48 ? 0.8227 0.8779 0.8663 -0.0225 0.0100  0.0618 350 ARG A NH2 
355 N  N   . LEU A 49 ? 0.7336 0.7056 0.7303 -0.0268 -0.0100 0.0670 351 LEU A N   
356 C  CA  . LEU A 49 ? 0.6977 0.6635 0.6932 -0.0303 -0.0128 0.0744 351 LEU A CA  
357 C  C   . LEU A 49 ? 0.7288 0.6825 0.7196 -0.0317 -0.0202 0.0737 351 LEU A C   
358 O  O   . LEU A 49 ? 0.7835 0.7325 0.7832 -0.0351 -0.0274 0.0767 351 LEU A O   
359 C  CB  . LEU A 49 ? 0.7477 0.7150 0.7292 -0.0293 -0.0048 0.0819 351 LEU A CB  
360 C  CG  . LEU A 49 ? 0.8526 0.8148 0.8284 -0.0342 -0.0067 0.0908 351 LEU A CG  
361 C  CD1 . LEU A 49 ? 0.8874 0.8512 0.8798 -0.0398 -0.0133 0.0943 351 LEU A CD1 
362 C  CD2 . LEU A 49 ? 0.8079 0.7770 0.7717 -0.0329 0.0026  0.0962 351 LEU A CD2 
363 N  N   . ARG A 50 ? 0.6508 0.5991 0.6279 -0.0294 -0.0190 0.0701 352 ARG A N   
364 C  CA  . ARG A 50 ? 0.7528 0.6922 0.7258 -0.0309 -0.0261 0.0691 352 ARG A CA  
365 C  C   . ARG A 50 ? 0.8379 0.7801 0.8294 -0.0311 -0.0347 0.0624 352 ARG A C   
366 O  O   . ARG A 50 ? 0.8540 0.7903 0.8508 -0.0325 -0.0425 0.0641 352 ARG A O   
367 C  CB  . ARG A 50 ? 0.7490 0.6835 0.7037 -0.0292 -0.0230 0.0654 352 ARG A CB  
368 C  CG  . ARG A 50 ? 0.8104 0.7371 0.7579 -0.0315 -0.0296 0.0656 352 ARG A CG  
369 C  CD  . ARG A 50 ? 0.8811 0.8067 0.8194 -0.0309 -0.0298 0.0580 352 ARG A CD  
370 N  NE  . ARG A 50 ? 0.9473 0.8822 0.9006 -0.0297 -0.0326 0.0499 352 ARG A NE  
371 C  CZ  . ARG A 50 ? 0.9331 0.8731 0.9030 -0.0301 -0.0405 0.0456 352 ARG A CZ  
372 N  NH1 . ARG A 50 ? 0.9015 0.8366 0.8756 -0.0311 -0.0472 0.0495 352 ARG A NH1 
373 N  NH2 . ARG A 50 ? 0.9219 0.8725 0.9044 -0.0295 -0.0422 0.0372 352 ARG A NH2 
374 N  N   . SER A 51 ? 0.9058 0.8575 0.9077 -0.0297 -0.0334 0.0547 353 SER A N   
375 C  CA  . SER A 51 ? 0.8351 0.7918 0.8552 -0.0298 -0.0408 0.0465 353 SER A CA  
376 C  C   . SER A 51 ? 0.8611 0.8158 0.8977 -0.0316 -0.0457 0.0495 353 SER A C   
377 O  O   . SER A 51 ? 0.8479 0.7986 0.8957 -0.0313 -0.0540 0.0466 353 SER A O   
378 C  CB  . SER A 51 ? 0.7775 0.7474 0.8043 -0.0290 -0.0379 0.0379 353 SER A CB  
379 O  OG  . SER A 51 ? 0.8599 0.8368 0.9043 -0.0293 -0.0446 0.0285 353 SER A OG  
380 N  N   . ARG A 52 ? 0.7711 0.7288 0.8092 -0.0334 -0.0408 0.0554 354 ARG A N   
381 C  CA  . ARG A 52 ? 0.6191 0.5736 0.6714 -0.0366 -0.0455 0.0590 354 ARG A CA  
382 C  C   . ARG A 52 ? 0.8232 0.7640 0.8709 -0.0385 -0.0517 0.0679 354 ARG A C   
383 O  O   . ARG A 52 ? 1.0162 0.9501 1.0776 -0.0398 -0.0601 0.0681 354 ARG A O   
384 C  CB  . ARG A 52 ? 0.6736 0.6359 0.7265 -0.0393 -0.0386 0.0644 354 ARG A CB  
385 C  CG  . ARG A 52 ? 0.7110 0.6885 0.7724 -0.0384 -0.0341 0.0566 354 ARG A CG  
386 C  CD  . ARG A 52 ? 0.7323 0.7187 0.7960 -0.0415 -0.0283 0.0627 354 ARG A CD  
387 N  NE  . ARG A 52 ? 0.7244 0.7049 0.7983 -0.0468 -0.0336 0.0675 354 ARG A NE  
388 C  CZ  . ARG A 52 ? 0.9211 0.9037 0.9917 -0.0512 -0.0304 0.0773 354 ARG A CZ  
389 N  NH1 . ARG A 52 ? 0.9692 0.9610 1.0274 -0.0496 -0.0215 0.0826 354 ARG A NH1 
390 N  NH2 . ARG A 52 ? 0.9225 0.8983 1.0022 -0.0573 -0.0364 0.0818 354 ARG A NH2 
391 N  N   . LEU A 53 ? 0.9117 0.8485 0.9404 -0.0389 -0.0479 0.0753 355 LEU A N   
392 C  CA  . LEU A 53 ? 0.8247 0.7504 0.8476 -0.0415 -0.0537 0.0844 355 LEU A CA  
393 C  C   . LEU A 53 ? 0.8232 0.7429 0.8522 -0.0390 -0.0630 0.0795 355 LEU A C   
394 O  O   . LEU A 53 ? 0.7888 0.6998 0.8262 -0.0405 -0.0720 0.0843 355 LEU A O   
395 C  CB  . LEU A 53 ? 0.7575 0.6825 0.7577 -0.0428 -0.0468 0.0914 355 LEU A CB  
396 C  CG  . LEU A 53 ? 0.7871 0.7188 0.7810 -0.0454 -0.0384 0.0982 355 LEU A CG  
397 C  CD1 . LEU A 53 ? 0.7136 0.6471 0.6860 -0.0437 -0.0296 0.0994 355 LEU A CD1 
398 C  CD2 . LEU A 53 ? 0.7048 0.6326 0.7024 -0.0520 -0.0433 0.1095 355 LEU A CD2 
399 N  N   . SER A 54 ? 0.8563 0.7811 0.8812 -0.0354 -0.0613 0.0702 356 SER A N   
400 C  CA  . SER A 54 ? 0.7549 0.6775 0.7855 -0.0328 -0.0698 0.0648 356 SER A CA  
401 C  C   . SER A 54 ? 0.9305 0.8542 0.9853 -0.0306 -0.0773 0.0574 356 SER A C   
402 O  O   . SER A 54 ? 0.9510 0.8690 1.0152 -0.0287 -0.0867 0.0571 356 SER A O   
403 C  CB  . SER A 54 ? 0.7986 0.7282 0.8186 -0.0308 -0.0657 0.0564 356 SER A CB  
404 O  OG  . SER A 54 ? 0.9919 0.9236 1.0197 -0.0284 -0.0736 0.0496 356 SER A OG  
405 N  N   . GLU A 55 ? 1.0000 0.9312 1.0659 -0.0307 -0.0736 0.0511 357 GLU A N   
406 C  CA  . GLU A 55 ? 0.9606 0.8938 1.0496 -0.0288 -0.0800 0.0421 357 GLU A CA  
407 C  C   . GLU A 55 ? 0.9461 0.8660 1.0457 -0.0310 -0.0869 0.0500 357 GLU A C   
408 O  O   . GLU A 55 ? 0.8385 0.7539 0.9564 -0.0284 -0.0953 0.0440 357 GLU A O   
409 C  CB  . GLU A 55 ? 0.9624 0.9089 1.0587 -0.0297 -0.0737 0.0333 357 GLU A CB  
410 C  CG  . GLU A 55 ? 1.2476 1.2077 1.3375 -0.0279 -0.0691 0.0240 357 GLU A CG  
411 C  CD  . GLU A 55 ? 1.3721 1.3396 1.4759 -0.0245 -0.0757 0.0110 357 GLU A CD  
412 O  OE1 . GLU A 55 ? 1.4671 1.4328 1.5901 -0.0232 -0.0820 0.0053 357 GLU A OE1 
413 O  OE2 . GLU A 55 ? 1.3454 1.3207 1.4407 -0.0236 -0.0746 0.0061 357 GLU A OE2 
414 N  N   . SER A 56 ? 0.9906 0.9043 1.0792 -0.0359 -0.0838 0.0632 358 SER A N   
415 C  CA  . SER A 56 ? 0.8500 0.7506 0.9465 -0.0397 -0.0907 0.0727 358 SER A CA  
416 C  C   . SER A 56 ? 0.9439 0.8322 1.0389 -0.0387 -0.1005 0.0803 358 SER A C   
417 O  O   . SER A 56 ? 1.0117 0.8874 1.1117 -0.0424 -0.1075 0.0903 358 SER A O   
418 C  CB  . SER A 56 ? 0.8422 0.7440 0.9268 -0.0465 -0.0839 0.0846 358 SER A CB  
419 O  OG  . SER A 56 ? 1.1023 1.0037 1.1663 -0.0479 -0.0801 0.0938 358 SER A OG  
420 N  N   . GLY A 57 ? 0.9174 0.8091 1.0054 -0.0344 -0.1014 0.0763 359 GLY A N   
421 C  CA  . GLY A 57 ? 0.8104 0.6931 0.8973 -0.0330 -0.1108 0.0830 359 GLY A CA  
422 C  C   . GLY A 57 ? 1.0214 0.9039 1.0850 -0.0369 -0.1073 0.0943 359 GLY A C   
423 O  O   . GLY A 57 ? 1.0301 0.9078 1.0909 -0.0362 -0.1147 0.0998 359 GLY A O   
424 N  N   . LEU A 58 ? 1.0833 0.9715 1.1306 -0.0409 -0.0965 0.0975 360 LEU A N   
425 C  CA  . LEU A 58 ? 0.8694 0.7575 0.8942 -0.0451 -0.0924 0.1075 360 LEU A CA  
426 C  C   . LEU A 58 ? 0.9696 0.8642 0.9809 -0.0421 -0.0882 0.1001 360 LEU A C   
427 O  O   . LEU A 58 ? 1.1534 1.0554 1.1672 -0.0382 -0.0835 0.0884 360 LEU A O   
428 C  CB  . LEU A 58 ? 0.7841 0.6764 0.7975 -0.0500 -0.0824 0.1133 360 LEU A CB  
429 C  CG  . LEU A 58 ? 0.9497 0.8382 0.9739 -0.0549 -0.0847 0.1209 360 LEU A CG  
430 C  CD1 . LEU A 58 ? 0.9189 0.8162 0.9311 -0.0589 -0.0735 0.1249 360 LEU A CD1 
431 C  CD2 . LEU A 58 ? 0.9811 0.8586 1.0070 -0.0599 -0.0954 0.1342 360 LEU A CD2 
432 N  N   . ALA A 59 ? 0.8677 0.7598 0.8640 -0.0448 -0.0903 0.1075 361 ALA A N   
433 C  CA  . ALA A 59 ? 0.9888 0.8858 0.9674 -0.0442 -0.0851 0.1024 361 ALA A CA  
434 C  C   . ALA A 59 ? 0.9561 0.8556 0.9155 -0.0473 -0.0730 0.1044 361 ALA A C   
435 O  O   . ALA A 59 ? 0.9051 0.8027 0.8546 -0.0524 -0.0710 0.1148 361 ALA A O   
436 C  CB  . ALA A 59 ? 0.7210 0.6155 0.6914 -0.0466 -0.0925 0.1092 361 ALA A CB  
437 N  N   . VAL A 60 ? 0.8429 0.7473 0.7975 -0.0441 -0.0652 0.0945 362 VAL A N   
438 C  CA  . VAL A 60 ? 0.7898 0.6964 0.7299 -0.0448 -0.0536 0.0948 362 VAL A CA  
439 C  C   . VAL A 60 ? 0.8066 0.7137 0.7311 -0.0432 -0.0481 0.0868 362 VAL A C   
440 O  O   . VAL A 60 ? 0.9401 0.8494 0.8705 -0.0407 -0.0513 0.0784 362 VAL A O   
441 C  CB  . VAL A 60 ? 0.7807 0.6922 0.7343 -0.0425 -0.0493 0.0921 362 VAL A CB  
442 C  CG1 . VAL A 60 ? 0.8977 0.8134 0.8675 -0.0383 -0.0524 0.0811 362 VAL A CG1 
443 C  CG2 . VAL A 60 ? 0.8497 0.7649 0.7897 -0.0417 -0.0375 0.0917 362 VAL A CG2 
444 N  N   . GLN A 61 ? 0.8725 0.7776 0.7767 -0.0450 -0.0401 0.0891 363 GLN A N   
445 C  CA  . GLN A 61 ? 0.8447 0.7477 0.7331 -0.0436 -0.0337 0.0818 363 GLN A CA  
446 C  C   . GLN A 61 ? 0.7064 0.6102 0.5875 -0.0408 -0.0229 0.0810 363 GLN A C   
447 O  O   . GLN A 61 ? 0.8769 0.7824 0.7538 -0.0423 -0.0188 0.0876 363 GLN A O   
448 C  CB  . GLN A 61 ? 0.9219 0.8201 0.7904 -0.0481 -0.0348 0.0834 363 GLN A CB  
449 C  CG  . GLN A 61 ? 0.9777 0.8769 0.8530 -0.0503 -0.0458 0.0848 363 GLN A CG  
450 C  CD  . GLN A 61 ? 1.3504 1.2509 1.2245 -0.0492 -0.0481 0.0752 363 GLN A CD  
451 O  OE1 . GLN A 61 ? 1.5157 1.4135 1.3777 -0.0487 -0.0415 0.0691 363 GLN A OE1 
452 N  NE2 . GLN A 61 ? 1.4413 1.3463 1.3283 -0.0489 -0.0578 0.0742 363 GLN A NE2 
453 N  N   . LEU A 62 ? 0.8590 0.7627 0.7389 -0.0370 -0.0186 0.0733 364 LEU A N   
454 C  CA  . LEU A 62 ? 0.7578 0.6623 0.6328 -0.0328 -0.0088 0.0721 364 LEU A CA  
455 C  C   . LEU A 62 ? 0.7682 0.6638 0.6229 -0.0318 -0.0037 0.0667 364 LEU A C   
456 O  O   . LEU A 62 ? 0.8692 0.7617 0.7220 -0.0325 -0.0070 0.0610 364 LEU A O   
457 C  CB  . LEU A 62 ? 0.6860 0.5983 0.5792 -0.0290 -0.0087 0.0688 364 LEU A CB  
458 C  CG  . LEU A 62 ? 0.6484 0.5624 0.5376 -0.0237 0.0003  0.0665 364 LEU A CG  
459 C  CD1 . LEU A 62 ? 0.6448 0.5641 0.5337 -0.0223 0.0067  0.0726 364 LEU A CD1 
460 C  CD2 . LEU A 62 ? 0.6320 0.5539 0.5375 -0.0215 -0.0014 0.0622 364 LEU A CD2 
461 N  N   . GLY A 63 ? 0.7805 0.6727 0.6201 -0.0307 0.0042  0.0682 365 GLY A N   
462 C  CA  . GLY A 63 ? 0.5999 0.4811 0.4197 -0.0297 0.0093  0.0626 365 GLY A CA  
463 C  C   . GLY A 63 ? 0.9091 0.7888 0.7178 -0.0255 0.0194  0.0628 365 GLY A C   
464 O  O   . GLY A 63 ? 0.7980 0.6876 0.6160 -0.0229 0.0230  0.0671 365 GLY A O   
465 N  N   . SER A 64 ? 0.7520 0.6198 0.5407 -0.0252 0.0239  0.0575 366 SER A N   
466 C  CA  . SER A 64 ? 0.7694 0.6341 0.5452 -0.0207 0.0339  0.0555 366 SER A CA  
467 C  C   . SER A 64 ? 0.8974 0.7691 0.6858 -0.0117 0.0396  0.0557 366 SER A C   
468 O  O   . SER A 64 ? 0.9782 0.8588 0.7673 -0.0084 0.0461  0.0579 366 SER A O   
469 C  CB  . SER A 64 ? 0.8116 0.6837 0.5801 -0.0258 0.0357  0.0602 366 SER A CB  
470 O  OG  . SER A 64 ? 1.1700 1.0387 0.9304 -0.0345 0.0288  0.0619 366 SER A OG  
471 N  N   . ALA A 65 ? 0.8636 0.7332 0.6618 -0.0083 0.0370  0.0537 367 ALA A N   
472 C  CA  . ALA A 65 ? 0.8569 0.7347 0.6690 -0.0006 0.0410  0.0548 367 ALA A CA  
473 C  C   . ALA A 65 ? 0.8810 0.7472 0.6824 0.0074  0.0475  0.0495 367 ALA A C   
474 O  O   . ALA A 65 ? 0.8896 0.7392 0.6768 0.0060  0.0463  0.0447 367 ALA A O   
475 C  CB  . ALA A 65 ? 0.7014 0.5862 0.5320 -0.0020 0.0340  0.0560 367 ALA A CB  
476 N  N   . SER A 66 ? 0.8383 0.7133 0.6469 0.0158  0.0542  0.0509 368 SER A N   
477 C  CA  . SER A 66 ? 0.8239 0.6885 0.6249 0.0254  0.0605  0.0464 368 SER A CA  
478 C  C   . SER A 66 ? 0.7874 0.6683 0.6042 0.0342  0.0654  0.0498 368 SER A C   
479 O  O   . SER A 66 ? 0.8486 0.7472 0.6739 0.0334  0.0681  0.0539 368 SER A O   
480 C  CB  . SER A 66 ? 0.9155 0.7685 0.6957 0.0270  0.0671  0.0408 368 SER A CB  
481 O  OG  . SER A 66 ? 1.1677 1.0088 0.9416 0.0373  0.0730  0.0358 368 SER A OG  
482 N  N   . ARG A 67 ? 0.7883 0.6638 0.6090 0.0418  0.0664  0.0487 369 ARG A N   
483 C  CA  . ARG A 67 ? 0.8449 0.7364 0.6803 0.0510  0.0710  0.0521 369 ARG A CA  
484 C  C   . ARG A 67 ? 0.9023 0.7927 0.7292 0.0612  0.0807  0.0483 369 ARG A C   
485 O  O   . ARG A 67 ? 0.9062 0.7765 0.7166 0.0651  0.0834  0.0419 369 ARG A O   
486 C  CB  . ARG A 67 ? 0.8140 0.7017 0.6577 0.0552  0.0676  0.0535 369 ARG A CB  
487 C  CG  . ARG A 67 ? 0.6255 0.5284 0.4828 0.0662  0.0727  0.0569 369 ARG A CG  
488 C  CD  . ARG A 67 ? 0.6687 0.5725 0.5367 0.0678  0.0677  0.0604 369 ARG A CD  
489 N  NE  . ARG A 67 ? 0.7186 0.6373 0.6005 0.0579  0.0610  0.0641 369 ARG A NE  
490 C  CZ  . ARG A 67 ? 0.8375 0.7800 0.7354 0.0561  0.0618  0.0683 369 ARG A CZ  
491 N  NH1 . ARG A 67 ? 0.7482 0.7040 0.6499 0.0628  0.0690  0.0701 369 ARG A NH1 
492 N  NH2 . ARG A 67 ? 0.7062 0.6593 0.6159 0.0471  0.0555  0.0702 369 ARG A NH2 
493 N  N   . ASP A 68 ? 0.9570 0.8700 0.7951 0.0653  0.0859  0.0517 370 ASP A N   
494 C  CA  . ASP A 68 ? 1.0548 0.9735 0.8882 0.0757  0.0957  0.0480 370 ASP A CA  
495 C  C   . ASP A 68 ? 0.9819 0.9235 0.8344 0.0841  0.0988  0.0531 370 ASP A C   
496 O  O   . ASP A 68 ? 1.0101 0.9755 0.8732 0.0805  0.1004  0.0580 370 ASP A O   
497 C  CB  . ASP A 68 ? 1.2585 1.1859 1.0825 0.0696  0.0996  0.0468 370 ASP A CB  
498 C  CG  . ASP A 68 ? 1.6405 1.5794 1.4613 0.0797  0.1102  0.0424 370 ASP A CG  
499 O  OD1 . ASP A 68 ? 1.7455 1.6690 1.5571 0.0900  0.1148  0.0348 370 ASP A OD1 
500 O  OD2 . ASP A 68 ? 1.7762 1.7399 1.6038 0.0773  0.1138  0.0464 370 ASP A OD2 
501 N  N   . GLY A 69 ? 0.9445 0.8788 0.8014 0.0946  0.0992  0.0523 371 GLY A N   
502 C  CA  . GLY A 69 ? 0.9067 0.8632 0.7820 0.1029  0.1017  0.0576 371 GLY A CA  
503 C  C   . GLY A 69 ? 0.9379 0.9057 0.8287 0.0945  0.0940  0.0650 371 GLY A C   
504 O  O   . GLY A 69 ? 0.9532 0.9056 0.8420 0.0893  0.0869  0.0652 371 GLY A O   
505 N  N   . SER A 70 ? 0.9020 0.8976 0.8081 0.0925  0.0956  0.0706 372 SER A N   
506 C  CA  . SER A 70 ? 0.9162 0.9252 0.8381 0.0848  0.0891  0.0768 372 SER A CA  
507 C  C   . SER A 70 ? 0.8354 0.8428 0.7565 0.0700  0.0830  0.0777 372 SER A C   
508 O  O   . SER A 70 ? 0.8597 0.8759 0.7933 0.0627  0.0772  0.0811 372 SER A O   
509 C  CB  . SER A 70 ? 0.7853 0.8252 0.7241 0.0888  0.0933  0.0824 372 SER A CB  
510 O  OG  . SER A 70 ? 0.8388 0.8937 0.7758 0.0860  0.0985  0.0829 372 SER A OG  
511 N  N   . THR A 71 ? 0.8384 0.8355 0.7458 0.0653  0.0840  0.0744 373 THR A N   
512 C  CA  . THR A 71 ? 0.7593 0.7544 0.6662 0.0521  0.0778  0.0759 373 THR A CA  
513 C  C   . THR A 71 ? 0.7367 0.7068 0.6261 0.0485  0.0747  0.0707 373 THR A C   
514 O  O   . THR A 71 ? 0.7718 0.7266 0.6473 0.0551  0.0786  0.0656 373 THR A O   
515 C  CB  . THR A 71 ? 0.7574 0.7697 0.6660 0.0471  0.0811  0.0797 373 THR A CB  
516 O  OG1 . THR A 71 ? 0.8625 0.8741 0.7580 0.0534  0.0892  0.0763 373 THR A OG1 
517 C  CG2 . THR A 71 ? 0.7622 0.8006 0.6891 0.0472  0.0824  0.0856 373 THR A CG2 
518 N  N   A VAL A 72 ? 0.7471 0.7131 0.6375 0.0377  0.0674  0.0717 374 VAL A N   
519 N  N   B VAL A 72 ? 0.7535 0.7196 0.6443 0.0377  0.0673  0.0718 374 VAL A N   
520 C  CA  A VAL A 72 ? 0.7734 0.7193 0.6491 0.0322  0.0632  0.0677 374 VAL A CA  
521 C  CA  B VAL A 72 ? 0.7769 0.7230 0.6528 0.0322  0.0632  0.0678 374 VAL A CA  
522 C  C   A VAL A 72 ? 0.8235 0.7733 0.6952 0.0238  0.0618  0.0705 374 VAL A C   
523 C  C   B VAL A 72 ? 0.8152 0.7656 0.6869 0.0241  0.0622  0.0706 374 VAL A C   
524 O  O   A VAL A 72 ? 0.7960 0.7596 0.6807 0.0182  0.0588  0.0758 374 VAL A O   
525 O  O   B VAL A 72 ? 0.7972 0.7626 0.6815 0.0190  0.0601  0.0760 374 VAL A O   
526 C  CB  A VAL A 72 ? 0.7734 0.7116 0.6545 0.0271  0.0546  0.0665 374 VAL A CB  
527 C  CB  B VAL A 72 ? 0.7624 0.7008 0.6434 0.0269  0.0545  0.0665 374 VAL A CB  
528 C  CG1 A VAL A 72 ? 0.8767 0.7982 0.7439 0.0202  0.0497  0.0631 374 VAL A CG1 
529 C  CG1 B VAL A 72 ? 0.6177 0.5714 0.5170 0.0201  0.0489  0.0706 374 VAL A CG1 
530 C  CG2 A VAL A 72 ? 0.6221 0.5552 0.5045 0.0342  0.0553  0.0646 374 VAL A CG2 
531 C  CG2 B VAL A 72 ? 0.8584 0.7781 0.7236 0.0211  0.0503  0.0625 374 VAL A CG2 
532 N  N   . SER A 73 ? 0.8379 0.7753 0.6915 0.0223  0.0638  0.0672 375 SER A N   
533 C  CA  . SER A 73 ? 0.8137 0.7540 0.6610 0.0140  0.0623  0.0703 375 SER A CA  
534 C  C   . SER A 73 ? 0.7691 0.6948 0.6096 0.0061  0.0540  0.0690 375 SER A C   
535 O  O   . SER A 73 ? 0.7606 0.6706 0.5914 0.0079  0.0529  0.0635 375 SER A O   
536 C  CB  . SER A 73 ? 0.8093 0.7505 0.6407 0.0172  0.0709  0.0676 375 SER A CB  
537 O  OG  . SER A 73 ? 1.1208 1.0730 0.9501 0.0090  0.0705  0.0730 375 SER A OG  
538 N  N   . ALA A 74 ? 0.6773 0.6081 0.5231 -0.0025 0.0479  0.0745 376 ALA A N   
539 C  CA  . ALA A 74 ? 0.7964 0.7160 0.6378 -0.0094 0.0395  0.0738 376 ALA A CA  
540 C  C   . ALA A 74 ? 0.7893 0.7138 0.6300 -0.0179 0.0353  0.0806 376 ALA A C   
541 O  O   . ALA A 74 ? 0.8263 0.7635 0.6721 -0.0196 0.0379  0.0865 376 ALA A O   
542 C  CB  . ALA A 74 ? 0.8166 0.7353 0.6732 -0.0098 0.0322  0.0725 376 ALA A CB  
543 N  N   . ARG A 75 ? 0.8980 0.8132 0.7328 -0.0237 0.0283  0.0804 377 ARG A N   
544 C  CA  A ARG A 75 ? 0.8849 0.8024 0.7178 -0.0321 0.0226  0.0874 377 ARG A CA  
545 C  CA  B ARG A 75 ? 0.8854 0.8030 0.7184 -0.0321 0.0226  0.0875 377 ARG A CA  
546 C  C   . ARG A 75 ? 0.8678 0.7835 0.7161 -0.0354 0.0116  0.0896 377 ARG A C   
547 O  O   . ARG A 75 ? 0.9120 0.8199 0.7599 -0.0346 0.0074  0.0841 377 ARG A O   
548 C  CB  A ARG A 75 ? 0.9058 0.8154 0.7167 -0.0360 0.0239  0.0854 377 ARG A CB  
549 C  CB  B ARG A 75 ? 0.9068 0.8165 0.7178 -0.0361 0.0240  0.0856 377 ARG A CB  
550 C  CG  A ARG A 75 ? 0.9702 0.8870 0.7741 -0.0439 0.0230  0.0935 377 ARG A CG  
551 C  CG  B ARG A 75 ? 0.9559 0.8719 0.7619 -0.0447 0.0207  0.0943 377 ARG A CG  
552 C  CD  A ARG A 75 ? 0.9302 0.8410 0.7106 -0.0475 0.0263  0.0901 377 ARG A CD  
553 C  CD  B ARG A 75 ? 0.9386 0.8498 0.7210 -0.0487 0.0245  0.0916 377 ARG A CD  
554 N  NE  A ARG A 75 ? 0.8515 0.7517 0.6271 -0.0513 0.0186  0.0882 377 ARG A NE  
555 N  NE  B ARG A 75 ? 0.9023 0.8232 0.6784 -0.0571 0.0236  0.1002 377 ARG A NE  
556 C  CZ  A ARG A 75 ? 0.8789 0.7803 0.6489 -0.0597 0.0118  0.0942 377 ARG A CZ  
557 C  CZ  B ARG A 75 ? 0.9078 0.8413 0.6810 -0.0577 0.0308  0.1031 377 ARG A CZ  
558 N  NH1 A ARG A 75 ? 0.8344 0.7459 0.6024 -0.0659 0.0116  0.1031 377 ARG A NH1 
559 N  NH1 B ARG A 75 ? 0.9663 0.9042 0.7433 -0.0492 0.0396  0.0977 377 ARG A NH1 
560 N  NH2 A ARG A 75 ? 0.8880 0.7818 0.6546 -0.0624 0.0050  0.0920 377 ARG A NH2 
561 N  NH2 B ARG A 75 ? 0.9786 0.9220 0.7454 -0.0670 0.0290  0.1116 377 ARG A NH2 
562 N  N   . LEU A 76 ? 0.7628 0.6857 0.6248 -0.0393 0.0068  0.0972 378 LEU A N   
563 C  CA  . LEU A 76 ? 0.9014 0.8222 0.7792 -0.0424 -0.0041 0.0997 378 LEU A CA  
564 C  C   . LEU A 76 ? 0.8812 0.8003 0.7540 -0.0499 -0.0105 0.1083 378 LEU A C   
565 O  O   . LEU A 76 ? 0.9799 0.9053 0.8521 -0.0543 -0.0094 0.1166 378 LEU A O   
566 C  CB  . LEU A 76 ? 0.8366 0.7652 0.7349 -0.0415 -0.0056 0.1019 378 LEU A CB  
567 C  CG  . LEU A 76 ? 1.0033 0.9356 0.9137 -0.0354 -0.0030 0.0946 378 LEU A CG  
568 C  CD1 . LEU A 76 ? 0.9139 0.8563 0.8402 -0.0366 -0.0027 0.0991 378 LEU A CD1 
569 C  CD2 . LEU A 76 ? 1.0602 0.9874 0.9794 -0.0345 -0.0107 0.0882 378 LEU A CD2 
570 N  N   . VAL A 77 ? 0.8223 0.7342 0.6916 -0.0519 -0.0176 0.1071 379 VAL A N   
571 C  CA  . VAL A 77 ? 0.8851 0.7956 0.7508 -0.0589 -0.0252 0.1161 379 VAL A CA  
572 C  C   . VAL A 77 ? 0.9233 0.8315 0.8102 -0.0591 -0.0367 0.1192 379 VAL A C   
573 O  O   . VAL A 77 ? 0.9183 0.8235 0.8145 -0.0551 -0.0413 0.1118 379 VAL A O   
574 C  CB  . VAL A 77 ? 0.9084 0.8142 0.7554 -0.0614 -0.0256 0.1135 379 VAL A CB  
575 C  CG1 . VAL A 77 ? 0.8699 0.7762 0.7133 -0.0691 -0.0337 0.1242 379 VAL A CG1 
576 C  CG2 . VAL A 77 ? 0.9901 0.8964 0.8166 -0.0604 -0.0138 0.1087 379 VAL A CG2 
577 N  N   . ILE A 78 ? 0.8501 0.7597 0.7447 -0.0641 -0.0416 0.1297 380 ILE A N   
578 C  CA  . ILE A 78 ? 0.9501 0.8551 0.8649 -0.0647 -0.0532 0.1339 380 ILE A CA  
579 C  C   . ILE A 78 ? 1.0727 0.9739 0.9826 -0.0705 -0.0625 0.1437 380 ILE A C   
580 O  O   . ILE A 78 ? 1.1417 1.0460 1.0377 -0.0775 -0.0606 0.1530 380 ILE A O   
581 C  CB  . ILE A 78 ? 1.0351 0.9430 0.9630 -0.0670 -0.0531 0.1395 380 ILE A CB  
582 C  CG1 . ILE A 78 ? 1.0768 0.9923 1.0052 -0.0625 -0.0421 0.1319 380 ILE A CG1 
583 C  CG2 . ILE A 78 ? 1.0262 0.9271 0.9769 -0.0658 -0.0644 0.1400 380 ILE A CG2 
584 C  CD1 . ILE A 78 ? 0.9693 0.8840 0.9103 -0.0553 -0.0423 0.1199 380 ILE A CD1 
585 N  N   . GLY A 79 ? 1.1013 0.9970 1.0227 -0.0677 -0.0726 0.1417 381 GLY A N   
586 C  CA  . GLY A 79 ? 1.1915 1.0837 1.1112 -0.0723 -0.0829 0.1517 381 GLY A CA  
587 C  C   . GLY A 79 ? 1.3638 1.2564 1.2776 -0.0697 -0.0863 0.1458 381 GLY A C   
588 O  O   . GLY A 79 ? 1.2165 1.1122 1.1159 -0.0683 -0.0782 0.1371 381 GLY A O   
589 N  N   . GLY A 80 ? 1.5506 1.4397 1.4756 -0.0691 -0.0987 0.1507 382 GLY A N   
590 C  CA  . GLY A 80 ? 1.6810 1.5729 1.6020 -0.0671 -0.1031 0.1461 382 GLY A CA  
591 C  C   . GLY A 80 ? 1.8440 1.7346 1.7671 -0.0708 -0.1154 0.1585 382 GLY A C   
592 O  O   . GLY A 80 ? 1.9176 1.8129 1.8255 -0.0747 -0.1163 0.1609 382 GLY A O   
593 BR BR  . BR  B .  ? 1.8164 1.8883 1.7646 -0.0586 0.0388  0.1454 401 BR  A BR  
594 BR BR  . BR  C .  ? 2.1834 2.0594 2.1720 -0.0585 -0.1068 0.1427 402 BR  A BR  
595 BR BR  . BR  D .  ? 0.8999 0.8794 0.8685 0.0166  -0.0191 0.0513 403 BR  A BR  
596 C  CB  . GLU E .  ? 1.3094 1.1981 1.1211 -0.0541 -0.0146 0.0855 404 GLU A CB  
597 C  CG  . GLU E .  ? 1.2541 1.1422 1.0690 -0.0472 -0.0062 0.0799 404 GLU A CG  
598 C  CD  . GLU E .  ? 1.3523 1.2339 1.1458 -0.0459 0.0037  0.0750 404 GLU A CD  
599 O  OE1 . GLU E .  ? 1.3328 1.2182 1.1189 -0.0464 0.0099  0.0783 404 GLU A OE1 
600 O  OE2 . GLU E .  ? 1.2939 1.1667 1.0779 -0.0446 0.0052  0.0675 404 GLU A OE2 
601 C  CA  . GLU F .  ? 1.0513 1.2086 1.1216 -0.0262 0.0421  0.1032 405 GLU A CA  
602 C  CB  . GLU F .  ? 1.0764 1.2081 1.1379 -0.0235 0.0375  0.0972 405 GLU A CB  
603 C  CG  . GLU F .  ? 0.9322 1.0554 1.0028 -0.0312 0.0292  0.0905 405 GLU A CG  
604 C  CD  . GLU F .  ? 1.0414 1.1413 1.1030 -0.0289 0.0246  0.0853 405 GLU A CD  
605 O  OE1 . GLU F .  ? 1.0009 1.0876 1.0627 -0.0340 0.0193  0.0846 405 GLU A OE1 
606 O  OE2 . GLU F .  ? 1.1899 1.2847 1.2442 -0.0223 0.0260  0.0825 405 GLU A OE2 
607 C  CB  . GLU G .  ? 1.5557 1.4113 1.3337 0.0806  0.1032  0.0247 406 GLU A CB  
608 C  CG  . GLU G .  ? 1.6460 1.4779 1.4098 0.0702  0.0958  0.0227 406 GLU A CG  
609 C  CD  . GLU G .  ? 1.7571 1.5945 1.5126 0.0567  0.0933  0.0237 406 GLU A CD  
610 O  OE1 . GLU G .  ? 1.6725 1.5321 1.4398 0.0520  0.0923  0.0303 406 GLU A OE1 
611 O  OE2 . GLU G .  ? 1.8047 1.6239 1.5416 0.0506  0.0920  0.0184 406 GLU A OE2 
612 O  O   . HOH H .  ? 0.8904 0.9467 0.9224 -0.0272 0.0210  0.0893 501 HOH A O   
613 O  O   . HOH H .  ? 0.9885 0.9614 1.0686 -0.0710 -0.0384 0.1005 502 HOH A O   
614 O  O   . HOH H .  ? 0.7115 0.7617 0.7081 -0.0523 0.0222  0.1276 503 HOH A O   
615 O  O   . HOH H .  ? 0.8842 0.9180 0.9602 -0.0447 -0.0098 0.0659 504 HOH A O   
616 O  O   . HOH H .  ? 1.1307 0.9954 0.9128 -0.0482 -0.0053 0.0579 505 HOH A O   
617 O  O   . HOH H .  ? 0.8173 0.6373 0.6016 0.0610  0.0753  0.0340 506 HOH A O   
618 O  O   . HOH H .  ? 0.7139 0.6388 0.6203 -0.0202 -0.0040 0.0461 507 HOH A O   
619 O  O   . HOH H .  ? 1.0168 1.0411 0.7858 -0.1621 -0.0194 0.2264 508 HOH A O   
620 O  O   . HOH H .  ? 0.7089 0.6964 0.7837 -0.0328 -0.0442 0.0278 509 HOH A O   
621 O  O   . HOH H .  ? 0.8869 0.7333 0.6471 -0.0358 0.0162  0.0490 510 HOH A O   
622 O  O   . HOH H .  ? 0.7719 0.7442 0.8137 -0.0274 -0.0581 0.0192 511 HOH A O   
623 O  O   . HOH H .  ? 0.9361 0.7127 0.6831 0.0672  0.0828  0.0189 512 HOH A O   
# 
